data_6GH1
#
_entry.id   6GH1
#
_cell.length_a   48.380
_cell.length_b   76.600
_cell.length_c   111.150
_cell.angle_alpha   99.33
_cell.angle_beta   99.56
_cell.angle_gamma   93.66
#
_symmetry.space_group_name_H-M   'P 1'
#
loop_
_entity.id
_entity.type
_entity.pdbx_description
1 polymer 'MHC class I antigen'
2 polymer Beta-2-microglobulin
3 polymer 'Enoyl-[acyl-carrier-protein] reductase [NADH]'
4 non-polymer 'SULFATE ION'
5 non-polymer 'ZINC ION'
6 water water
#
loop_
_entity_poly.entity_id
_entity_poly.type
_entity_poly.pdbx_seq_one_letter_code
_entity_poly.pdbx_strand_id
1 'polypeptide(L)'
;GSHSLKYFHTSVSRPGRGEPRFISVGYVDDTQFVRFDNDAASPRMVPRAPWMEQEGSEYWDRETRSARDTAQIFRVNLRT
LRGYYNQSEAGSHTLQWMHGCELGPDGRFLRGYEQFAYDGKDYLTLNEDLRSWTAVDTAAQISEQKSNDASEAEHQRAYL
EDTCVEWLHKYLEKGKETLLHLEPPKTHVTHHPISDHEATLRCWALGFYPAEITLTWQQDGEGHTQDTELVETRPAGDGT
FQKWAAVVVPSGEEQRYTCHVQHEGLPEPVTLRW
;
A,C,E,G
2 'polypeptide(L)'
;MIQRTPKIQVYSRHPAENGKSNFLNCYVSGFHPSDIEVDLLKNGERIEKVEHSDLSFSKDWSFYLLYYTEFTPTEKDEYA
CRVNHVTLSQPKIVKWDRDM
;
B,D,F,H
3 'polypeptide(L)' RLPAKAPLL P,Q,R,Z
#
# COMPACT_ATOMS: atom_id res chain seq x y z
N GLY A 1 -4.95 -26.03 44.23
CA GLY A 1 -4.61 -25.70 42.86
C GLY A 1 -5.30 -26.58 41.84
N SER A 2 -5.37 -26.13 40.60
CA SER A 2 -6.02 -26.91 39.57
C SER A 2 -5.06 -27.94 38.98
N HIS A 3 -5.62 -29.09 38.61
CA HIS A 3 -4.85 -30.17 38.01
C HIS A 3 -5.64 -30.73 36.83
N SER A 4 -4.94 -31.45 35.96
CA SER A 4 -5.56 -31.99 34.77
C SER A 4 -4.94 -33.34 34.42
N LEU A 5 -5.74 -34.20 33.80
CA LEU A 5 -5.28 -35.47 33.24
C LEU A 5 -5.64 -35.46 31.76
N LYS A 6 -4.63 -35.46 30.90
CA LYS A 6 -4.84 -35.26 29.47
C LYS A 6 -4.16 -36.35 28.66
N TYR A 7 -4.82 -36.79 27.61
CA TYR A 7 -4.26 -37.74 26.67
C TYR A 7 -4.32 -37.17 25.25
N PHE A 8 -3.31 -37.48 24.46
CA PHE A 8 -3.19 -36.99 23.09
C PHE A 8 -2.92 -38.18 22.18
N HIS A 9 -3.84 -38.44 21.25
CA HIS A 9 -3.75 -39.59 20.35
C HIS A 9 -3.51 -39.09 18.93
N THR A 10 -2.52 -39.70 18.27
CA THR A 10 -2.20 -39.36 16.89
C THR A 10 -2.11 -40.63 16.06
N SER A 11 -2.83 -40.66 14.95
CA SER A 11 -2.78 -41.76 14.00
C SER A 11 -2.49 -41.20 12.62
N VAL A 12 -1.45 -41.73 11.97
CA VAL A 12 -1.02 -41.24 10.66
C VAL A 12 -0.94 -42.44 9.71
N SER A 13 -1.74 -42.40 8.65
CA SER A 13 -1.75 -43.47 7.66
C SER A 13 -0.51 -43.40 6.77
N ARG A 14 -0.04 -44.56 6.36
CA ARG A 14 1.12 -44.69 5.47
C ARG A 14 0.64 -45.34 4.18
N PRO A 15 0.53 -44.59 3.08
CA PRO A 15 -0.24 -45.07 1.91
C PRO A 15 0.09 -46.49 1.45
N GLY A 16 1.36 -46.81 1.21
CA GLY A 16 1.72 -48.10 0.68
C GLY A 16 2.62 -48.91 1.59
N ARG A 17 2.66 -48.53 2.87
CA ARG A 17 3.66 -49.03 3.80
C ARG A 17 3.07 -49.79 4.99
N GLY A 18 1.80 -50.15 4.95
CA GLY A 18 1.24 -50.96 6.01
C GLY A 18 0.26 -50.23 6.89
N GLU A 19 0.21 -50.62 8.17
CA GLU A 19 -0.76 -50.06 9.10
C GLU A 19 -0.39 -48.62 9.47
N PRO A 20 -1.37 -47.82 9.88
CA PRO A 20 -1.07 -46.44 10.27
C PRO A 20 -0.21 -46.41 11.52
N ARG A 21 0.64 -45.40 11.59
CA ARG A 21 1.40 -45.14 12.81
C ARG A 21 0.47 -44.57 13.87
N PHE A 22 0.54 -45.11 15.09
CA PHE A 22 -0.30 -44.65 16.19
C PHE A 22 0.56 -44.39 17.41
N ILE A 23 0.38 -43.22 18.03
CA ILE A 23 1.13 -42.82 19.21
C ILE A 23 0.17 -42.14 20.18
N SER A 24 0.23 -42.55 21.45
CA SER A 24 -0.56 -41.94 22.52
C SER A 24 0.35 -41.55 23.67
N VAL A 25 0.14 -40.35 24.20
CA VAL A 25 0.85 -39.88 25.37
C VAL A 25 -0.15 -39.37 26.39
N GLY A 26 0.18 -39.52 27.66
CA GLY A 26 -0.64 -39.03 28.75
C GLY A 26 0.11 -38.01 29.57
N TYR A 27 -0.59 -36.97 30.02
CA TYR A 27 -0.01 -35.92 30.83
C TYR A 27 -0.81 -35.73 32.11
N VAL A 28 -0.10 -35.61 33.22
CA VAL A 28 -0.66 -35.08 34.46
C VAL A 28 -0.07 -33.68 34.61
N ASP A 29 -0.93 -32.66 34.52
CA ASP A 29 -0.49 -31.27 34.44
C ASP A 29 0.50 -31.10 33.29
N ASP A 30 1.74 -30.72 33.60
CA ASP A 30 2.77 -30.53 32.59
C ASP A 30 3.76 -31.69 32.55
N THR A 31 3.42 -32.83 33.15
CA THR A 31 4.32 -33.97 33.24
C THR A 31 3.74 -35.13 32.44
N GLN A 32 4.47 -35.57 31.41
CA GLN A 32 4.10 -36.78 30.70
C GLN A 32 4.40 -37.99 31.58
N PHE A 33 3.45 -38.93 31.65
CA PHE A 33 3.62 -40.08 32.53
C PHE A 33 3.45 -41.44 31.86
N VAL A 34 2.84 -41.51 30.68
CA VAL A 34 2.72 -42.76 29.94
C VAL A 34 2.95 -42.51 28.45
N ARG A 35 3.23 -43.59 27.73
CA ARG A 35 3.42 -43.58 26.28
C ARG A 35 2.96 -44.90 25.69
N PHE A 36 2.30 -44.83 24.54
CA PHE A 36 2.05 -46.00 23.72
C PHE A 36 2.46 -45.68 22.28
N ASP A 37 3.25 -46.57 21.68
CA ASP A 37 3.69 -46.42 20.30
C ASP A 37 3.55 -47.78 19.62
N ASN A 38 2.73 -47.84 18.57
CA ASN A 38 2.46 -49.11 17.90
C ASN A 38 3.55 -49.52 16.92
N ASP A 39 4.66 -48.79 16.86
CA ASP A 39 5.73 -49.11 15.92
C ASP A 39 6.68 -50.17 16.51
N ALA A 40 6.11 -51.33 16.81
CA ALA A 40 6.87 -52.44 17.35
C ALA A 40 6.12 -53.74 17.09
N ALA A 41 6.82 -54.86 17.26
CA ALA A 41 6.19 -56.16 17.08
C ALA A 41 5.11 -56.39 18.12
N SER A 42 5.41 -56.11 19.38
CA SER A 42 4.47 -56.25 20.50
C SER A 42 4.42 -54.95 21.27
N PRO A 43 3.70 -53.95 20.76
CA PRO A 43 3.72 -52.62 21.39
C PRO A 43 3.09 -52.65 22.78
N ARG A 44 3.63 -51.84 23.67
CA ARG A 44 3.25 -51.81 25.07
C ARG A 44 3.08 -50.37 25.55
N MET A 45 2.09 -50.14 26.41
CA MET A 45 2.04 -48.89 27.16
C MET A 45 3.12 -48.92 28.23
N VAL A 46 3.94 -47.88 28.27
CA VAL A 46 5.09 -47.86 29.17
C VAL A 46 5.05 -46.58 29.99
N PRO A 47 5.68 -46.59 31.18
CA PRO A 47 5.76 -45.37 31.98
C PRO A 47 6.81 -44.42 31.44
N ARG A 48 6.51 -43.12 31.57
CA ARG A 48 7.45 -42.08 31.19
C ARG A 48 7.85 -41.21 32.38
N ALA A 49 7.35 -41.51 33.57
CA ALA A 49 7.75 -40.87 34.81
C ALA A 49 8.08 -41.95 35.82
N PRO A 50 9.10 -41.74 36.66
CA PRO A 50 9.54 -42.82 37.57
C PRO A 50 8.47 -43.30 38.53
N TRP A 51 7.60 -42.40 39.01
CA TRP A 51 6.59 -42.78 39.99
C TRP A 51 5.49 -43.66 39.42
N MET A 52 5.45 -43.87 38.10
CA MET A 52 4.46 -44.76 37.52
C MET A 52 4.88 -46.22 37.60
N GLU A 53 6.12 -46.51 37.99
CA GLU A 53 6.53 -47.88 38.24
C GLU A 53 5.95 -48.44 39.54
N GLN A 54 5.24 -47.60 40.31
CA GLN A 54 4.47 -48.10 41.44
C GLN A 54 3.23 -48.88 41.00
N GLU A 55 2.88 -48.82 39.72
CA GLU A 55 1.71 -49.52 39.21
C GLU A 55 2.10 -50.96 38.86
N GLY A 56 1.22 -51.90 39.21
CA GLY A 56 1.46 -53.29 38.97
C GLY A 56 1.26 -53.69 37.51
N SER A 57 1.53 -54.96 37.23
CA SER A 57 1.43 -55.46 35.86
C SER A 57 -0.01 -55.46 35.36
N GLU A 58 -0.99 -55.54 36.26
CA GLU A 58 -2.39 -55.52 35.85
C GLU A 58 -2.76 -54.17 35.24
N TYR A 59 -2.19 -53.08 35.76
CA TYR A 59 -2.43 -51.76 35.18
C TYR A 59 -1.87 -51.69 33.77
N TRP A 60 -0.61 -52.09 33.58
CA TRP A 60 0.03 -51.95 32.29
C TRP A 60 -0.59 -52.89 31.25
N ASP A 61 -1.04 -54.07 31.69
CA ASP A 61 -1.74 -54.97 30.78
C ASP A 61 -3.04 -54.35 30.28
N ARG A 62 -3.80 -53.71 31.17
CA ARG A 62 -5.06 -53.10 30.77
C ARG A 62 -4.84 -51.91 29.85
N GLU A 63 -3.87 -51.04 30.19
CA GLU A 63 -3.60 -49.88 29.34
C GLU A 63 -3.08 -50.30 27.97
N THR A 64 -2.30 -51.37 27.90
CA THR A 64 -1.83 -51.87 26.61
C THR A 64 -2.99 -52.36 25.75
N ARG A 65 -3.91 -53.13 26.35
CA ARG A 65 -5.08 -53.59 25.61
C ARG A 65 -5.94 -52.41 25.14
N SER A 66 -6.15 -51.43 26.01
CA SER A 66 -6.94 -50.26 25.63
C SER A 66 -6.27 -49.49 24.50
N ALA A 67 -4.96 -49.30 24.59
CA ALA A 67 -4.26 -48.52 23.57
C ALA A 67 -4.21 -49.27 22.24
N ARG A 68 -3.99 -50.59 22.29
CA ARG A 68 -3.98 -51.38 21.05
C ARG A 68 -5.35 -51.34 20.38
N ASP A 69 -6.42 -51.43 21.16
CA ASP A 69 -7.77 -51.36 20.59
C ASP A 69 -8.04 -49.97 20.03
N THR A 70 -7.54 -48.92 20.70
CA THR A 70 -7.70 -47.57 20.20
C THR A 70 -6.99 -47.39 18.86
N ALA A 71 -5.80 -47.98 18.73
CA ALA A 71 -5.07 -47.90 17.46
C ALA A 71 -5.87 -48.52 16.32
N GLN A 72 -6.51 -49.66 16.57
CA GLN A 72 -7.33 -50.30 15.54
C GLN A 72 -8.55 -49.45 15.20
N ILE A 73 -9.19 -48.85 16.22
CA ILE A 73 -10.35 -48.00 15.97
C ILE A 73 -9.94 -46.80 15.11
N PHE A 74 -8.77 -46.23 15.39
CA PHE A 74 -8.31 -45.08 14.61
C PHE A 74 -7.98 -45.46 13.17
N ARG A 75 -7.48 -46.69 12.96
CA ARG A 75 -7.28 -47.16 11.60
C ARG A 75 -8.60 -47.26 10.85
N VAL A 76 -9.65 -47.72 11.52
CA VAL A 76 -10.98 -47.75 10.91
C VAL A 76 -11.48 -46.34 10.63
N ASN A 77 -11.30 -45.42 11.58
CA ASN A 77 -11.77 -44.06 11.39
C ASN A 77 -11.07 -43.38 10.23
N LEU A 78 -9.76 -43.63 10.08
CA LEU A 78 -9.03 -43.04 8.96
C LEU A 78 -9.58 -43.53 7.63
N ARG A 79 -9.88 -44.83 7.53
CA ARG A 79 -10.48 -45.34 6.31
C ARG A 79 -11.88 -44.78 6.10
N THR A 80 -12.65 -44.61 7.17
CA THR A 80 -14.00 -44.07 7.07
C THR A 80 -13.97 -42.63 6.57
N LEU A 81 -13.16 -41.79 7.20
CA LEU A 81 -13.07 -40.39 6.78
C LEU A 81 -12.54 -40.27 5.36
N ARG A 82 -11.62 -41.16 4.98
CA ARG A 82 -11.14 -41.21 3.61
C ARG A 82 -12.29 -41.40 2.62
N GLY A 83 -13.27 -42.23 3.00
CA GLY A 83 -14.44 -42.40 2.15
C GLY A 83 -15.38 -41.21 2.18
N TYR A 84 -15.52 -40.58 3.34
CA TYR A 84 -16.37 -39.39 3.46
C TYR A 84 -15.94 -38.32 2.47
N TYR A 85 -14.65 -38.02 2.41
CA TYR A 85 -14.11 -36.95 1.58
C TYR A 85 -13.70 -37.43 0.20
N ASN A 86 -13.98 -38.70 -0.13
CA ASN A 86 -13.68 -39.28 -1.44
C ASN A 86 -12.19 -39.11 -1.77
N GLN A 87 -11.35 -39.45 -0.81
CA GLN A 87 -9.90 -39.31 -0.94
C GLN A 87 -9.26 -40.63 -1.33
N SER A 88 -8.17 -40.52 -2.09
CA SER A 88 -7.42 -41.68 -2.57
C SER A 88 -6.64 -42.33 -1.42
N GLU A 89 -6.29 -43.60 -1.63
CA GLU A 89 -5.44 -44.33 -0.68
C GLU A 89 -3.97 -43.94 -0.79
N ALA A 90 -3.59 -43.20 -1.83
CA ALA A 90 -2.19 -42.83 -2.04
C ALA A 90 -1.73 -41.67 -1.17
N GLY A 91 -2.65 -40.97 -0.51
CA GLY A 91 -2.30 -39.82 0.30
C GLY A 91 -2.27 -40.15 1.78
N SER A 92 -1.30 -39.57 2.48
CA SER A 92 -1.21 -39.74 3.92
C SER A 92 -2.12 -38.76 4.64
N HIS A 93 -2.82 -39.24 5.66
CA HIS A 93 -3.76 -38.41 6.41
C HIS A 93 -3.55 -38.63 7.90
N THR A 94 -4.00 -37.65 8.69
CA THR A 94 -3.75 -37.61 10.12
C THR A 94 -5.07 -37.50 10.88
N LEU A 95 -5.23 -38.32 11.91
CA LEU A 95 -6.37 -38.26 12.80
C LEU A 95 -5.86 -38.06 14.22
N GLN A 96 -6.36 -37.03 14.89
CA GLN A 96 -5.93 -36.71 16.24
C GLN A 96 -7.12 -36.69 17.19
N TRP A 97 -6.86 -37.10 18.43
CA TRP A 97 -7.87 -37.18 19.48
C TRP A 97 -7.26 -36.65 20.77
N MET A 98 -7.93 -35.68 21.38
CA MET A 98 -7.50 -35.18 22.68
C MET A 98 -8.70 -35.19 23.62
N HIS A 99 -8.46 -35.60 24.86
CA HIS A 99 -9.50 -35.63 25.87
C HIS A 99 -8.85 -35.47 27.23
N GLY A 100 -9.64 -35.02 28.19
CA GLY A 100 -9.10 -34.81 29.51
C GLY A 100 -10.14 -34.26 30.44
N CYS A 101 -9.78 -34.25 31.73
CA CYS A 101 -10.61 -33.67 32.77
C CYS A 101 -9.75 -32.72 33.58
N GLU A 102 -10.37 -31.65 34.06
CA GLU A 102 -9.69 -30.65 34.88
C GLU A 102 -10.38 -30.54 36.22
N LEU A 103 -9.58 -30.46 37.28
CA LEU A 103 -10.09 -30.26 38.63
C LEU A 103 -9.96 -28.80 39.00
N GLY A 104 -10.93 -28.30 39.75
CA GLY A 104 -10.80 -26.99 40.34
C GLY A 104 -9.88 -27.01 41.53
N PRO A 105 -9.67 -25.83 42.12
CA PRO A 105 -8.86 -25.76 43.34
C PRO A 105 -9.44 -26.56 44.49
N ASP A 106 -10.76 -26.80 44.47
CA ASP A 106 -11.43 -27.61 45.48
C ASP A 106 -11.22 -29.11 45.28
N GLY A 107 -10.52 -29.52 44.23
CA GLY A 107 -10.33 -30.92 43.93
C GLY A 107 -11.47 -31.58 43.21
N ARG A 108 -12.61 -30.90 43.07
CA ARG A 108 -13.75 -31.48 42.38
C ARG A 108 -13.58 -31.40 40.87
N PHE A 109 -14.41 -32.15 40.15
CA PHE A 109 -14.47 -32.04 38.71
C PHE A 109 -14.90 -30.64 38.31
N LEU A 110 -14.14 -30.02 37.42
CA LEU A 110 -14.43 -28.67 36.93
C LEU A 110 -14.83 -28.63 35.47
N ARG A 111 -14.18 -29.41 34.62
CA ARG A 111 -14.36 -29.27 33.19
C ARG A 111 -13.82 -30.52 32.50
N GLY A 112 -14.58 -31.06 31.57
CA GLY A 112 -14.12 -32.15 30.72
C GLY A 112 -14.27 -31.75 29.27
N TYR A 113 -13.45 -32.36 28.42
CA TYR A 113 -13.45 -32.01 26.99
C TYR A 113 -13.00 -33.21 26.17
N GLU A 114 -13.45 -33.24 24.91
CA GLU A 114 -13.02 -34.23 23.93
C GLU A 114 -13.16 -33.61 22.55
N GLN A 115 -12.15 -33.82 21.71
CA GLN A 115 -12.16 -33.23 20.38
C GLN A 115 -11.38 -34.10 19.41
N PHE A 116 -11.84 -34.14 18.17
CA PHE A 116 -11.18 -34.85 17.08
C PHE A 116 -10.73 -33.87 16.02
N ALA A 117 -9.64 -34.21 15.35
CA ALA A 117 -9.14 -33.41 14.24
C ALA A 117 -8.73 -34.32 13.09
N TYR A 118 -8.95 -33.85 11.88
CA TYR A 118 -8.56 -34.57 10.67
C TYR A 118 -7.69 -33.66 9.83
N ASP A 119 -6.45 -34.08 9.59
CA ASP A 119 -5.47 -33.34 8.79
C ASP A 119 -5.25 -31.93 9.36
N GLY A 120 -5.18 -31.83 10.69
CA GLY A 120 -4.81 -30.60 11.36
C GLY A 120 -5.92 -29.60 11.62
N LYS A 121 -7.16 -29.95 11.31
CA LYS A 121 -8.30 -29.05 11.49
C LYS A 121 -9.34 -29.72 12.36
N ASP A 122 -10.05 -28.91 13.14
CA ASP A 122 -11.17 -29.40 13.94
C ASP A 122 -12.12 -30.23 13.07
N TYR A 123 -12.59 -31.33 13.63
CA TYR A 123 -13.54 -32.21 12.96
C TYR A 123 -14.81 -32.40 13.77
N LEU A 124 -14.70 -33.00 14.96
CA LEU A 124 -15.85 -33.26 15.82
C LEU A 124 -15.47 -32.90 17.25
N THR A 125 -16.36 -32.18 17.94
CA THR A 125 -16.08 -31.69 19.28
C THR A 125 -17.16 -32.17 20.24
N LEU A 126 -16.76 -32.76 21.35
CA LEU A 126 -17.67 -33.04 22.45
C LEU A 126 -17.77 -31.77 23.28
N ASN A 127 -18.96 -31.18 23.35
CA ASN A 127 -19.11 -29.91 24.04
C ASN A 127 -18.93 -30.11 25.54
N GLU A 128 -18.65 -29.00 26.23
CA GLU A 128 -18.37 -29.06 27.66
C GLU A 128 -19.60 -29.44 28.48
N ASP A 129 -20.80 -29.33 27.90
CA ASP A 129 -21.96 -29.89 28.59
C ASP A 129 -21.91 -31.41 28.66
N LEU A 130 -21.01 -32.04 27.91
CA LEU A 130 -20.82 -33.49 27.90
C LEU A 130 -22.10 -34.24 27.55
N ARG A 131 -22.95 -33.62 26.73
CA ARG A 131 -24.18 -34.28 26.28
C ARG A 131 -24.48 -34.01 24.82
N SER A 132 -23.59 -33.35 24.09
CA SER A 132 -23.85 -33.05 22.69
C SER A 132 -22.52 -32.90 21.94
N TRP A 133 -22.61 -33.04 20.61
CA TRP A 133 -21.46 -32.93 19.74
C TRP A 133 -21.68 -31.77 18.77
N THR A 134 -20.58 -31.26 18.23
CA THR A 134 -20.63 -30.20 17.22
C THR A 134 -19.73 -30.61 16.06
N ALA A 135 -20.32 -30.73 14.89
CA ALA A 135 -19.61 -31.15 13.68
C ALA A 135 -19.14 -29.94 12.89
N VAL A 136 -18.01 -30.10 12.22
CA VAL A 136 -17.43 -28.98 11.48
C VAL A 136 -17.95 -28.90 10.04
N ASP A 137 -18.36 -30.03 9.47
CA ASP A 137 -18.86 -30.06 8.10
C ASP A 137 -19.86 -31.21 7.98
N THR A 138 -20.33 -31.46 6.75
CA THR A 138 -21.31 -32.50 6.53
C THR A 138 -20.74 -33.89 6.80
N ALA A 139 -19.44 -34.07 6.58
CA ALA A 139 -18.81 -35.35 6.87
C ALA A 139 -18.81 -35.63 8.38
N ALA A 140 -18.46 -34.63 9.19
CA ALA A 140 -18.46 -34.81 10.63
C ALA A 140 -19.87 -34.91 11.19
N GLN A 141 -20.88 -34.42 10.47
CA GLN A 141 -22.25 -34.59 10.92
C GLN A 141 -22.66 -36.06 10.92
N ILE A 142 -22.12 -36.85 9.99
CA ILE A 142 -22.32 -38.29 10.02
C ILE A 142 -21.66 -38.89 11.26
N SER A 143 -20.44 -38.44 11.57
CA SER A 143 -19.79 -38.88 12.80
C SER A 143 -20.61 -38.49 14.03
N GLU A 144 -21.23 -37.31 13.99
CA GLU A 144 -22.09 -36.88 15.10
C GLU A 144 -23.31 -37.79 15.24
N GLN A 145 -23.90 -38.19 14.11
CA GLN A 145 -25.07 -39.08 14.17
C GLN A 145 -24.69 -40.44 14.72
N LYS A 146 -23.55 -41.00 14.29
CA LYS A 146 -23.07 -42.24 14.88
C LYS A 146 -22.90 -42.11 16.39
N SER A 147 -22.33 -41.00 16.84
CA SER A 147 -22.14 -40.78 18.27
C SER A 147 -23.47 -40.70 18.99
N ASN A 148 -24.47 -40.03 18.38
CA ASN A 148 -25.80 -40.01 18.95
C ASN A 148 -26.42 -41.40 18.99
N ASP A 149 -26.21 -42.19 17.93
CA ASP A 149 -26.75 -43.55 17.88
C ASP A 149 -26.23 -44.40 19.03
N ALA A 150 -24.98 -44.19 19.42
CA ALA A 150 -24.32 -45.01 20.42
C ALA A 150 -24.38 -44.41 21.82
N SER A 151 -25.08 -43.29 22.00
CA SER A 151 -25.09 -42.57 23.27
C SER A 151 -23.66 -42.28 23.72
N GLU A 152 -22.81 -41.92 22.74
CA GLU A 152 -21.39 -41.78 22.98
C GLU A 152 -21.10 -40.68 24.00
N ALA A 153 -21.88 -39.60 23.97
CA ALA A 153 -21.67 -38.51 24.92
C ALA A 153 -21.83 -39.00 26.35
N GLU A 154 -22.89 -39.78 26.61
CA GLU A 154 -23.08 -40.31 27.96
C GLU A 154 -21.95 -41.23 28.38
N HIS A 155 -21.39 -41.99 27.44
CA HIS A 155 -20.29 -42.89 27.77
C HIS A 155 -19.00 -42.12 28.01
N GLN A 156 -18.72 -41.10 27.18
CA GLN A 156 -17.54 -40.29 27.40
C GLN A 156 -17.69 -39.40 28.62
N ARG A 157 -18.92 -38.99 28.95
CA ARG A 157 -19.14 -38.24 30.18
C ARG A 157 -18.83 -39.09 31.41
N ALA A 158 -19.22 -40.37 31.37
CA ALA A 158 -18.93 -41.27 32.48
C ALA A 158 -17.44 -41.45 32.68
N TYR A 159 -16.67 -41.51 31.60
CA TYR A 159 -15.22 -41.61 31.71
C TYR A 159 -14.63 -40.33 32.28
N LEU A 160 -15.08 -39.17 31.77
CA LEU A 160 -14.44 -37.91 32.14
C LEU A 160 -14.79 -37.51 33.57
N GLU A 161 -16.05 -37.70 33.98
CA GLU A 161 -16.48 -37.27 35.30
C GLU A 161 -16.15 -38.28 36.40
N ASP A 162 -15.93 -39.55 36.05
CA ASP A 162 -15.72 -40.59 37.04
C ASP A 162 -14.34 -41.22 36.88
N THR A 163 -14.09 -41.94 35.79
CA THR A 163 -12.81 -42.61 35.61
C THR A 163 -11.65 -41.62 35.59
N CYS A 164 -11.79 -40.55 34.81
CA CYS A 164 -10.70 -39.58 34.69
C CYS A 164 -10.39 -38.89 36.01
N VAL A 165 -11.43 -38.49 36.75
CA VAL A 165 -11.21 -37.80 38.01
C VAL A 165 -10.62 -38.74 39.06
N GLU A 166 -11.12 -39.98 39.12
CA GLU A 166 -10.62 -40.93 40.10
C GLU A 166 -9.14 -41.23 39.90
N TRP A 167 -8.73 -41.45 38.65
CA TRP A 167 -7.34 -41.82 38.40
C TRP A 167 -6.40 -40.63 38.48
N LEU A 168 -6.89 -39.43 38.18
CA LEU A 168 -6.07 -38.24 38.40
C LEU A 168 -5.72 -38.09 39.88
N HIS A 169 -6.68 -38.35 40.77
CA HIS A 169 -6.39 -38.36 42.20
C HIS A 169 -5.33 -39.40 42.54
N LYS A 170 -5.43 -40.58 41.92
CA LYS A 170 -4.44 -41.63 42.19
C LYS A 170 -3.07 -41.24 41.68
N TYR A 171 -2.99 -40.67 40.48
CA TYR A 171 -1.70 -40.26 39.93
C TYR A 171 -1.08 -39.15 40.77
N LEU A 172 -1.89 -38.18 41.20
CA LEU A 172 -1.39 -37.10 42.02
C LEU A 172 -0.81 -37.61 43.34
N GLU A 173 -1.39 -38.68 43.89
CA GLU A 173 -0.88 -39.22 45.15
C GLU A 173 0.43 -39.97 44.93
N LYS A 174 0.51 -40.79 43.88
CA LYS A 174 1.73 -41.55 43.64
C LYS A 174 2.90 -40.65 43.25
N GLY A 175 2.63 -39.59 42.50
CA GLY A 175 3.69 -38.67 42.10
C GLY A 175 3.65 -37.39 42.91
N LYS A 176 3.17 -37.50 44.16
CA LYS A 176 2.92 -36.32 44.98
C LYS A 176 4.19 -35.52 45.23
N GLU A 177 5.31 -36.18 45.48
CA GLU A 177 6.52 -35.46 45.82
C GLU A 177 7.14 -34.72 44.63
N THR A 178 6.69 -35.00 43.40
CA THR A 178 7.15 -34.27 42.22
C THR A 178 6.04 -33.52 41.50
N LEU A 179 4.81 -34.06 41.46
CA LEU A 179 3.72 -33.35 40.79
C LEU A 179 3.27 -32.14 41.57
N LEU A 180 3.26 -32.23 42.90
CA LEU A 180 2.79 -31.15 43.77
C LEU A 180 3.90 -30.28 44.30
N HIS A 181 5.14 -30.49 43.87
CA HIS A 181 6.28 -29.67 44.28
C HIS A 181 6.48 -28.59 43.24
N LEU A 182 6.22 -27.33 43.61
CA LEU A 182 6.49 -26.23 42.71
C LEU A 182 7.99 -25.98 42.65
N GLU A 183 8.51 -25.83 41.44
CA GLU A 183 9.94 -25.58 41.25
C GLU A 183 10.13 -24.14 40.79
N PRO A 184 10.71 -23.27 41.61
CA PRO A 184 10.87 -21.88 41.18
C PRO A 184 11.97 -21.77 40.14
N PRO A 185 11.92 -20.75 39.29
CA PRO A 185 12.97 -20.57 38.28
C PRO A 185 14.25 -20.03 38.90
N LYS A 186 15.37 -20.52 38.40
CA LYS A 186 16.66 -19.87 38.63
C LYS A 186 16.83 -18.75 37.60
N THR A 187 17.08 -17.54 38.07
CA THR A 187 17.05 -16.37 37.21
C THR A 187 18.37 -15.62 37.26
N HIS A 188 18.74 -15.06 36.11
CA HIS A 188 19.92 -14.21 35.99
C HIS A 188 19.83 -13.42 34.69
N VAL A 189 20.58 -12.32 34.64
CA VAL A 189 20.58 -11.41 33.49
C VAL A 189 21.96 -11.45 32.84
N THR A 190 21.98 -11.58 31.52
CA THR A 190 23.21 -11.54 30.74
C THR A 190 23.24 -10.30 29.87
N HIS A 191 24.45 -9.88 29.51
CA HIS A 191 24.68 -8.62 28.81
C HIS A 191 25.59 -8.84 27.62
N HIS A 192 25.14 -8.42 26.43
CA HIS A 192 25.90 -8.59 25.19
C HIS A 192 25.87 -7.31 24.36
N PRO A 193 26.98 -6.56 24.32
CA PRO A 193 27.01 -5.35 23.49
C PRO A 193 26.91 -5.70 22.00
N ILE A 194 26.01 -5.03 21.30
CA ILE A 194 25.81 -5.27 19.87
C ILE A 194 26.63 -4.26 19.08
N SER A 195 26.86 -3.09 19.67
CA SER A 195 27.64 -2.03 19.04
C SER A 195 28.20 -1.14 20.14
N ASP A 196 28.83 -0.02 19.75
CA ASP A 196 29.33 0.91 20.74
C ASP A 196 28.21 1.64 21.46
N HIS A 197 27.01 1.68 20.88
CA HIS A 197 25.91 2.47 21.43
C HIS A 197 24.74 1.64 21.94
N GLU A 198 24.65 0.35 21.61
CA GLU A 198 23.53 -0.47 22.03
C GLU A 198 24.03 -1.79 22.58
N ALA A 199 23.21 -2.40 23.44
CA ALA A 199 23.54 -3.69 24.03
C ALA A 199 22.25 -4.46 24.28
N THR A 200 22.39 -5.79 24.35
CA THR A 200 21.28 -6.69 24.65
C THR A 200 21.31 -7.11 26.11
N LEU A 201 20.19 -6.96 26.79
CA LEU A 201 19.97 -7.52 28.12
C LEU A 201 19.02 -8.69 27.98
N ARG A 202 19.46 -9.88 28.41
CA ARG A 202 18.67 -11.10 28.32
C ARG A 202 18.41 -11.64 29.71
N CYS A 203 17.12 -11.74 30.07
CA CYS A 203 16.70 -12.21 31.38
C CYS A 203 16.30 -13.68 31.28
N TRP A 204 17.00 -14.54 32.03
CA TRP A 204 16.83 -15.97 31.94
C TRP A 204 15.95 -16.51 33.07
N ALA A 205 15.13 -17.51 32.75
CA ALA A 205 14.38 -18.27 33.75
C ALA A 205 14.59 -19.75 33.46
N LEU A 206 15.26 -20.45 34.37
CA LEU A 206 15.72 -21.81 34.13
C LEU A 206 15.23 -22.77 35.20
N GLY A 207 14.90 -23.98 34.78
CA GLY A 207 14.63 -25.07 35.70
C GLY A 207 13.37 -24.94 36.53
N PHE A 208 12.32 -24.36 35.97
CA PHE A 208 11.08 -24.16 36.70
C PHE A 208 10.03 -25.17 36.27
N TYR A 209 9.09 -25.43 37.18
CA TYR A 209 7.94 -26.29 36.95
C TYR A 209 6.84 -25.75 37.86
N PRO A 210 5.61 -25.60 37.37
CA PRO A 210 5.16 -25.93 36.01
C PRO A 210 5.58 -24.91 34.95
N ALA A 211 5.08 -25.09 33.72
CA ALA A 211 5.56 -24.30 32.58
C ALA A 211 5.02 -22.89 32.55
N GLU A 212 3.91 -22.62 33.23
CA GLU A 212 3.34 -21.28 33.25
C GLU A 212 4.30 -20.31 33.94
N ILE A 213 4.62 -19.20 33.26
CA ILE A 213 5.56 -18.22 33.78
C ILE A 213 5.37 -16.92 33.01
N THR A 214 5.79 -15.81 33.61
CA THR A 214 5.69 -14.49 32.98
C THR A 214 7.01 -13.75 33.13
N LEU A 215 7.58 -13.32 32.01
CA LEU A 215 8.80 -12.52 31.99
C LEU A 215 8.50 -11.19 31.30
N THR A 216 8.80 -10.08 31.97
CA THR A 216 8.59 -8.75 31.44
C THR A 216 9.81 -7.88 31.73
N TRP A 217 10.21 -7.08 30.74
CA TRP A 217 11.25 -6.08 30.93
C TRP A 217 10.61 -4.73 31.23
N GLN A 218 11.13 -4.05 32.23
CA GLN A 218 10.63 -2.76 32.70
C GLN A 218 11.64 -1.68 32.43
N GLN A 219 11.21 -0.63 31.72
CA GLN A 219 12.02 0.56 31.48
C GLN A 219 11.33 1.71 32.19
N ASP A 220 11.69 1.92 33.46
CA ASP A 220 11.09 2.95 34.30
C ASP A 220 9.57 2.78 34.35
N GLY A 221 8.84 3.78 33.86
CA GLY A 221 7.40 3.78 33.86
C GLY A 221 6.73 2.83 32.90
N GLU A 222 7.49 2.18 32.02
CA GLU A 222 6.94 1.26 31.03
C GLU A 222 7.18 -0.17 31.50
N GLY A 223 6.09 -0.90 31.75
CA GLY A 223 6.21 -2.27 32.22
C GLY A 223 6.50 -3.28 31.13
N HIS A 224 6.05 -3.00 29.91
CA HIS A 224 6.33 -3.83 28.73
C HIS A 224 7.17 -2.98 27.78
N THR A 225 8.50 -3.13 27.86
CA THR A 225 9.37 -2.36 26.99
C THR A 225 9.04 -2.64 25.53
N GLN A 226 9.11 -1.59 24.71
CA GLN A 226 8.59 -1.56 23.34
C GLN A 226 8.82 -2.86 22.56
N ASP A 227 10.08 -3.26 22.41
CA ASP A 227 10.44 -4.43 21.61
C ASP A 227 11.17 -5.44 22.48
N THR A 228 10.44 -6.06 23.41
CA THR A 228 10.98 -7.20 24.14
C THR A 228 10.91 -8.43 23.25
N GLU A 229 12.02 -9.14 23.14
CA GLU A 229 12.04 -10.40 22.40
C GLU A 229 11.81 -11.55 23.38
N LEU A 230 10.72 -12.28 23.18
CA LEU A 230 10.35 -13.39 24.04
C LEU A 230 10.37 -14.67 23.24
N VAL A 231 11.00 -15.70 23.78
CA VAL A 231 11.00 -17.02 23.17
C VAL A 231 9.93 -17.85 23.85
N GLU A 232 9.33 -18.77 23.10
CA GLU A 232 8.36 -19.69 23.67
C GLU A 232 9.01 -20.53 24.75
N THR A 233 8.25 -20.81 25.81
CA THR A 233 8.73 -21.68 26.86
C THR A 233 9.10 -23.03 26.28
N ARG A 234 10.25 -23.55 26.70
CA ARG A 234 10.83 -24.74 26.09
C ARG A 234 11.22 -25.73 27.16
N PRO A 235 11.19 -27.03 26.84
CA PRO A 235 11.58 -28.04 27.83
C PRO A 235 13.09 -28.10 27.98
N ALA A 236 13.53 -28.21 29.23
CA ALA A 236 14.96 -28.39 29.51
C ALA A 236 15.43 -29.80 29.21
N GLY A 237 14.52 -30.77 29.20
CA GLY A 237 14.85 -32.16 28.98
C GLY A 237 14.82 -33.03 30.22
N ASP A 238 14.73 -32.42 31.41
CA ASP A 238 14.71 -33.16 32.67
C ASP A 238 13.39 -33.02 33.41
N GLY A 239 12.34 -32.54 32.73
CA GLY A 239 11.05 -32.31 33.34
C GLY A 239 10.76 -30.87 33.68
N THR A 240 11.77 -30.00 33.69
CA THR A 240 11.58 -28.58 33.94
C THR A 240 11.64 -27.80 32.64
N PHE A 241 11.39 -26.50 32.73
CA PHE A 241 11.24 -25.67 31.54
C PHE A 241 12.18 -24.48 31.60
N GLN A 242 12.34 -23.83 30.45
CA GLN A 242 13.21 -22.68 30.29
C GLN A 242 12.49 -21.59 29.50
N LYS A 243 12.96 -20.36 29.67
CA LYS A 243 12.42 -19.22 28.93
C LYS A 243 13.35 -18.03 29.17
N TRP A 244 13.42 -17.13 28.18
CA TRP A 244 14.14 -15.88 28.39
C TRP A 244 13.48 -14.74 27.63
N ALA A 245 13.80 -13.52 28.07
CA ALA A 245 13.28 -12.29 27.47
C ALA A 245 14.44 -11.33 27.27
N ALA A 246 14.53 -10.76 26.07
CA ALA A 246 15.64 -9.91 25.70
C ALA A 246 15.14 -8.54 25.24
N VAL A 247 15.94 -7.51 25.52
CA VAL A 247 15.66 -6.16 25.08
C VAL A 247 16.98 -5.50 24.68
N VAL A 248 16.92 -4.67 23.64
CA VAL A 248 18.07 -3.90 23.17
C VAL A 248 17.97 -2.50 23.76
N VAL A 249 19.01 -2.11 24.50
CA VAL A 249 18.98 -0.88 25.29
C VAL A 249 20.15 0.01 24.89
N PRO A 250 20.05 1.34 25.05
CA PRO A 250 21.21 2.19 24.82
C PRO A 250 22.31 1.85 25.80
N SER A 251 23.55 1.77 25.29
CA SER A 251 24.68 1.48 26.15
C SER A 251 24.86 2.57 27.19
N GLY A 252 25.02 2.16 28.45
CA GLY A 252 25.10 3.08 29.55
C GLY A 252 23.81 3.22 30.34
N GLU A 253 22.68 2.80 29.78
CA GLU A 253 21.37 2.92 30.41
C GLU A 253 20.86 1.59 30.94
N GLU A 254 21.73 0.59 31.10
CA GLU A 254 21.28 -0.75 31.48
C GLU A 254 20.58 -0.76 32.84
N GLN A 255 20.87 0.21 33.71
CA GLN A 255 20.26 0.23 35.03
C GLN A 255 18.84 0.77 35.03
N ARG A 256 18.40 1.41 33.94
CA ARG A 256 17.00 1.82 33.84
C ARG A 256 16.07 0.64 33.60
N TYR A 257 16.60 -0.57 33.39
CA TYR A 257 15.82 -1.70 32.95
C TYR A 257 15.79 -2.77 34.04
N THR A 258 14.59 -3.26 34.35
CA THR A 258 14.38 -4.30 35.35
C THR A 258 13.55 -5.43 34.76
N CYS A 259 13.97 -6.66 35.04
CA CYS A 259 13.26 -7.86 34.61
C CYS A 259 12.39 -8.37 35.75
N HIS A 260 11.12 -8.62 35.45
CA HIS A 260 10.18 -9.16 36.42
C HIS A 260 9.88 -10.61 36.06
N VAL A 261 9.93 -11.48 37.06
CA VAL A 261 9.67 -12.91 36.89
C VAL A 261 8.56 -13.30 37.85
N GLN A 262 7.45 -13.81 37.30
CA GLN A 262 6.33 -14.30 38.10
C GLN A 262 6.13 -15.78 37.82
N HIS A 263 6.03 -16.58 38.89
CA HIS A 263 5.88 -18.02 38.78
C HIS A 263 5.25 -18.53 40.06
N GLU A 264 4.47 -19.61 39.94
CA GLU A 264 3.75 -20.13 41.09
C GLU A 264 4.69 -20.61 42.19
N GLY A 265 5.89 -21.05 41.83
CA GLY A 265 6.87 -21.50 42.80
C GLY A 265 7.57 -20.41 43.56
N LEU A 266 7.29 -19.14 43.25
CA LEU A 266 7.89 -17.99 43.92
C LEU A 266 6.89 -17.41 44.92
N PRO A 267 7.30 -17.19 46.18
CA PRO A 267 6.37 -16.58 47.14
C PRO A 267 5.93 -15.20 46.72
N GLU A 268 6.79 -14.44 46.06
CA GLU A 268 6.44 -13.15 45.49
C GLU A 268 7.24 -12.97 44.21
N PRO A 269 6.75 -12.15 43.28
CA PRO A 269 7.49 -11.95 42.02
C PRO A 269 8.90 -11.44 42.26
N VAL A 270 9.81 -11.86 41.38
CA VAL A 270 11.23 -11.53 41.47
C VAL A 270 11.57 -10.45 40.45
N THR A 271 12.41 -9.50 40.86
CA THR A 271 12.89 -8.44 40.00
C THR A 271 14.41 -8.51 39.92
N LEU A 272 14.96 -8.31 38.72
CA LEU A 272 16.38 -8.47 38.49
C LEU A 272 16.90 -7.35 37.61
N ARG A 273 18.18 -7.04 37.77
CA ARG A 273 18.88 -6.12 36.90
C ARG A 273 20.28 -6.67 36.63
N TRP A 274 20.89 -6.21 35.54
CA TRP A 274 22.24 -6.66 35.21
C TRP A 274 23.27 -6.05 36.15
N MET B 1 -6.68 -29.33 4.21
CA MET B 1 -5.47 -29.67 4.94
C MET B 1 -4.85 -28.43 5.57
N ILE B 2 -4.35 -28.57 6.80
CA ILE B 2 -3.70 -27.48 7.53
C ILE B 2 -2.26 -27.88 7.77
N GLN B 3 -1.33 -27.20 7.12
CA GLN B 3 0.09 -27.45 7.28
C GLN B 3 0.75 -26.26 7.97
N ARG B 4 1.68 -26.54 8.88
CA ARG B 4 2.36 -25.52 9.66
C ARG B 4 3.86 -25.82 9.69
N THR B 5 4.66 -24.78 9.49
CA THR B 5 6.10 -24.99 9.56
C THR B 5 6.56 -24.99 11.01
N PRO B 6 7.60 -25.75 11.34
CA PRO B 6 8.04 -25.84 12.74
C PRO B 6 8.83 -24.61 13.18
N LYS B 7 8.59 -24.20 14.41
CA LYS B 7 9.48 -23.28 15.11
C LYS B 7 10.63 -24.07 15.70
N ILE B 8 11.83 -23.49 15.67
CA ILE B 8 13.05 -24.21 16.02
C ILE B 8 13.80 -23.45 17.09
N GLN B 9 14.18 -24.14 18.17
CA GLN B 9 15.04 -23.58 19.19
C GLN B 9 16.15 -24.58 19.50
N VAL B 10 17.40 -24.11 19.47
CA VAL B 10 18.57 -24.92 19.79
C VAL B 10 19.20 -24.34 21.05
N TYR B 11 19.41 -25.20 22.05
CA TYR B 11 19.83 -24.72 23.36
C TYR B 11 20.36 -25.89 24.17
N SER B 12 21.05 -25.57 25.26
CA SER B 12 21.60 -26.56 26.17
C SER B 12 20.72 -26.68 27.41
N ARG B 13 20.72 -27.88 27.99
CA ARG B 13 19.94 -28.11 29.20
C ARG B 13 20.44 -27.24 30.35
N HIS B 14 21.75 -27.13 30.50
CA HIS B 14 22.37 -26.33 31.53
C HIS B 14 23.18 -25.21 30.89
N PRO B 15 23.48 -24.15 31.63
CA PRO B 15 24.37 -23.11 31.10
C PRO B 15 25.70 -23.69 30.66
N ALA B 16 26.14 -23.30 29.47
CA ALA B 16 27.30 -23.93 28.85
C ALA B 16 28.58 -23.59 29.61
N GLU B 17 29.34 -24.64 29.94
CA GLU B 17 30.69 -24.51 30.47
C GLU B 17 31.63 -25.31 29.58
N ASN B 18 32.73 -24.68 29.17
CA ASN B 18 33.68 -25.34 28.28
C ASN B 18 34.33 -26.53 28.99
N GLY B 19 34.35 -27.68 28.33
CA GLY B 19 34.93 -28.87 28.89
C GLY B 19 34.06 -29.63 29.87
N LYS B 20 32.82 -29.18 30.09
CA LYS B 20 31.91 -29.83 31.01
C LYS B 20 30.77 -30.50 30.25
N SER B 21 30.39 -31.69 30.71
CA SER B 21 29.31 -32.43 30.06
C SER B 21 28.00 -31.67 30.15
N ASN B 22 27.18 -31.81 29.11
CA ASN B 22 25.92 -31.09 29.02
C ASN B 22 25.02 -31.83 28.03
N PHE B 23 23.86 -31.26 27.75
CA PHE B 23 22.89 -31.83 26.82
C PHE B 23 22.53 -30.79 25.77
N LEU B 24 22.65 -31.17 24.50
CA LEU B 24 22.29 -30.29 23.39
C LEU B 24 20.86 -30.60 22.96
N ASN B 25 19.99 -29.61 23.00
CA ASN B 25 18.58 -29.77 22.68
C ASN B 25 18.22 -29.05 21.39
N CYS B 26 17.29 -29.63 20.64
CA CYS B 26 16.64 -28.95 19.52
C CYS B 26 15.14 -29.18 19.68
N TYR B 27 14.41 -28.10 19.93
CA TYR B 27 12.99 -28.15 20.21
C TYR B 27 12.22 -27.62 19.00
N VAL B 28 11.48 -28.50 18.34
CA VAL B 28 10.62 -28.16 17.22
C VAL B 28 9.17 -28.22 17.68
N SER B 29 8.40 -27.19 17.34
CA SER B 29 7.03 -27.09 17.83
C SER B 29 6.18 -26.35 16.80
N GLY B 30 4.87 -26.51 16.95
CA GLY B 30 3.93 -25.81 16.10
C GLY B 30 3.88 -26.28 14.66
N PHE B 31 4.22 -27.55 14.41
CA PHE B 31 4.26 -28.04 13.04
C PHE B 31 3.18 -29.09 12.79
N HIS B 32 2.82 -29.23 11.52
CA HIS B 32 1.82 -30.15 11.04
C HIS B 32 2.03 -30.33 9.54
N PRO B 33 2.06 -31.57 9.02
CA PRO B 33 1.90 -32.86 9.72
C PRO B 33 3.10 -33.25 10.58
N SER B 34 2.98 -34.42 11.22
CA SER B 34 3.96 -34.83 12.22
C SER B 34 5.26 -35.36 11.64
N ASP B 35 5.28 -35.69 10.35
CA ASP B 35 6.51 -36.16 9.72
C ASP B 35 7.55 -35.04 9.73
N ILE B 36 8.70 -35.29 10.35
CA ILE B 36 9.75 -34.28 10.45
C ILE B 36 11.09 -34.98 10.61
N GLU B 37 12.13 -34.38 10.03
CA GLU B 37 13.50 -34.85 10.15
C GLU B 37 14.31 -33.82 10.91
N VAL B 38 14.98 -34.26 11.97
CA VAL B 38 15.80 -33.39 12.81
C VAL B 38 17.17 -34.03 12.97
N ASP B 39 18.22 -33.26 12.70
CA ASP B 39 19.60 -33.73 12.85
C ASP B 39 20.39 -32.70 13.63
N LEU B 40 21.13 -33.16 14.63
CA LEU B 40 22.06 -32.31 15.37
C LEU B 40 23.43 -32.43 14.73
N LEU B 41 24.08 -31.29 14.54
CA LEU B 41 25.33 -31.22 13.79
C LEU B 41 26.47 -30.76 14.69
N LYS B 42 27.64 -31.37 14.49
CA LYS B 42 28.88 -30.95 15.15
C LYS B 42 29.90 -30.67 14.05
N ASN B 43 30.19 -29.38 13.83
CA ASN B 43 31.12 -28.95 12.79
C ASN B 43 30.69 -29.46 11.41
N GLY B 44 29.39 -29.35 11.13
CA GLY B 44 28.83 -29.77 9.86
C GLY B 44 28.43 -31.22 9.78
N GLU B 45 29.06 -32.09 10.57
CA GLU B 45 28.77 -33.52 10.53
C GLU B 45 27.62 -33.88 11.46
N ARG B 46 26.85 -34.87 11.03
CA ARG B 46 25.68 -35.31 11.79
C ARG B 46 26.10 -36.14 13.01
N ILE B 47 25.38 -35.95 14.11
CA ILE B 47 25.63 -36.68 15.33
C ILE B 47 24.78 -37.94 15.35
N GLU B 48 25.40 -39.08 15.62
CA GLU B 48 24.69 -40.34 15.73
C GLU B 48 24.24 -40.55 17.19
N LYS B 49 23.21 -41.41 17.34
CA LYS B 49 22.63 -41.71 18.65
C LYS B 49 21.98 -40.46 19.26
N VAL B 50 21.14 -39.81 18.47
CA VAL B 50 20.33 -38.68 18.93
C VAL B 50 18.93 -39.18 19.21
N GLU B 51 18.42 -38.93 20.41
CA GLU B 51 17.10 -39.38 20.82
C GLU B 51 16.12 -38.22 20.79
N HIS B 52 14.83 -38.56 20.86
CA HIS B 52 13.78 -37.55 20.85
C HIS B 52 12.62 -38.01 21.72
N SER B 53 11.76 -37.05 22.06
CA SER B 53 10.65 -37.28 22.96
C SER B 53 9.49 -37.95 22.22
N ASP B 54 8.43 -38.27 22.97
CA ASP B 54 7.26 -38.89 22.38
C ASP B 54 6.36 -37.82 21.76
N LEU B 55 5.85 -38.13 20.57
CA LEU B 55 5.08 -37.15 19.80
C LEU B 55 3.83 -36.72 20.55
N SER B 56 3.68 -35.41 20.73
CA SER B 56 2.50 -34.82 21.36
C SER B 56 2.11 -33.59 20.55
N PHE B 57 0.99 -32.97 20.91
CA PHE B 57 0.53 -31.81 20.18
C PHE B 57 -0.21 -30.86 21.11
N SER B 58 -0.49 -29.66 20.60
CA SER B 58 -1.08 -28.58 21.37
C SER B 58 -2.56 -28.43 21.02
N LYS B 59 -3.17 -27.38 21.58
CA LYS B 59 -4.61 -27.16 21.42
C LYS B 59 -5.00 -26.94 19.96
N ASP B 60 -4.13 -26.31 19.17
CA ASP B 60 -4.38 -26.12 17.75
C ASP B 60 -3.89 -27.28 16.90
N TRP B 61 -3.65 -28.44 17.53
CA TRP B 61 -3.30 -29.72 16.91
C TRP B 61 -1.88 -29.75 16.36
N SER B 62 -1.10 -28.69 16.54
CA SER B 62 0.29 -28.67 16.07
C SER B 62 1.19 -29.46 17.01
N PHE B 63 2.10 -30.23 16.43
CA PHE B 63 2.95 -31.14 17.18
C PHE B 63 4.17 -30.42 17.73
N TYR B 64 4.78 -31.04 18.75
CA TYR B 64 6.05 -30.60 19.29
C TYR B 64 6.89 -31.81 19.66
N LEU B 65 8.20 -31.66 19.53
CA LEU B 65 9.16 -32.73 19.82
C LEU B 65 10.45 -32.10 20.33
N LEU B 66 11.12 -32.82 21.23
CA LEU B 66 12.42 -32.41 21.75
C LEU B 66 13.46 -33.44 21.33
N TYR B 67 14.42 -33.00 20.52
CA TYR B 67 15.56 -33.83 20.16
C TYR B 67 16.76 -33.42 21.01
N TYR B 68 17.51 -34.41 21.50
CA TYR B 68 18.54 -34.14 22.48
C TYR B 68 19.66 -35.18 22.39
N THR B 69 20.85 -34.77 22.82
CA THR B 69 22.00 -35.64 22.88
C THR B 69 22.97 -35.09 23.92
N GLU B 70 23.86 -35.96 24.38
CA GLU B 70 24.94 -35.54 25.25
C GLU B 70 26.04 -34.87 24.41
N PHE B 71 26.63 -33.81 24.96
CA PHE B 71 27.76 -33.19 24.29
C PHE B 71 28.59 -32.43 25.31
N THR B 72 29.84 -32.18 24.96
CA THR B 72 30.74 -31.37 25.77
C THR B 72 31.12 -30.14 24.97
N PRO B 73 30.52 -28.98 25.25
CA PRO B 73 30.84 -27.78 24.45
C PRO B 73 32.26 -27.29 24.70
N THR B 74 32.86 -26.75 23.64
CA THR B 74 34.17 -26.14 23.67
C THR B 74 34.10 -24.77 23.01
N GLU B 75 35.22 -24.06 23.00
CA GLU B 75 35.24 -22.71 22.43
C GLU B 75 35.03 -22.74 20.92
N LYS B 76 35.61 -23.74 20.25
CA LYS B 76 35.73 -23.71 18.79
C LYS B 76 34.73 -24.59 18.05
N ASP B 77 34.13 -25.57 18.70
CA ASP B 77 33.21 -26.47 18.01
C ASP B 77 31.86 -25.79 17.81
N GLU B 78 31.35 -25.90 16.58
CA GLU B 78 30.07 -25.30 16.21
C GLU B 78 29.00 -26.38 16.17
N TYR B 79 27.91 -26.16 16.91
CA TYR B 79 26.79 -27.08 16.96
C TYR B 79 25.57 -26.44 16.30
N ALA B 80 24.72 -27.29 15.71
CA ALA B 80 23.59 -26.78 14.96
C ALA B 80 22.52 -27.87 14.85
N CYS B 81 21.31 -27.44 14.53
CA CYS B 81 20.18 -28.31 14.28
C CYS B 81 19.76 -28.15 12.83
N ARG B 82 19.46 -29.27 12.17
CA ARG B 82 19.00 -29.27 10.78
C ARG B 82 17.62 -29.91 10.74
N VAL B 83 16.64 -29.15 10.24
CA VAL B 83 15.24 -29.56 10.28
C VAL B 83 14.70 -29.61 8.85
N ASN B 84 13.95 -30.67 8.54
CA ASN B 84 13.29 -30.79 7.26
C ASN B 84 11.83 -31.15 7.48
N HIS B 85 10.95 -30.49 6.73
CA HIS B 85 9.51 -30.64 6.88
C HIS B 85 8.88 -30.42 5.51
N VAL B 86 7.63 -30.86 5.36
CA VAL B 86 6.95 -30.71 4.08
C VAL B 86 6.73 -29.25 3.72
N THR B 87 6.81 -28.34 4.69
CA THR B 87 6.56 -26.92 4.48
C THR B 87 7.83 -26.15 4.12
N LEU B 88 8.99 -26.79 4.15
CA LEU B 88 10.25 -26.12 3.88
C LEU B 88 10.70 -26.41 2.45
N SER B 89 10.99 -25.35 1.69
CA SER B 89 11.53 -25.51 0.35
C SER B 89 12.89 -26.20 0.37
N GLN B 90 13.60 -26.13 1.50
CA GLN B 90 14.90 -26.74 1.66
C GLN B 90 15.18 -26.86 3.16
N PRO B 91 16.06 -27.77 3.57
CA PRO B 91 16.33 -27.94 5.00
C PRO B 91 16.82 -26.65 5.64
N LYS B 92 16.39 -26.42 6.88
CA LYS B 92 16.73 -25.22 7.63
C LYS B 92 17.75 -25.57 8.70
N ILE B 93 18.83 -24.78 8.77
CA ILE B 93 19.92 -24.98 9.72
C ILE B 93 19.89 -23.84 10.72
N VAL B 94 19.90 -24.18 12.01
CA VAL B 94 19.90 -23.21 13.10
C VAL B 94 21.09 -23.51 13.98
N LYS B 95 22.06 -22.60 14.00
CA LYS B 95 23.26 -22.79 14.80
C LYS B 95 22.96 -22.59 16.28
N TRP B 96 23.72 -23.29 17.12
CA TRP B 96 23.55 -23.17 18.57
C TRP B 96 24.30 -21.94 19.09
N ASP B 97 23.60 -21.15 19.90
CA ASP B 97 24.17 -19.97 20.54
C ASP B 97 24.10 -20.17 22.04
N ARG B 98 25.27 -20.22 22.69
CA ARG B 98 25.33 -20.65 24.08
C ARG B 98 24.65 -19.68 25.05
N ASP B 99 24.21 -18.52 24.59
CA ASP B 99 23.43 -17.61 25.41
C ASP B 99 22.09 -17.30 24.74
N MET B 100 21.45 -18.32 24.20
CA MET B 100 20.10 -18.18 23.63
C MET B 100 19.31 -19.48 23.84
N ARG C 1 -6.36 -43.28 33.60
CA ARG C 1 -6.11 -44.29 32.56
C ARG C 1 -6.92 -43.98 31.30
N LEU C 2 -6.63 -44.71 30.22
CA LEU C 2 -7.29 -44.50 28.96
C LEU C 2 -8.77 -44.91 29.03
N PRO C 3 -9.62 -44.32 28.20
CA PRO C 3 -10.98 -44.85 28.07
C PRO C 3 -10.94 -46.24 27.46
N ALA C 4 -11.88 -47.08 27.89
CA ALA C 4 -11.89 -48.45 27.40
C ALA C 4 -12.20 -48.52 25.91
N LYS C 5 -13.16 -47.72 25.45
CA LYS C 5 -13.59 -47.73 24.06
C LYS C 5 -13.45 -46.34 23.48
N ALA C 6 -12.80 -46.25 22.32
CA ALA C 6 -12.70 -45.00 21.57
C ALA C 6 -13.93 -44.83 20.68
N PRO C 7 -14.42 -43.61 20.52
CA PRO C 7 -15.61 -43.39 19.70
C PRO C 7 -15.37 -43.76 18.25
N LEU C 8 -16.46 -44.10 17.57
CA LEU C 8 -16.44 -44.41 16.14
C LEU C 8 -16.86 -43.18 15.35
N LEU C 9 -16.16 -42.91 14.25
CA LEU C 9 -16.47 -41.78 13.40
C LEU C 9 -17.13 -42.25 12.10
N GLY D 1 23.82 14.57 20.01
CA GLY D 1 23.28 15.12 18.77
C GLY D 1 22.35 14.17 18.03
N SER D 2 21.54 14.72 17.14
CA SER D 2 20.58 13.96 16.36
C SER D 2 21.20 13.40 15.09
N HIS D 3 20.66 12.26 14.65
CA HIS D 3 21.06 11.62 13.40
C HIS D 3 19.80 11.26 12.62
N SER D 4 19.97 11.04 11.32
CA SER D 4 18.83 10.77 10.46
C SER D 4 19.20 9.79 9.38
N LEU D 5 18.20 9.03 8.93
CA LEU D 5 18.31 8.12 7.79
C LEU D 5 17.25 8.53 6.78
N LYS D 6 17.68 8.99 5.61
CA LYS D 6 16.79 9.59 4.63
C LYS D 6 16.94 8.90 3.28
N TYR D 7 15.81 8.70 2.60
CA TYR D 7 15.79 8.17 1.25
C TYR D 7 15.04 9.13 0.33
N PHE D 8 15.50 9.26 -0.90
CA PHE D 8 14.91 10.17 -1.88
C PHE D 8 14.67 9.40 -3.18
N HIS D 9 13.39 9.29 -3.58
CA HIS D 9 13.00 8.53 -4.76
C HIS D 9 12.47 9.47 -5.82
N THR D 10 12.95 9.31 -7.06
CA THR D 10 12.52 10.11 -8.19
C THR D 10 12.16 9.19 -9.35
N SER D 11 10.96 9.36 -9.90
CA SER D 11 10.51 8.61 -11.06
C SER D 11 10.03 9.59 -12.12
N VAL D 12 10.56 9.44 -13.34
CA VAL D 12 10.27 10.34 -14.45
C VAL D 12 9.83 9.49 -15.65
N SER D 13 8.61 9.72 -16.12
CA SER D 13 8.11 8.97 -17.27
C SER D 13 8.78 9.45 -18.55
N ARG D 14 8.97 8.51 -19.48
CA ARG D 14 9.64 8.77 -20.75
C ARG D 14 8.68 8.50 -21.90
N PRO D 15 8.13 9.55 -22.51
CA PRO D 15 6.99 9.35 -23.43
C PRO D 15 7.17 8.30 -24.51
N GLY D 16 8.25 8.36 -25.29
CA GLY D 16 8.40 7.43 -26.40
C GLY D 16 9.60 6.52 -26.29
N ARG D 17 10.22 6.42 -25.13
CA ARG D 17 11.46 5.68 -25.00
C ARG D 17 11.41 4.53 -24.00
N GLY D 18 10.23 4.11 -23.54
CA GLY D 18 10.11 2.93 -22.71
C GLY D 18 9.63 3.27 -21.31
N GLU D 19 10.10 2.46 -20.34
CA GLU D 19 9.67 2.58 -18.95
C GLU D 19 10.26 3.83 -18.30
N PRO D 20 9.63 4.30 -17.22
CA PRO D 20 10.12 5.52 -16.56
C PRO D 20 11.51 5.34 -15.96
N ARG D 21 12.27 6.43 -15.96
CA ARG D 21 13.54 6.47 -15.24
C ARG D 21 13.27 6.53 -13.74
N PHE D 22 13.96 5.70 -12.97
CA PHE D 22 13.78 5.65 -11.53
C PHE D 22 15.14 5.72 -10.85
N ILE D 23 15.26 6.61 -9.87
CA ILE D 23 16.50 6.80 -9.12
C ILE D 23 16.17 6.93 -7.64
N SER D 24 16.87 6.17 -6.81
CA SER D 24 16.72 6.23 -5.36
C SER D 24 18.10 6.39 -4.73
N VAL D 25 18.21 7.30 -3.76
CA VAL D 25 19.44 7.49 -3.01
C VAL D 25 19.11 7.50 -1.52
N GLY D 26 20.06 7.03 -0.72
CA GLY D 26 19.91 7.03 0.73
C GLY D 26 21.01 7.88 1.36
N TYR D 27 20.63 8.60 2.42
CA TYR D 27 21.55 9.45 3.16
C TYR D 27 21.49 9.11 4.65
N VAL D 28 22.67 9.02 5.27
CA VAL D 28 22.80 9.06 6.71
C VAL D 28 23.35 10.45 7.05
N ASP D 29 22.52 11.26 7.72
CA ASP D 29 22.83 12.67 7.94
C ASP D 29 23.11 13.36 6.62
N ASP D 30 24.32 13.87 6.44
CA ASP D 30 24.71 14.54 5.20
C ASP D 30 25.57 13.66 4.29
N THR D 31 25.60 12.36 4.53
CA THR D 31 26.45 11.43 3.78
C THR D 31 25.59 10.45 3.00
N GLN D 32 25.71 10.48 1.67
CA GLN D 32 25.06 9.48 0.84
C GLN D 32 25.80 8.15 0.94
N PHE D 33 25.05 7.06 1.09
CA PHE D 33 25.67 5.74 1.28
C PHE D 33 25.17 4.66 0.32
N VAL D 34 24.03 4.82 -0.34
CA VAL D 34 23.57 3.87 -1.36
C VAL D 34 22.93 4.64 -2.51
N ARG D 35 22.81 3.96 -3.65
CA ARG D 35 22.17 4.52 -4.83
C ARG D 35 21.52 3.38 -5.61
N PHE D 36 20.34 3.63 -6.17
CA PHE D 36 19.73 2.72 -7.13
C PHE D 36 19.29 3.51 -8.36
N ASP D 37 19.64 3.01 -9.54
CA ASP D 37 19.27 3.62 -10.81
C ASP D 37 18.79 2.53 -11.74
N ASN D 38 17.55 2.62 -12.20
CA ASN D 38 16.93 1.58 -13.02
C ASN D 38 17.36 1.63 -14.49
N ASP D 39 18.29 2.51 -14.85
CA ASP D 39 18.75 2.64 -16.23
C ASP D 39 19.85 1.62 -16.52
N ALA D 40 19.48 0.35 -16.40
CA ALA D 40 20.39 -0.76 -16.66
C ALA D 40 19.54 -1.98 -17.00
N ALA D 41 20.21 -3.01 -17.53
CA ALA D 41 19.50 -4.24 -17.87
C ALA D 41 18.93 -4.90 -16.62
N SER D 42 19.76 -5.08 -15.60
CA SER D 42 19.35 -5.65 -14.31
C SER D 42 19.88 -4.73 -13.23
N PRO D 43 19.20 -3.61 -12.97
CA PRO D 43 19.75 -2.61 -12.04
C PRO D 43 19.85 -3.13 -10.63
N ARG D 44 20.84 -2.64 -9.89
CA ARG D 44 21.13 -3.11 -8.55
C ARG D 44 21.41 -1.93 -7.64
N MET D 45 21.23 -2.17 -6.34
CA MET D 45 21.62 -1.21 -5.32
C MET D 45 23.11 -1.36 -5.04
N VAL D 46 23.83 -0.23 -5.06
CA VAL D 46 25.30 -0.26 -4.93
C VAL D 46 25.70 0.66 -3.79
N PRO D 47 26.86 0.40 -3.17
CA PRO D 47 27.34 1.29 -2.11
C PRO D 47 27.92 2.59 -2.67
N ARG D 48 27.70 3.68 -1.93
CA ARG D 48 28.25 4.98 -2.26
C ARG D 48 29.14 5.53 -1.16
N ALA D 49 29.36 4.78 -0.07
CA ALA D 49 30.27 5.15 1.00
C ALA D 49 31.21 3.98 1.28
N PRO D 50 32.47 4.27 1.63
CA PRO D 50 33.43 3.18 1.85
C PRO D 50 33.02 2.21 2.93
N TRP D 51 32.37 2.69 4.00
CA TRP D 51 31.99 1.82 5.10
C TRP D 51 30.84 0.89 4.74
N MET D 52 30.19 1.09 3.59
CA MET D 52 29.14 0.19 3.12
C MET D 52 29.69 -0.99 2.32
N GLU D 53 30.95 -0.95 1.91
CA GLU D 53 31.50 -2.01 1.08
C GLU D 53 31.71 -3.33 1.84
N GLN D 54 31.45 -3.35 3.15
CA GLN D 54 31.58 -4.56 3.94
C GLN D 54 30.28 -5.36 4.02
N GLU D 55 29.19 -4.84 3.45
CA GLU D 55 27.94 -5.56 3.43
C GLU D 55 28.02 -6.78 2.51
N GLY D 56 27.46 -7.88 2.98
CA GLY D 56 27.42 -9.11 2.22
C GLY D 56 26.35 -9.09 1.15
N SER D 57 26.29 -10.19 0.40
CA SER D 57 25.32 -10.27 -0.69
C SER D 57 23.89 -10.28 -0.18
N GLU D 58 23.66 -10.74 1.06
CA GLU D 58 22.31 -10.75 1.61
C GLU D 58 21.71 -9.35 1.63
N TYR D 59 22.50 -8.35 2.00
CA TYR D 59 22.00 -6.99 2.06
C TYR D 59 21.72 -6.44 0.66
N TRP D 60 22.69 -6.56 -0.24
CA TRP D 60 22.55 -5.94 -1.56
C TRP D 60 21.47 -6.61 -2.39
N ASP D 61 21.32 -7.94 -2.25
CA ASP D 61 20.23 -8.62 -2.95
C ASP D 61 18.87 -8.13 -2.44
N ARG D 62 18.74 -7.95 -1.12
CA ARG D 62 17.47 -7.51 -0.56
C ARG D 62 17.16 -6.08 -0.97
N GLU D 63 18.14 -5.18 -0.87
CA GLU D 63 17.91 -3.79 -1.27
C GLU D 63 17.66 -3.68 -2.76
N THR D 64 18.30 -4.52 -3.57
CA THR D 64 18.03 -4.52 -5.01
C THR D 64 16.59 -4.92 -5.29
N ARG D 65 16.12 -6.00 -4.65
CA ARG D 65 14.74 -6.43 -4.84
C ARG D 65 13.75 -5.37 -4.38
N SER D 66 14.01 -4.74 -3.24
CA SER D 66 13.12 -3.69 -2.75
C SER D 66 13.09 -2.51 -3.72
N ALA D 67 14.25 -2.10 -4.23
CA ALA D 67 14.31 -0.95 -5.12
C ALA D 67 13.65 -1.27 -6.47
N ARG D 68 13.87 -2.48 -6.98
CA ARG D 68 13.22 -2.88 -8.23
C ARG D 68 11.70 -2.90 -8.07
N ASP D 69 11.21 -3.38 -6.93
CA ASP D 69 9.76 -3.40 -6.70
C ASP D 69 9.21 -1.98 -6.59
N THR D 70 9.96 -1.08 -5.96
CA THR D 70 9.52 0.31 -5.86
C THR D 70 9.43 0.96 -7.23
N ALA D 71 10.39 0.68 -8.10
CA ALA D 71 10.35 1.24 -9.46
C ALA D 71 9.10 0.77 -10.21
N GLN D 72 8.73 -0.50 -10.05
CA GLN D 72 7.52 -0.99 -10.70
C GLN D 72 6.28 -0.35 -10.13
N ILE D 73 6.23 -0.16 -8.81
CA ILE D 73 5.07 0.48 -8.19
C ILE D 73 4.95 1.93 -8.65
N PHE D 74 6.08 2.63 -8.75
CA PHE D 74 6.05 4.02 -9.18
C PHE D 74 5.65 4.15 -10.65
N ARG D 75 6.02 3.17 -11.48
CA ARG D 75 5.54 3.15 -12.85
C ARG D 75 4.02 3.01 -12.88
N VAL D 76 3.47 2.17 -12.00
CA VAL D 76 2.02 2.06 -11.87
C VAL D 76 1.43 3.36 -11.37
N ASN D 77 2.06 3.97 -10.37
CA ASN D 77 1.56 5.22 -9.81
C ASN D 77 1.56 6.34 -10.84
N LEU D 78 2.61 6.40 -11.68
CA LEU D 78 2.67 7.42 -12.71
C LEU D 78 1.53 7.26 -13.71
N ARG D 79 1.16 6.01 -14.03
CA ARG D 79 0.04 5.76 -14.92
C ARG D 79 -1.28 6.16 -14.26
N THR D 80 -1.40 5.91 -12.95
CA THR D 80 -2.63 6.25 -12.23
C THR D 80 -2.82 7.77 -12.15
N LEU D 81 -1.78 8.49 -11.74
CA LEU D 81 -1.90 9.94 -11.62
C LEU D 81 -2.18 10.59 -12.96
N ARG D 82 -1.61 10.03 -14.04
CA ARG D 82 -1.94 10.50 -15.38
C ARG D 82 -3.44 10.39 -15.65
N GLY D 83 -4.07 9.32 -15.17
CA GLY D 83 -5.50 9.18 -15.34
C GLY D 83 -6.31 10.11 -14.46
N TYR D 84 -5.82 10.35 -13.23
CA TYR D 84 -6.49 11.28 -12.33
C TYR D 84 -6.65 12.65 -12.97
N TYR D 85 -5.56 13.20 -13.52
CA TYR D 85 -5.55 14.55 -14.06
C TYR D 85 -5.87 14.59 -15.55
N ASN D 86 -6.25 13.46 -16.15
CA ASN D 86 -6.59 13.38 -17.57
C ASN D 86 -5.48 13.96 -18.44
N GLN D 87 -4.25 13.53 -18.16
CA GLN D 87 -3.08 14.01 -18.88
C GLN D 87 -2.71 13.05 -19.99
N SER D 88 -2.20 13.60 -21.08
CA SER D 88 -1.82 12.76 -22.20
C SER D 88 -0.60 11.92 -21.88
N GLU D 89 -0.46 10.81 -22.60
CA GLU D 89 0.72 9.98 -22.45
C GLU D 89 1.95 10.55 -23.16
N ALA D 90 1.77 11.60 -23.98
CA ALA D 90 2.90 12.20 -24.69
C ALA D 90 3.75 13.11 -23.82
N GLY D 91 3.28 13.45 -22.63
CA GLY D 91 3.99 14.36 -21.75
C GLY D 91 4.77 13.63 -20.65
N SER D 92 5.95 14.16 -20.34
CA SER D 92 6.78 13.61 -19.27
C SER D 92 6.34 14.19 -17.92
N HIS D 93 6.28 13.33 -16.91
CA HIS D 93 5.85 13.72 -15.58
C HIS D 93 6.77 13.11 -14.55
N THR D 94 6.77 13.72 -13.35
CA THR D 94 7.70 13.36 -12.29
C THR D 94 6.93 13.02 -11.03
N LEU D 95 7.31 11.90 -10.41
CA LEU D 95 6.78 11.48 -9.12
C LEU D 95 7.93 11.33 -8.15
N GLN D 96 7.84 12.00 -7.00
CA GLN D 96 8.90 11.98 -6.01
C GLN D 96 8.39 11.44 -4.69
N TRP D 97 9.27 10.73 -3.97
CA TRP D 97 8.95 10.17 -2.67
C TRP D 97 10.15 10.37 -1.75
N MET D 98 9.91 10.99 -0.60
CA MET D 98 10.94 11.15 0.41
C MET D 98 10.41 10.68 1.75
N HIS D 99 11.25 10.00 2.51
CA HIS D 99 10.90 9.52 3.84
C HIS D 99 12.16 9.40 4.68
N GLY D 100 11.99 9.42 5.99
CA GLY D 100 13.13 9.32 6.88
C GLY D 100 12.73 9.36 8.33
N CYS D 101 13.69 9.01 9.18
CA CYS D 101 13.52 9.04 10.62
C CYS D 101 14.70 9.75 11.26
N GLU D 102 14.43 10.43 12.37
CA GLU D 102 15.45 11.15 13.13
C GLU D 102 15.52 10.61 14.56
N LEU D 103 16.73 10.48 15.07
CA LEU D 103 16.96 10.06 16.45
C LEU D 103 17.21 11.26 17.34
N GLY D 104 16.76 11.16 18.59
CA GLY D 104 17.06 12.16 19.59
C GLY D 104 18.49 12.03 20.10
N PRO D 105 18.86 12.95 21.00
CA PRO D 105 20.20 12.88 21.59
C PRO D 105 20.45 11.60 22.37
N ASP D 106 19.41 10.97 22.91
CA ASP D 106 19.54 9.70 23.61
C ASP D 106 19.68 8.52 22.66
N GLY D 107 19.62 8.75 21.35
CA GLY D 107 19.67 7.69 20.37
C GLY D 107 18.35 7.01 20.11
N ARG D 108 17.26 7.46 20.71
CA ARG D 108 15.95 6.88 20.48
C ARG D 108 15.19 7.66 19.41
N PHE D 109 14.08 7.07 18.96
CA PHE D 109 13.26 7.68 17.92
C PHE D 109 12.78 9.06 18.36
N LEU D 110 12.93 10.04 17.46
CA LEU D 110 12.48 11.40 17.72
C LEU D 110 11.29 11.77 16.84
N ARG D 111 11.42 11.67 15.52
CA ARG D 111 10.29 11.90 14.64
C ARG D 111 10.54 11.24 13.29
N GLY D 112 9.49 11.15 12.49
CA GLY D 112 9.55 10.53 11.18
C GLY D 112 8.69 11.31 10.22
N TYR D 113 8.99 11.14 8.93
CA TYR D 113 8.28 11.88 7.89
C TYR D 113 8.23 11.03 6.63
N GLU D 114 7.18 11.28 5.84
CA GLU D 114 7.01 10.65 4.54
C GLU D 114 6.17 11.59 3.68
N GLN D 115 6.59 11.78 2.43
CA GLN D 115 5.97 12.79 1.57
C GLN D 115 6.06 12.37 0.10
N PHE D 116 5.00 12.68 -0.64
CA PHE D 116 4.95 12.44 -2.08
C PHE D 116 4.78 13.75 -2.82
N ALA D 117 5.34 13.82 -4.03
CA ALA D 117 5.17 14.99 -4.87
C ALA D 117 4.91 14.57 -6.32
N TYR D 118 4.08 15.36 -7.01
CA TYR D 118 3.78 15.13 -8.42
C TYR D 118 4.03 16.41 -9.20
N ASP D 119 4.94 16.34 -10.17
CA ASP D 119 5.29 17.47 -11.02
C ASP D 119 5.75 18.68 -10.22
N GLY D 120 6.53 18.42 -9.17
CA GLY D 120 7.16 19.48 -8.41
C GLY D 120 6.33 20.09 -7.30
N LYS D 121 5.12 19.59 -7.06
CA LYS D 121 4.24 20.12 -6.03
C LYS D 121 3.86 19.00 -5.07
N ASP D 122 3.63 19.37 -3.81
CA ASP D 122 3.12 18.43 -2.82
C ASP D 122 1.90 17.70 -3.37
N TYR D 123 1.84 16.40 -3.10
CA TYR D 123 0.69 15.58 -3.50
C TYR D 123 0.03 14.92 -2.31
N LEU D 124 0.75 14.05 -1.60
CA LEU D 124 0.22 13.37 -0.43
C LEU D 124 1.27 13.40 0.66
N THR D 125 0.86 13.81 1.86
CA THR D 125 1.77 14.00 2.98
C THR D 125 1.30 13.18 4.18
N LEU D 126 2.22 12.44 4.79
CA LEU D 126 1.95 11.76 6.05
C LEU D 126 2.09 12.76 7.20
N ASN D 127 1.01 12.93 7.95
CA ASN D 127 0.93 13.94 9.01
C ASN D 127 1.90 13.61 10.16
N GLU D 128 2.11 14.60 11.02
CA GLU D 128 3.15 14.52 12.04
C GLU D 128 2.86 13.44 13.08
N ASP D 129 1.58 13.11 13.30
CA ASP D 129 1.21 11.99 14.15
C ASP D 129 1.49 10.63 13.51
N LEU D 130 1.81 10.60 12.21
CA LEU D 130 2.08 9.36 11.48
C LEU D 130 0.87 8.43 11.50
N ARG D 131 -0.34 9.01 11.57
CA ARG D 131 -1.58 8.25 11.58
C ARG D 131 -2.61 8.72 10.58
N SER D 132 -2.35 9.81 9.85
CA SER D 132 -3.29 10.36 8.89
C SER D 132 -2.51 11.05 7.78
N TRP D 133 -3.19 11.30 6.67
CA TRP D 133 -2.59 11.90 5.49
C TRP D 133 -3.20 13.26 5.18
N THR D 134 -2.49 14.03 4.38
CA THR D 134 -2.96 15.34 3.92
C THR D 134 -2.86 15.37 2.40
N ALA D 135 -4.00 15.52 1.75
CA ALA D 135 -4.09 15.57 0.30
C ALA D 135 -4.19 17.01 -0.18
N VAL D 136 -3.63 17.27 -1.37
CA VAL D 136 -3.63 18.63 -1.90
C VAL D 136 -4.86 18.92 -2.74
N ASP D 137 -5.46 17.91 -3.36
CA ASP D 137 -6.61 18.12 -4.23
C ASP D 137 -7.47 16.86 -4.23
N THR D 138 -8.49 16.85 -5.10
CA THR D 138 -9.40 15.72 -5.15
C THR D 138 -8.71 14.46 -5.66
N ALA D 139 -7.69 14.62 -6.52
CA ALA D 139 -6.95 13.47 -7.00
C ALA D 139 -6.18 12.78 -5.88
N ALA D 140 -5.49 13.58 -5.06
CA ALA D 140 -4.74 13.01 -3.94
C ALA D 140 -5.66 12.49 -2.84
N GLN D 141 -6.89 13.00 -2.75
CA GLN D 141 -7.85 12.44 -1.81
C GLN D 141 -8.24 11.01 -2.18
N ILE D 142 -8.26 10.71 -3.48
CA ILE D 142 -8.45 9.33 -3.91
C ILE D 142 -7.28 8.47 -3.44
N SER D 143 -6.07 8.99 -3.59
CA SER D 143 -4.89 8.30 -3.07
C SER D 143 -4.97 8.15 -1.56
N GLU D 144 -5.52 9.15 -0.88
CA GLU D 144 -5.66 9.08 0.57
C GLU D 144 -6.63 7.95 0.96
N GLN D 145 -7.77 7.87 0.28
CA GLN D 145 -8.72 6.81 0.57
C GLN D 145 -8.12 5.44 0.27
N LYS D 146 -7.37 5.32 -0.82
CA LYS D 146 -6.63 4.08 -1.07
C LYS D 146 -5.68 3.78 0.07
N SER D 147 -4.96 4.80 0.56
CA SER D 147 -4.03 4.59 1.66
C SER D 147 -4.78 4.14 2.92
N ASN D 148 -5.95 4.73 3.16
CA ASN D 148 -6.78 4.30 4.28
C ASN D 148 -7.25 2.85 4.09
N ASP D 149 -7.61 2.49 2.86
CA ASP D 149 -8.05 1.12 2.60
C ASP D 149 -6.98 0.09 2.97
N ALA D 150 -5.71 0.44 2.79
CA ALA D 150 -4.61 -0.48 3.04
C ALA D 150 -3.98 -0.29 4.42
N SER D 151 -4.52 0.59 5.25
CA SER D 151 -3.91 0.94 6.54
C SER D 151 -2.47 1.39 6.33
N GLU D 152 -2.24 2.14 5.25
CA GLU D 152 -0.88 2.48 4.83
C GLU D 152 -0.16 3.31 5.88
N ALA D 153 -0.89 4.24 6.55
CA ALA D 153 -0.26 5.06 7.57
C ALA D 153 0.31 4.19 8.70
N GLU D 154 -0.38 3.10 9.04
CA GLU D 154 0.14 2.19 10.06
C GLU D 154 1.39 1.48 9.56
N HIS D 155 1.38 1.01 8.32
CA HIS D 155 2.54 0.31 7.78
C HIS D 155 3.76 1.22 7.69
N GLN D 156 3.55 2.46 7.26
CA GLN D 156 4.66 3.40 7.18
C GLN D 156 5.13 3.86 8.56
N ARG D 157 4.19 4.01 9.50
CA ARG D 157 4.58 4.35 10.87
C ARG D 157 5.43 3.25 11.47
N ALA D 158 5.10 1.99 11.17
CA ALA D 158 5.91 0.87 11.65
C ALA D 158 7.30 0.90 11.04
N TYR D 159 7.41 1.28 9.76
CA TYR D 159 8.72 1.39 9.14
C TYR D 159 9.52 2.51 9.76
N LEU D 160 8.90 3.67 9.96
CA LEU D 160 9.63 4.85 10.41
C LEU D 160 10.06 4.71 11.87
N GLU D 161 9.19 4.13 12.70
CA GLU D 161 9.47 4.05 14.14
C GLU D 161 10.33 2.85 14.52
N ASP D 162 10.37 1.79 13.69
CA ASP D 162 11.08 0.57 14.05
C ASP D 162 12.17 0.24 13.04
N THR D 163 11.81 -0.09 11.79
CA THR D 163 12.81 -0.50 10.81
C THR D 163 13.82 0.60 10.55
N CYS D 164 13.35 1.83 10.34
CA CYS D 164 14.26 2.93 10.05
C CYS D 164 15.21 3.20 11.21
N VAL D 165 14.70 3.16 12.44
CA VAL D 165 15.53 3.43 13.61
C VAL D 165 16.55 2.32 13.82
N GLU D 166 16.14 1.06 13.66
CA GLU D 166 17.04 -0.06 13.88
C GLU D 166 18.20 -0.02 12.90
N TRP D 167 17.91 0.25 11.62
CA TRP D 167 18.96 0.23 10.61
C TRP D 167 19.82 1.48 10.64
N LEU D 168 19.28 2.62 11.07
CA LEU D 168 20.13 3.78 11.29
C LEU D 168 21.19 3.49 12.35
N HIS D 169 20.79 2.79 13.42
CA HIS D 169 21.76 2.35 14.43
C HIS D 169 22.83 1.47 13.79
N LYS D 170 22.43 0.58 12.87
CA LYS D 170 23.40 -0.29 12.21
C LYS D 170 24.36 0.52 11.36
N TYR D 171 23.84 1.48 10.60
CA TYR D 171 24.69 2.31 9.74
C TYR D 171 25.63 3.18 10.55
N LEU D 172 25.13 3.77 11.64
CA LEU D 172 25.98 4.61 12.48
C LEU D 172 27.15 3.82 13.05
N GLU D 173 26.94 2.54 13.37
CA GLU D 173 28.03 1.72 13.88
C GLU D 173 29.02 1.35 12.78
N LYS D 174 28.52 1.02 11.59
CA LYS D 174 29.40 0.61 10.50
C LYS D 174 30.27 1.76 10.03
N GLY D 175 29.71 2.97 9.95
CA GLY D 175 30.46 4.13 9.51
C GLY D 175 30.82 5.10 10.61
N LYS D 176 30.98 4.58 11.83
CA LYS D 176 31.18 5.45 13.00
C LYS D 176 32.40 6.34 12.87
N GLU D 177 33.47 5.83 12.24
CA GLU D 177 34.72 6.59 12.16
C GLU D 177 34.60 7.85 11.32
N THR D 178 33.57 7.94 10.47
CA THR D 178 33.31 9.15 9.70
C THR D 178 31.95 9.78 9.97
N LEU D 179 30.92 8.97 10.24
CA LEU D 179 29.59 9.52 10.48
C LEU D 179 29.52 10.24 11.82
N LEU D 180 30.21 9.72 12.83
CA LEU D 180 30.20 10.30 14.17
C LEU D 180 31.38 11.24 14.40
N HIS D 181 32.03 11.68 13.33
CA HIS D 181 33.21 12.54 13.41
C HIS D 181 32.84 13.93 12.94
N LEU D 182 32.93 14.92 13.83
CA LEU D 182 32.68 16.29 13.45
C LEU D 182 33.95 16.89 12.86
N GLU D 183 33.83 17.54 11.71
CA GLU D 183 34.97 18.16 11.06
C GLU D 183 34.82 19.67 11.14
N PRO D 184 35.67 20.38 11.88
CA PRO D 184 35.51 21.83 11.99
C PRO D 184 35.93 22.51 10.70
N PRO D 185 35.39 23.69 10.41
CA PRO D 185 35.81 24.42 9.21
C PRO D 185 37.17 25.06 9.39
N LYS D 186 37.97 25.03 8.33
CA LYS D 186 39.23 25.74 8.28
C LYS D 186 38.99 27.10 7.67
N THR D 187 39.21 28.15 8.45
CA THR D 187 38.72 29.49 8.12
C THR D 187 39.87 30.45 7.86
N HIS D 188 39.64 31.39 6.95
CA HIS D 188 40.57 32.48 6.67
C HIS D 188 39.81 33.57 5.94
N VAL D 189 40.36 34.77 5.96
CA VAL D 189 39.76 35.94 5.35
C VAL D 189 40.65 36.39 4.21
N THR D 190 40.04 36.70 3.07
CA THR D 190 40.75 37.23 1.91
C THR D 190 40.34 38.69 1.73
N HIS D 191 41.20 39.44 1.06
CA HIS D 191 41.05 40.88 0.93
C HIS D 191 41.14 41.23 -0.55
N HIS D 192 40.12 41.92 -1.04
CA HIS D 192 40.03 42.28 -2.46
C HIS D 192 39.65 43.75 -2.54
N PRO D 193 40.62 44.63 -2.79
CA PRO D 193 40.29 46.05 -2.92
C PRO D 193 39.46 46.31 -4.17
N ILE D 194 38.37 47.05 -4.00
CA ILE D 194 37.53 47.39 -5.13
C ILE D 194 37.91 48.74 -5.71
N SER D 195 38.38 49.66 -4.86
CA SER D 195 38.80 50.98 -5.29
C SER D 195 39.74 51.52 -4.22
N ASP D 196 40.07 52.81 -4.33
CA ASP D 196 40.92 53.46 -3.35
C ASP D 196 40.25 53.58 -1.98
N HIS D 197 38.93 53.50 -1.93
CA HIS D 197 38.18 53.77 -0.71
C HIS D 197 37.49 52.55 -0.10
N GLU D 198 37.34 51.47 -0.86
CA GLU D 198 36.59 50.31 -0.38
C GLU D 198 37.32 49.02 -0.76
N ALA D 199 37.06 47.98 0.01
CA ALA D 199 37.64 46.67 -0.23
C ALA D 199 36.66 45.60 0.21
N THR D 200 36.79 44.41 -0.38
CA THR D 200 35.96 43.27 -0.02
C THR D 200 36.71 42.36 0.93
N LEU D 201 36.07 42.03 2.05
CA LEU D 201 36.56 41.01 2.96
C LEU D 201 35.68 39.78 2.81
N ARG D 202 36.29 38.65 2.44
CA ARG D 202 35.56 37.40 2.23
C ARG D 202 36.02 36.39 3.28
N CYS D 203 35.09 35.94 4.09
CA CYS D 203 35.36 34.99 5.16
C CYS D 203 35.05 33.58 4.67
N TRP D 204 36.07 32.73 4.63
CA TRP D 204 35.94 31.38 4.08
C TRP D 204 35.82 30.36 5.19
N ALA D 205 34.98 29.35 4.95
CA ALA D 205 34.88 28.18 5.80
C ALA D 205 34.97 26.96 4.90
N LEU D 206 36.03 26.17 5.05
CA LEU D 206 36.35 25.11 4.11
C LEU D 206 36.48 23.78 4.82
N GLY D 207 36.02 22.72 4.15
CA GLY D 207 36.28 21.35 4.58
C GLY D 207 35.61 20.93 5.87
N PHE D 208 34.39 21.40 6.13
CA PHE D 208 33.68 21.06 7.35
C PHE D 208 32.58 20.04 7.10
N TYR D 209 32.22 19.31 8.17
CA TYR D 209 31.14 18.35 8.16
C TYR D 209 30.59 18.32 9.59
N PRO D 210 29.26 18.33 9.77
CA PRO D 210 28.23 18.35 8.72
C PRO D 210 28.04 19.73 8.07
N ALA D 211 27.03 19.85 7.21
CA ALA D 211 26.87 21.03 6.38
C ALA D 211 26.30 22.23 7.12
N GLU D 212 25.65 22.02 8.26
CA GLU D 212 25.09 23.14 9.01
C GLU D 212 26.21 24.03 9.53
N ILE D 213 26.11 25.33 9.27
CA ILE D 213 27.13 26.29 9.67
C ILE D 213 26.52 27.68 9.62
N THR D 214 27.12 28.61 10.35
CA THR D 214 26.67 30.00 10.38
C THR D 214 27.89 30.91 10.27
N LEU D 215 27.89 31.78 9.27
CA LEU D 215 28.94 32.78 9.08
C LEU D 215 28.31 34.17 9.18
N THR D 216 28.84 34.99 10.08
CA THR D 216 28.34 36.34 10.29
C THR D 216 29.51 37.30 10.42
N TRP D 217 29.39 38.47 9.79
CA TRP D 217 30.36 39.54 9.92
C TRP D 217 29.88 40.50 11.01
N GLN D 218 30.78 40.84 11.92
CA GLN D 218 30.45 41.74 13.02
C GLN D 218 31.38 42.95 13.02
N GLN D 219 30.81 44.12 13.29
CA GLN D 219 31.56 45.38 13.31
C GLN D 219 31.64 45.89 14.75
N ASP D 220 32.86 46.24 15.17
CA ASP D 220 33.14 46.74 16.51
C ASP D 220 32.72 45.77 17.60
N GLY D 221 32.62 44.49 17.27
CA GLY D 221 32.16 43.50 18.23
C GLY D 221 30.73 43.67 18.65
N GLU D 222 29.85 44.11 17.74
CA GLU D 222 28.46 44.44 18.07
C GLU D 222 27.52 43.76 17.08
N GLY D 223 27.17 42.50 17.37
CA GLY D 223 26.08 41.82 16.70
C GLY D 223 26.21 41.59 15.21
N HIS D 224 25.35 42.25 14.44
CA HIS D 224 25.14 41.94 13.03
C HIS D 224 25.62 43.07 12.14
N THR D 225 25.97 42.72 10.91
CA THR D 225 26.31 43.70 9.88
C THR D 225 25.21 43.72 8.83
N GLN D 226 25.15 44.83 8.09
CA GLN D 226 24.00 45.13 7.24
C GLN D 226 24.07 44.46 5.87
N ASP D 227 25.19 44.63 5.16
CA ASP D 227 25.29 44.23 3.76
C ASP D 227 26.30 43.09 3.65
N THR D 228 25.83 41.86 3.87
CA THR D 228 26.69 40.68 3.78
C THR D 228 26.22 39.84 2.60
N GLU D 229 27.17 39.45 1.74
CA GLU D 229 26.88 38.53 0.66
C GLU D 229 27.19 37.11 1.13
N LEU D 230 26.18 36.27 1.17
CA LEU D 230 26.30 34.91 1.66
C LEU D 230 25.94 33.94 0.52
N VAL D 231 26.79 32.94 0.29
CA VAL D 231 26.52 31.92 -0.70
C VAL D 231 25.94 30.68 -0.01
N GLU D 232 25.11 29.95 -0.74
CA GLU D 232 24.58 28.70 -0.22
C GLU D 232 25.72 27.72 0.04
N THR D 233 25.60 26.96 1.13
CA THR D 233 26.59 25.94 1.43
C THR D 233 26.67 24.94 0.27
N ARG D 234 27.89 24.58 -0.10
CA ARG D 234 28.11 23.78 -1.28
C ARG D 234 29.03 22.61 -0.98
N PRO D 235 28.85 21.48 -1.66
CA PRO D 235 29.73 20.33 -1.41
C PRO D 235 31.08 20.50 -2.08
N ALA D 236 32.13 20.13 -1.33
CA ALA D 236 33.48 20.17 -1.88
C ALA D 236 33.75 19.02 -2.82
N GLY D 237 33.02 17.92 -2.71
CA GLY D 237 33.25 16.74 -3.53
C GLY D 237 33.91 15.60 -2.79
N ASP D 238 34.42 15.84 -1.58
CA ASP D 238 35.10 14.82 -0.80
C ASP D 238 34.36 14.46 0.47
N GLY D 239 33.08 14.83 0.59
CA GLY D 239 32.29 14.59 1.77
C GLY D 239 32.15 15.78 2.69
N THR D 240 32.98 16.80 2.52
CA THR D 240 32.92 18.02 3.32
C THR D 240 32.27 19.14 2.51
N PHE D 241 32.05 20.29 3.16
CA PHE D 241 31.29 21.37 2.56
C PHE D 241 32.08 22.68 2.63
N GLN D 242 31.59 23.66 1.88
CA GLN D 242 32.21 24.98 1.77
C GLN D 242 31.14 26.05 1.89
N LYS D 243 31.59 27.25 2.27
CA LYS D 243 30.74 28.43 2.36
C LYS D 243 31.63 29.64 2.57
N TRP D 244 31.17 30.80 2.10
CA TRP D 244 31.86 32.04 2.43
C TRP D 244 30.86 33.18 2.57
N ALA D 245 31.31 34.23 3.25
CA ALA D 245 30.54 35.45 3.49
C ALA D 245 31.41 36.64 3.20
N ALA D 246 30.89 37.59 2.43
CA ALA D 246 31.66 38.75 2.00
C ALA D 246 30.96 40.03 2.43
N VAL D 247 31.77 41.04 2.76
CA VAL D 247 31.28 42.36 3.13
C VAL D 247 32.21 43.41 2.54
N VAL D 248 31.64 44.54 2.13
CA VAL D 248 32.40 45.66 1.59
C VAL D 248 32.63 46.67 2.70
N VAL D 249 33.89 46.98 2.97
CA VAL D 249 34.27 47.83 4.10
C VAL D 249 35.11 48.99 3.59
N PRO D 250 35.10 50.14 4.26
CA PRO D 250 36.01 51.22 3.86
C PRO D 250 37.46 50.82 4.06
N SER D 251 38.29 51.14 3.06
CA SER D 251 39.71 50.84 3.15
C SER D 251 40.35 51.58 4.32
N GLY D 252 41.13 50.86 5.11
CA GLY D 252 41.74 51.39 6.32
C GLY D 252 41.02 51.03 7.60
N GLU D 253 39.76 50.62 7.51
CA GLU D 253 38.95 50.27 8.68
C GLU D 253 38.74 48.77 8.79
N GLU D 254 39.53 47.97 8.06
CA GLU D 254 39.30 46.53 8.02
C GLU D 254 39.43 45.88 9.40
N GLN D 255 40.20 46.48 10.30
CA GLN D 255 40.36 45.90 11.63
C GLN D 255 39.10 46.00 12.48
N ARG D 256 38.11 46.79 12.05
CA ARG D 256 36.85 46.88 12.77
C ARG D 256 35.93 45.68 12.54
N TYR D 257 36.22 44.85 11.55
CA TYR D 257 35.31 43.82 11.09
C TYR D 257 35.83 42.45 11.50
N THR D 258 34.95 41.64 12.11
CA THR D 258 35.29 40.30 12.55
C THR D 258 34.27 39.31 12.03
N CYS D 259 34.75 38.18 11.54
CA CYS D 259 33.90 37.10 11.06
C CYS D 259 33.74 36.07 12.17
N HIS D 260 32.49 35.64 12.39
CA HIS D 260 32.16 34.68 13.43
C HIS D 260 31.64 33.40 12.78
N VAL D 261 32.23 32.27 13.15
CA VAL D 261 31.91 30.98 12.57
C VAL D 261 31.35 30.08 13.66
N GLN D 262 30.12 29.59 13.44
CA GLN D 262 29.47 28.66 14.35
C GLN D 262 29.33 27.31 13.65
N HIS D 263 29.77 26.25 14.32
CA HIS D 263 29.74 24.91 13.75
C HIS D 263 29.86 23.89 14.88
N GLU D 264 29.23 22.73 14.68
CA GLU D 264 29.21 21.71 15.72
C GLU D 264 30.61 21.21 16.05
N GLY D 265 31.52 21.24 15.09
CA GLY D 265 32.88 20.80 15.35
C GLY D 265 33.73 21.76 16.14
N LEU D 266 33.20 22.95 16.43
CA LEU D 266 33.94 23.92 17.23
C LEU D 266 33.39 23.92 18.64
N PRO D 267 34.23 23.70 19.67
CA PRO D 267 33.72 23.75 21.05
C PRO D 267 33.17 25.11 21.43
N GLU D 268 33.68 26.17 20.81
CA GLU D 268 33.17 27.53 20.97
C GLU D 268 33.30 28.23 19.62
N PRO D 269 32.46 29.23 19.36
CA PRO D 269 32.53 29.93 18.07
C PRO D 269 33.92 30.49 17.80
N VAL D 270 34.29 30.54 16.53
CA VAL D 270 35.61 31.01 16.10
C VAL D 270 35.45 32.43 15.58
N THR D 271 36.39 33.29 15.96
CA THR D 271 36.42 34.68 15.52
C THR D 271 37.72 34.95 14.79
N LEU D 272 37.63 35.63 13.64
CA LEU D 272 38.81 35.87 12.83
C LEU D 272 38.71 37.25 12.18
N ARG D 273 39.87 37.82 11.87
CA ARG D 273 39.99 39.07 11.14
C ARG D 273 40.92 38.87 9.95
N TRP D 274 40.95 39.85 9.06
CA TRP D 274 41.97 39.86 8.00
C TRP D 274 43.27 40.47 8.51
N MET E 1 1.76 21.80 -13.24
CA MET E 1 3.18 21.46 -13.18
C MET E 1 3.99 22.67 -12.71
N ILE E 2 4.98 22.41 -11.85
CA ILE E 2 5.83 23.44 -11.28
C ILE E 2 7.26 23.20 -11.75
N GLN E 3 7.88 24.24 -12.30
CA GLN E 3 9.27 24.19 -12.73
C GLN E 3 10.08 25.21 -11.95
N ARG E 4 11.37 24.95 -11.80
CA ARG E 4 12.27 25.81 -11.06
C ARG E 4 13.57 26.00 -11.83
N THR E 5 14.06 27.24 -11.90
CA THR E 5 15.33 27.50 -12.55
C THR E 5 16.48 27.07 -11.66
N PRO E 6 17.58 26.60 -12.26
CA PRO E 6 18.69 26.10 -11.45
C PRO E 6 19.59 27.23 -10.93
N LYS E 7 20.09 27.04 -9.72
CA LYS E 7 21.15 27.88 -9.17
C LYS E 7 22.49 27.23 -9.47
N ILE E 8 23.49 28.05 -9.78
CA ILE E 8 24.76 27.57 -10.29
C ILE E 8 25.89 28.18 -9.46
N GLN E 9 26.83 27.32 -9.04
CA GLN E 9 28.08 27.75 -8.43
C GLN E 9 29.23 26.98 -9.06
N VAL E 10 30.25 27.70 -9.51
CA VAL E 10 31.47 27.11 -10.04
C VAL E 10 32.62 27.46 -9.09
N TYR E 11 33.42 26.46 -8.75
CA TYR E 11 34.45 26.63 -7.73
C TYR E 11 35.38 25.43 -7.77
N SER E 12 36.48 25.54 -7.04
CA SER E 12 37.46 24.47 -6.92
C SER E 12 37.33 23.79 -5.57
N ARG E 13 37.74 22.53 -5.52
CA ARG E 13 37.68 21.79 -4.25
C ARG E 13 38.62 22.38 -3.22
N HIS E 14 39.79 22.83 -3.66
CA HIS E 14 40.81 23.40 -2.79
C HIS E 14 41.19 24.79 -3.28
N PRO E 15 41.79 25.62 -2.42
CA PRO E 15 42.34 26.90 -2.88
C PRO E 15 43.30 26.71 -4.04
N ALA E 16 42.94 27.27 -5.19
CA ALA E 16 43.67 27.00 -6.42
C ALA E 16 44.99 27.75 -6.48
N GLU E 17 46.03 27.08 -6.99
CA GLU E 17 47.29 27.70 -7.32
C GLU E 17 47.82 27.09 -8.61
N ASN E 18 48.57 27.88 -9.36
CA ASN E 18 49.01 27.46 -10.68
C ASN E 18 49.93 26.25 -10.60
N GLY E 19 49.76 25.33 -11.55
CA GLY E 19 50.59 24.15 -11.64
C GLY E 19 50.24 23.04 -10.68
N LYS E 20 49.21 23.20 -9.86
CA LYS E 20 48.82 22.22 -8.86
C LYS E 20 47.48 21.60 -9.24
N SER E 21 47.40 20.27 -9.16
CA SER E 21 46.17 19.58 -9.50
C SER E 21 45.05 19.90 -8.53
N ASN E 22 43.82 19.84 -9.01
CA ASN E 22 42.66 20.23 -8.23
C ASN E 22 41.42 19.63 -8.89
N PHE E 23 40.25 19.97 -8.36
CA PHE E 23 38.98 19.53 -8.91
C PHE E 23 38.12 20.76 -9.19
N LEU E 24 37.59 20.85 -10.41
CA LEU E 24 36.70 21.92 -10.82
C LEU E 24 35.26 21.45 -10.63
N ASN E 25 34.52 22.15 -9.78
CA ASN E 25 33.16 21.76 -9.42
C ASN E 25 32.15 22.73 -10.04
N CYS E 26 31.05 22.17 -10.52
CA CYS E 26 29.87 22.95 -10.91
C CYS E 26 28.69 22.42 -10.10
N TYR E 27 28.22 23.21 -9.15
CA TYR E 27 27.10 22.82 -8.30
C TYR E 27 25.83 23.42 -8.85
N VAL E 28 24.89 22.56 -9.23
CA VAL E 28 23.57 22.97 -9.72
C VAL E 28 22.53 22.46 -8.73
N SER E 29 21.61 23.33 -8.34
CA SER E 29 20.65 23.01 -7.29
C SER E 29 19.39 23.83 -7.49
N GLY E 30 18.33 23.43 -6.78
CA GLY E 30 17.10 24.17 -6.78
C GLY E 30 16.31 24.13 -8.08
N PHE E 31 16.56 23.13 -8.94
CA PHE E 31 15.92 23.07 -10.24
C PHE E 31 14.90 21.94 -10.29
N HIS E 32 14.00 22.04 -11.27
CA HIS E 32 12.93 21.09 -11.50
C HIS E 32 12.34 21.36 -12.88
N PRO E 33 12.14 20.33 -13.72
CA PRO E 33 12.37 18.90 -13.50
C PRO E 33 13.85 18.50 -13.49
N SER E 34 14.09 17.19 -13.39
CA SER E 34 15.44 16.70 -13.16
C SER E 34 16.29 16.76 -14.42
N ASP E 35 15.68 16.70 -15.60
CA ASP E 35 16.43 16.72 -16.84
C ASP E 35 17.19 18.03 -16.97
N ILE E 36 18.50 17.95 -17.09
CA ILE E 36 19.36 19.13 -17.14
C ILE E 36 20.64 18.76 -17.87
N GLU E 37 21.18 19.72 -18.62
CA GLU E 37 22.40 19.55 -19.38
C GLU E 37 23.47 20.45 -18.77
N VAL E 38 24.51 19.84 -18.19
CA VAL E 38 25.59 20.57 -17.55
C VAL E 38 26.88 20.23 -18.26
N ASP E 39 27.64 21.26 -18.64
CA ASP E 39 28.91 21.10 -19.31
C ASP E 39 29.97 21.92 -18.58
N LEU E 40 31.21 21.47 -18.66
CA LEU E 40 32.35 22.17 -18.09
C LEU E 40 33.29 22.56 -19.21
N LEU E 41 33.71 23.82 -19.23
CA LEU E 41 34.43 24.39 -20.37
C LEU E 41 35.83 24.81 -19.98
N LYS E 42 36.79 24.52 -20.86
CA LYS E 42 38.16 25.01 -20.75
C LYS E 42 38.41 25.88 -21.97
N ASN E 43 38.44 27.21 -21.75
CA ASN E 43 38.57 28.18 -22.84
C ASN E 43 37.47 28.00 -23.88
N GLY E 44 36.24 27.85 -23.39
CA GLY E 44 35.09 27.64 -24.25
C GLY E 44 34.96 26.25 -24.83
N GLU E 45 35.91 25.36 -24.56
CA GLU E 45 35.92 24.02 -25.13
C GLU E 45 35.43 23.01 -24.10
N ARG E 46 34.60 22.07 -24.55
CA ARG E 46 33.97 21.11 -23.66
C ARG E 46 35.01 20.14 -23.08
N ILE E 47 34.97 19.95 -21.77
CA ILE E 47 35.83 18.98 -21.08
C ILE E 47 35.16 17.61 -21.12
N GLU E 48 35.93 16.59 -21.47
CA GLU E 48 35.37 15.27 -21.74
C GLU E 48 35.20 14.43 -20.47
N LYS E 49 36.24 14.31 -19.65
CA LYS E 49 36.18 13.44 -18.47
C LYS E 49 35.53 14.20 -17.32
N VAL E 50 34.20 14.24 -17.35
CA VAL E 50 33.40 14.89 -16.33
C VAL E 50 32.46 13.87 -15.72
N GLU E 51 32.42 13.81 -14.39
CA GLU E 51 31.52 12.94 -13.65
C GLU E 51 30.55 13.79 -12.84
N HIS E 52 29.50 13.16 -12.33
CA HIS E 52 28.52 13.87 -11.55
C HIS E 52 27.98 12.96 -10.45
N SER E 53 27.40 13.60 -9.43
CA SER E 53 26.82 12.89 -8.30
C SER E 53 25.46 12.29 -8.70
N ASP E 54 24.93 11.44 -7.81
CA ASP E 54 23.63 10.84 -8.02
C ASP E 54 22.52 11.85 -7.75
N LEU E 55 21.43 11.71 -8.49
CA LEU E 55 20.33 12.67 -8.40
C LEU E 55 19.66 12.60 -7.04
N SER E 56 19.54 13.76 -6.39
CA SER E 56 18.84 13.90 -5.13
C SER E 56 18.06 15.20 -5.17
N PHE E 57 17.29 15.47 -4.11
CA PHE E 57 16.48 16.68 -4.07
C PHE E 57 16.27 17.13 -2.63
N SER E 58 15.81 18.36 -2.49
CA SER E 58 15.64 19.02 -1.20
C SER E 58 14.19 18.93 -0.74
N LYS E 59 13.91 19.55 0.41
CA LYS E 59 12.56 19.47 0.98
C LYS E 59 11.51 20.07 0.05
N ASP E 60 11.86 21.11 -0.70
CA ASP E 60 10.94 21.69 -1.66
C ASP E 60 10.89 20.92 -2.98
N TRP E 61 11.44 19.72 -3.01
CA TRP E 61 11.44 18.78 -4.14
C TRP E 61 12.36 19.21 -5.28
N SER E 62 13.10 20.29 -5.13
CA SER E 62 14.02 20.74 -6.17
C SER E 62 15.31 19.93 -6.12
N PHE E 63 15.82 19.58 -7.30
CA PHE E 63 16.96 18.68 -7.41
C PHE E 63 18.29 19.42 -7.28
N TYR E 64 19.35 18.66 -7.00
CA TYR E 64 20.69 19.20 -6.98
C TYR E 64 21.67 18.15 -7.45
N LEU E 65 22.72 18.60 -8.14
CA LEU E 65 23.76 17.72 -8.67
C LEU E 65 25.11 18.43 -8.57
N LEU E 66 26.16 17.64 -8.43
CA LEU E 66 27.52 18.15 -8.45
C LEU E 66 28.25 17.56 -9.64
N TYR E 67 28.61 18.41 -10.60
CA TYR E 67 29.46 18.03 -11.72
C TYR E 67 30.89 18.44 -11.42
N TYR E 68 31.83 17.54 -11.68
CA TYR E 68 33.21 17.76 -11.29
C TYR E 68 34.15 17.05 -12.24
N THR E 69 35.39 17.54 -12.29
CA THR E 69 36.45 16.94 -13.07
C THR E 69 37.78 17.37 -12.47
N GLU E 70 38.81 16.59 -12.74
CA GLU E 70 40.14 16.93 -12.30
C GLU E 70 40.80 17.89 -13.30
N PHE E 71 41.51 18.89 -12.79
CA PHE E 71 42.13 19.88 -13.64
C PHE E 71 43.32 20.49 -12.90
N THR E 72 44.03 21.36 -13.61
CA THR E 72 45.17 22.10 -13.04
C THR E 72 45.02 23.55 -13.46
N PRO E 73 44.67 24.45 -12.54
CA PRO E 73 44.48 25.86 -12.93
C PRO E 73 45.78 26.53 -13.28
N THR E 74 45.73 27.39 -14.29
CA THR E 74 46.86 28.21 -14.72
C THR E 74 46.39 29.65 -14.89
N GLU E 75 47.31 30.52 -15.32
CA GLU E 75 46.96 31.93 -15.49
C GLU E 75 46.18 32.17 -16.78
N LYS E 76 46.61 31.56 -17.89
CA LYS E 76 45.96 31.82 -19.17
C LYS E 76 44.59 31.16 -19.26
N ASP E 77 44.41 30.00 -18.63
CA ASP E 77 43.25 29.17 -18.88
C ASP E 77 42.01 29.72 -18.19
N GLU E 78 40.93 29.86 -18.96
CA GLU E 78 39.62 30.19 -18.42
C GLU E 78 38.80 28.91 -18.27
N TYR E 79 38.02 28.86 -17.19
CA TYR E 79 37.14 27.72 -16.94
C TYR E 79 35.73 28.24 -16.66
N ALA E 80 34.74 27.51 -17.17
CA ALA E 80 33.36 27.91 -17.02
C ALA E 80 32.48 26.67 -17.05
N CYS E 81 31.17 26.89 -16.94
CA CYS E 81 30.19 25.82 -17.05
C CYS E 81 29.05 26.29 -17.93
N ARG E 82 28.54 25.37 -18.75
CA ARG E 82 27.34 25.60 -19.54
C ARG E 82 26.21 24.80 -18.93
N VAL E 83 25.13 25.48 -18.55
CA VAL E 83 23.96 24.85 -17.97
C VAL E 83 22.77 25.13 -18.87
N ASN E 84 22.09 24.06 -19.29
CA ASN E 84 20.88 24.18 -20.10
C ASN E 84 19.75 23.46 -19.39
N HIS E 85 18.64 24.16 -19.20
CA HIS E 85 17.48 23.61 -18.52
C HIS E 85 16.22 24.08 -19.25
N VAL E 86 15.12 23.35 -19.05
CA VAL E 86 13.87 23.68 -19.74
C VAL E 86 13.35 25.04 -19.32
N THR E 87 13.73 25.51 -18.13
CA THR E 87 13.27 26.79 -17.63
C THR E 87 14.04 27.97 -18.20
N LEU E 88 15.23 27.73 -18.75
CA LEU E 88 16.08 28.79 -19.27
C LEU E 88 15.75 29.08 -20.73
N SER E 89 15.71 30.38 -21.07
CA SER E 89 15.54 30.76 -22.47
C SER E 89 16.77 30.45 -23.31
N GLN E 90 17.93 30.31 -22.67
CA GLN E 90 19.18 30.03 -23.36
C GLN E 90 20.14 29.40 -22.36
N PRO E 91 21.16 28.68 -22.83
CA PRO E 91 22.16 28.14 -21.90
C PRO E 91 22.87 29.25 -21.15
N LYS E 92 23.12 29.01 -19.87
CA LYS E 92 23.76 29.99 -19.00
C LYS E 92 25.21 29.61 -18.77
N ILE E 93 26.12 30.57 -18.97
CA ILE E 93 27.55 30.37 -18.80
C ILE E 93 27.98 31.09 -17.53
N VAL E 94 28.65 30.37 -16.63
CA VAL E 94 29.21 30.93 -15.41
C VAL E 94 30.70 30.66 -15.42
N LYS E 95 31.50 31.72 -15.56
CA LYS E 95 32.95 31.56 -15.51
C LYS E 95 33.40 31.19 -14.10
N TRP E 96 34.57 30.57 -14.02
CA TRP E 96 35.16 30.21 -12.74
C TRP E 96 36.01 31.37 -12.22
N ASP E 97 35.70 31.83 -11.01
CA ASP E 97 36.50 32.84 -10.31
C ASP E 97 37.18 32.16 -9.14
N ARG E 98 38.52 32.14 -9.17
CA ARG E 98 39.24 31.45 -8.11
C ARG E 98 39.12 32.16 -6.76
N ASP E 99 38.61 33.38 -6.72
CA ASP E 99 38.34 34.06 -5.46
C ASP E 99 36.92 33.81 -4.95
N MET E 100 36.20 32.89 -5.58
CA MET E 100 34.81 32.61 -5.19
C MET E 100 34.48 31.12 -5.28
N ARG F 1 17.70 0.47 5.76
CA ARG F 1 17.32 -0.18 4.51
C ARG F 1 16.04 0.43 3.95
N LEU F 2 15.71 0.04 2.72
CA LEU F 2 14.52 0.56 2.08
C LEU F 2 13.25 0.01 2.74
N PRO F 3 12.14 0.73 2.64
CA PRO F 3 10.85 0.12 3.01
C PRO F 3 10.56 -1.06 2.11
N ALA F 4 9.96 -2.10 2.70
CA ALA F 4 9.75 -3.35 1.96
C ALA F 4 8.76 -3.17 0.83
N LYS F 5 7.67 -2.44 1.07
CA LYS F 5 6.62 -2.28 0.07
C LYS F 5 6.29 -0.80 -0.09
N ALA F 6 6.33 -0.32 -1.33
CA ALA F 6 6.00 1.07 -1.63
C ALA F 6 4.49 1.26 -1.69
N PRO F 7 4.01 2.43 -1.27
CA PRO F 7 2.56 2.68 -1.30
C PRO F 7 2.06 2.82 -2.73
N LEU F 8 0.78 2.48 -2.92
CA LEU F 8 0.09 2.67 -4.17
C LEU F 8 -0.74 3.94 -4.11
N LEU F 9 -0.60 4.80 -5.12
CA LEU F 9 -1.35 6.04 -5.17
C LEU F 9 -2.62 5.88 -6.00
N GLY G 1 -23.34 -24.34 11.11
CA GLY G 1 -22.59 -24.80 9.97
C GLY G 1 -21.41 -23.92 9.61
N SER G 2 -20.47 -24.46 8.84
CA SER G 2 -19.29 -23.71 8.44
C SER G 2 -19.58 -22.87 7.21
N HIS G 3 -18.89 -21.73 7.12
CA HIS G 3 -19.02 -20.83 5.99
C HIS G 3 -17.64 -20.37 5.54
N SER G 4 -17.57 -19.87 4.31
CA SER G 4 -16.29 -19.46 3.73
C SER G 4 -16.48 -18.26 2.82
N LEU G 5 -15.44 -17.43 2.75
CA LEU G 5 -15.38 -16.32 1.81
C LEU G 5 -14.11 -16.51 0.97
N LYS G 6 -14.29 -16.74 -0.34
CA LYS G 6 -13.18 -17.13 -1.20
C LYS G 6 -13.13 -16.24 -2.42
N TYR G 7 -11.92 -15.90 -2.84
CA TYR G 7 -11.69 -15.13 -4.06
C TYR G 7 -10.75 -15.88 -4.99
N PHE G 8 -10.99 -15.77 -6.29
CA PHE G 8 -10.20 -16.44 -7.31
C PHE G 8 -9.78 -15.42 -8.34
N HIS G 9 -8.49 -15.20 -8.48
CA HIS G 9 -7.94 -14.20 -9.40
C HIS G 9 -7.18 -14.90 -10.51
N THR G 10 -7.46 -14.50 -11.75
CA THR G 10 -6.81 -15.07 -12.92
C THR G 10 -6.27 -13.94 -13.79
N SER G 11 -5.00 -14.02 -14.13
CA SER G 11 -4.36 -13.06 -15.03
C SER G 11 -3.69 -13.81 -16.16
N VAL G 12 -4.02 -13.45 -17.39
CA VAL G 12 -3.51 -14.11 -18.58
C VAL G 12 -2.93 -13.04 -19.49
N SER G 13 -1.62 -13.12 -19.74
CA SER G 13 -0.98 -12.16 -20.62
C SER G 13 -1.33 -12.46 -22.07
N ARG G 14 -1.46 -11.38 -22.85
CA ARG G 14 -1.78 -11.49 -24.28
C ARG G 14 -0.65 -10.86 -25.07
N PRO G 15 0.23 -11.68 -25.68
CA PRO G 15 1.48 -11.15 -26.24
C PRO G 15 1.30 -9.95 -27.17
N GLY G 16 0.38 -10.01 -28.12
CA GLY G 16 0.25 -8.96 -29.11
C GLY G 16 -1.04 -8.16 -29.09
N ARG G 17 -1.86 -8.25 -28.04
CA ARG G 17 -3.11 -7.52 -28.01
C ARG G 17 -3.20 -6.59 -26.81
N GLY G 18 -2.08 -6.30 -26.14
CA GLY G 18 -2.09 -5.33 -25.07
C GLY G 18 -1.83 -5.88 -23.67
N GLU G 19 -2.43 -5.24 -22.67
CA GLU G 19 -2.21 -5.61 -21.29
C GLU G 19 -2.90 -6.94 -20.98
N PRO G 20 -2.45 -7.65 -19.94
CA PRO G 20 -3.05 -8.96 -19.64
C PRO G 20 -4.52 -8.86 -19.25
N ARG G 21 -5.27 -9.90 -19.60
CA ARG G 21 -6.64 -10.05 -19.14
C ARG G 21 -6.64 -10.42 -17.67
N PHE G 22 -7.48 -9.73 -16.88
CA PHE G 22 -7.56 -9.98 -15.45
C PHE G 22 -9.02 -10.14 -15.05
N ILE G 23 -9.32 -11.19 -14.30
CA ILE G 23 -10.67 -11.49 -13.86
C ILE G 23 -10.62 -11.95 -12.41
N SER G 24 -11.51 -11.39 -11.58
CA SER G 24 -11.64 -11.77 -10.18
C SER G 24 -13.09 -12.10 -9.88
N VAL G 25 -13.31 -13.19 -9.16
CA VAL G 25 -14.63 -13.58 -8.70
C VAL G 25 -14.56 -13.89 -7.21
N GLY G 26 -15.64 -13.58 -6.52
CA GLY G 26 -15.76 -13.87 -5.09
C GLY G 26 -16.92 -14.81 -4.83
N TYR G 27 -16.72 -15.72 -3.88
CA TYR G 27 -17.74 -16.69 -3.51
C TYR G 27 -17.98 -16.61 -2.00
N VAL G 28 -19.25 -16.58 -1.60
CA VAL G 28 -19.65 -16.85 -0.23
C VAL G 28 -20.28 -18.23 -0.25
N ASP G 29 -19.63 -19.20 0.41
CA ASP G 29 -19.99 -20.61 0.29
C ASP G 29 -19.98 -21.03 -1.16
N ASP G 30 -21.14 -21.45 -1.69
CA ASP G 30 -21.25 -21.87 -3.08
C ASP G 30 -21.90 -20.81 -3.97
N THR G 31 -21.99 -19.58 -3.50
CA THR G 31 -22.68 -18.50 -4.21
C THR G 31 -21.66 -17.45 -4.62
N GLN G 32 -21.52 -17.24 -5.94
CA GLN G 32 -20.71 -16.12 -6.41
C GLN G 32 -21.48 -14.84 -6.17
N PHE G 33 -20.81 -13.82 -5.64
CA PHE G 33 -21.48 -12.58 -5.28
C PHE G 33 -20.84 -11.33 -5.86
N VAL G 34 -19.59 -11.37 -6.31
CA VAL G 34 -18.96 -10.24 -6.98
C VAL G 34 -18.12 -10.74 -8.14
N ARG G 35 -17.81 -9.82 -9.06
CA ARG G 35 -16.95 -10.11 -10.19
C ARG G 35 -16.23 -8.84 -10.61
N PHE G 36 -14.96 -8.99 -10.99
CA PHE G 36 -14.22 -7.92 -11.64
C PHE G 36 -13.57 -8.49 -12.90
N ASP G 37 -13.76 -7.80 -14.02
CA ASP G 37 -13.18 -8.19 -15.31
C ASP G 37 -12.60 -6.93 -15.94
N ASN G 38 -11.29 -6.94 -16.20
CA ASN G 38 -10.64 -5.75 -16.73
C ASN G 38 -10.83 -5.59 -18.23
N ASP G 39 -11.63 -6.44 -18.87
CA ASP G 39 -11.87 -6.35 -20.31
C ASP G 39 -13.04 -5.39 -20.56
N ALA G 40 -12.82 -4.14 -20.14
CA ALA G 40 -13.80 -3.07 -20.28
C ALA G 40 -13.03 -1.76 -20.29
N ALA G 41 -13.74 -0.69 -20.68
CA ALA G 41 -13.10 0.62 -20.77
C ALA G 41 -12.60 1.09 -19.41
N SER G 42 -13.48 1.11 -18.41
CA SER G 42 -13.14 1.50 -17.03
C SER G 42 -13.74 0.44 -16.12
N PRO G 43 -13.07 -0.70 -15.99
CA PRO G 43 -13.68 -1.84 -15.28
C PRO G 43 -13.91 -1.54 -13.80
N ARG G 44 -15.04 -2.04 -13.30
CA ARG G 44 -15.44 -1.89 -11.91
C ARG G 44 -15.82 -3.24 -11.32
N MET G 45 -15.78 -3.32 -10.00
CA MET G 45 -16.36 -4.47 -9.30
C MET G 45 -17.87 -4.34 -9.31
N VAL G 46 -18.55 -5.41 -9.71
CA VAL G 46 -20.01 -5.37 -9.85
C VAL G 46 -20.62 -6.52 -9.04
N PRO G 47 -21.86 -6.39 -8.59
CA PRO G 47 -22.49 -7.50 -7.86
C PRO G 47 -22.94 -8.61 -8.79
N ARG G 48 -22.82 -9.85 -8.29
CA ARG G 48 -23.29 -11.02 -9.02
C ARG G 48 -24.36 -11.78 -8.25
N ALA G 49 -24.80 -11.29 -7.10
CA ALA G 49 -25.91 -11.83 -6.35
C ALA G 49 -26.85 -10.69 -6.01
N PRO G 50 -28.17 -10.95 -6.02
CA PRO G 50 -29.13 -9.85 -5.79
C PRO G 50 -28.97 -9.17 -4.45
N TRP G 51 -28.62 -9.91 -3.40
CA TRP G 51 -28.50 -9.32 -2.07
C TRP G 51 -27.28 -8.41 -1.93
N MET G 52 -26.38 -8.38 -2.92
CA MET G 52 -25.25 -7.48 -2.88
C MET G 52 -25.59 -6.09 -3.41
N GLU G 53 -26.70 -5.95 -4.14
CA GLU G 53 -27.06 -4.68 -4.75
C GLU G 53 -27.39 -3.59 -3.72
N GLN G 54 -27.58 -3.96 -2.45
CA GLN G 54 -27.88 -2.98 -1.41
C GLN G 54 -26.64 -2.33 -0.83
N GLU G 55 -25.44 -2.67 -1.32
CA GLU G 55 -24.23 -2.00 -0.89
C GLU G 55 -24.10 -0.64 -1.57
N GLY G 56 -23.69 0.36 -0.80
CA GLY G 56 -23.52 1.70 -1.31
C GLY G 56 -22.25 1.86 -2.12
N SER G 57 -22.06 3.07 -2.64
CA SER G 57 -20.89 3.34 -3.49
C SER G 57 -19.60 3.26 -2.70
N GLU G 58 -19.66 3.49 -1.38
CA GLU G 58 -18.45 3.36 -0.57
C GLU G 58 -17.86 1.97 -0.66
N TYR G 59 -18.72 0.95 -0.73
CA TYR G 59 -18.23 -0.42 -0.90
C TYR G 59 -17.67 -0.63 -2.29
N TRP G 60 -18.45 -0.26 -3.32
CA TRP G 60 -18.06 -0.56 -4.69
C TRP G 60 -16.85 0.28 -5.13
N ASP G 61 -16.75 1.53 -4.67
CA ASP G 61 -15.57 2.32 -5.00
C ASP G 61 -14.31 1.69 -4.43
N ARG G 62 -14.37 1.21 -3.19
CA ARG G 62 -13.21 0.60 -2.56
C ARG G 62 -12.85 -0.72 -3.23
N GLU G 63 -13.84 -1.56 -3.51
CA GLU G 63 -13.58 -2.83 -4.15
C GLU G 63 -13.04 -2.63 -5.57
N THR G 64 -13.52 -1.60 -6.26
CA THR G 64 -12.99 -1.31 -7.59
C THR G 64 -11.52 -0.91 -7.52
N ARG G 65 -11.17 -0.05 -6.55
CA ARG G 65 -9.78 0.38 -6.41
C ARG G 65 -8.87 -0.80 -6.08
N SER G 66 -9.31 -1.70 -5.19
CA SER G 66 -8.50 -2.87 -4.85
C SER G 66 -8.30 -3.78 -6.05
N ALA G 67 -9.37 -4.02 -6.82
CA ALA G 67 -9.26 -4.92 -7.96
C ALA G 67 -8.40 -4.33 -9.06
N ARG G 68 -8.53 -3.02 -9.32
CA ARG G 68 -7.70 -2.38 -10.32
C ARG G 68 -6.23 -2.44 -9.95
N ASP G 69 -5.90 -2.19 -8.68
CA ASP G 69 -4.51 -2.27 -8.24
C ASP G 69 -4.00 -3.71 -8.29
N THR G 70 -4.85 -4.68 -7.95
CA THR G 70 -4.44 -6.08 -8.03
C THR G 70 -4.12 -6.46 -9.48
N ALA G 71 -4.93 -5.98 -10.43
CA ALA G 71 -4.65 -6.24 -11.84
C ALA G 71 -3.30 -5.67 -12.25
N GLN G 72 -2.97 -4.48 -11.76
CA GLN G 72 -1.68 -3.88 -12.08
C GLN G 72 -0.53 -4.68 -11.47
N ILE G 73 -0.70 -5.16 -10.24
CA ILE G 73 0.33 -5.95 -9.59
C ILE G 73 0.57 -7.25 -10.34
N PHE G 74 -0.50 -7.89 -10.82
CA PHE G 74 -0.35 -9.16 -11.53
C PHE G 74 0.34 -8.97 -12.88
N ARG G 75 0.14 -7.83 -13.53
CA ARG G 75 0.89 -7.53 -14.74
C ARG G 75 2.38 -7.45 -14.46
N VAL G 76 2.76 -6.84 -13.33
CA VAL G 76 4.16 -6.82 -12.93
C VAL G 76 4.64 -8.23 -12.59
N ASN G 77 3.81 -8.99 -11.86
CA ASN G 77 4.20 -10.35 -11.47
C ASN G 77 4.41 -11.24 -12.69
N LEU G 78 3.57 -11.07 -13.71
CA LEU G 78 3.70 -11.87 -14.93
C LEU G 78 5.04 -11.62 -15.61
N ARG G 79 5.48 -10.36 -15.67
CA ARG G 79 6.76 -10.07 -16.28
C ARG G 79 7.93 -10.42 -15.35
N THR G 80 7.72 -10.38 -14.04
CA THR G 80 8.73 -10.87 -13.11
C THR G 80 8.96 -12.36 -13.31
N LEU G 81 7.87 -13.15 -13.31
CA LEU G 81 8.00 -14.58 -13.52
C LEU G 81 8.53 -14.89 -14.91
N ARG G 82 8.18 -14.08 -15.90
CA ARG G 82 8.75 -14.22 -17.24
C ARG G 82 10.27 -14.13 -17.19
N GLY G 83 10.80 -13.22 -16.36
CA GLY G 83 12.24 -13.11 -16.22
C GLY G 83 12.85 -14.24 -15.42
N TYR G 84 12.15 -14.69 -14.38
CA TYR G 84 12.64 -15.82 -13.58
C TYR G 84 12.91 -17.04 -14.46
N TYR G 85 11.94 -17.41 -15.30
CA TYR G 85 12.05 -18.60 -16.13
C TYR G 85 12.65 -18.32 -17.50
N ASN G 86 13.09 -17.09 -17.76
CA ASN G 86 13.73 -16.73 -19.03
C ASN G 86 12.85 -17.10 -20.22
N GLN G 87 11.59 -16.70 -20.14
CA GLN G 87 10.59 -17.01 -21.16
C GLN G 87 10.44 -15.85 -22.13
N SER G 88 10.12 -16.19 -23.38
CA SER G 88 9.94 -15.19 -24.41
C SER G 88 8.66 -14.41 -24.18
N GLU G 89 8.60 -13.20 -24.75
CA GLU G 89 7.39 -12.39 -24.66
C GLU G 89 6.30 -12.84 -25.63
N ALA G 90 6.63 -13.71 -26.58
CA ALA G 90 5.65 -14.15 -27.57
C ALA G 90 4.69 -15.20 -27.05
N GLY G 91 4.97 -15.78 -25.89
CA GLY G 91 4.14 -16.84 -25.34
C GLY G 91 3.20 -16.31 -24.27
N SER G 92 1.97 -16.83 -24.28
CA SER G 92 0.99 -16.45 -23.28
C SER G 92 1.18 -17.27 -22.01
N HIS G 93 1.07 -16.60 -20.86
CA HIS G 93 1.25 -17.26 -19.57
C HIS G 93 0.14 -16.86 -18.63
N THR G 94 -0.08 -17.68 -17.61
CA THR G 94 -1.21 -17.54 -16.70
C THR G 94 -0.71 -17.47 -15.27
N LEU G 95 -1.21 -16.50 -14.52
CA LEU G 95 -0.94 -16.38 -13.09
C LEU G 95 -2.27 -16.37 -12.34
N GLN G 96 -2.40 -17.27 -11.36
CA GLN G 96 -3.63 -17.42 -10.60
C GLN G 96 -3.35 -17.21 -9.12
N TRP G 97 -4.35 -16.64 -8.43
CA TRP G 97 -4.27 -16.37 -7.01
C TRP G 97 -5.60 -16.72 -6.37
N MET G 98 -5.56 -17.56 -5.34
CA MET G 98 -6.75 -17.89 -4.57
C MET G 98 -6.47 -17.68 -3.10
N HIS G 99 -7.46 -17.14 -2.39
CA HIS G 99 -7.35 -16.91 -0.96
C HIS G 99 -8.73 -16.94 -0.34
N GLY G 100 -8.79 -17.18 0.96
CA GLY G 100 -10.07 -17.24 1.62
C GLY G 100 -9.91 -17.56 3.10
N CYS G 101 -11.01 -17.39 3.81
CA CYS G 101 -11.10 -17.72 5.22
C CYS G 101 -12.33 -18.58 5.46
N GLU G 102 -12.23 -19.47 6.45
CA GLU G 102 -13.32 -20.38 6.79
C GLU G 102 -13.72 -20.16 8.24
N LEU G 103 -15.02 -20.09 8.48
CA LEU G 103 -15.56 -20.00 9.84
C LEU G 103 -16.05 -21.37 10.29
N GLY G 104 -15.86 -21.66 11.58
CA GLY G 104 -16.45 -22.82 12.18
C GLY G 104 -17.92 -22.62 12.49
N PRO G 105 -18.55 -23.66 13.05
CA PRO G 105 -19.94 -23.52 13.47
C PRO G 105 -20.14 -22.46 14.53
N ASP G 106 -19.10 -22.16 15.32
CA ASP G 106 -19.16 -21.10 16.31
C ASP G 106 -19.03 -19.71 15.71
N GLY G 107 -18.83 -19.61 14.40
CA GLY G 107 -18.63 -18.32 13.76
C GLY G 107 -17.23 -17.78 13.84
N ARG G 108 -16.32 -18.47 14.51
CA ARG G 108 -14.95 -18.00 14.69
C ARG G 108 -14.07 -18.48 13.53
N PHE G 109 -12.95 -17.78 13.36
CA PHE G 109 -12.00 -18.15 12.32
C PHE G 109 -11.52 -19.58 12.51
N LEU G 110 -11.59 -20.37 11.45
CA LEU G 110 -11.16 -21.76 11.48
C LEU G 110 -9.96 -22.04 10.61
N ARG G 111 -9.92 -21.50 9.38
CA ARG G 111 -8.84 -21.80 8.46
C ARG G 111 -8.73 -20.68 7.44
N GLY G 112 -7.51 -20.20 7.21
CA GLY G 112 -7.23 -19.28 6.13
C GLY G 112 -6.17 -19.89 5.23
N TYR G 113 -6.19 -19.46 3.97
CA TYR G 113 -5.27 -20.01 2.98
C TYR G 113 -4.97 -18.97 1.92
N GLU G 114 -3.80 -19.12 1.30
CA GLU G 114 -3.42 -18.28 0.17
C GLU G 114 -2.42 -19.04 -0.67
N GLN G 115 -2.61 -19.04 -1.99
CA GLN G 115 -1.76 -19.83 -2.87
C GLN G 115 -1.70 -19.17 -4.24
N PHE G 116 -0.53 -19.29 -4.87
CA PHE G 116 -0.30 -18.79 -6.22
C PHE G 116 0.04 -19.95 -7.15
N ALA G 117 -0.35 -19.79 -8.42
CA ALA G 117 -0.02 -20.77 -9.46
C ALA G 117 0.43 -20.05 -10.71
N TYR G 118 1.40 -20.65 -11.40
CA TYR G 118 1.93 -20.13 -12.66
C TYR G 118 1.83 -21.23 -13.70
N ASP G 119 1.09 -20.96 -14.78
CA ASP G 119 0.88 -21.92 -15.87
C ASP G 119 0.29 -23.24 -15.38
N GLY G 120 -0.66 -23.16 -14.45
CA GLY G 120 -1.42 -24.31 -14.02
C GLY G 120 -0.81 -25.16 -12.93
N LYS G 121 0.34 -24.77 -12.40
CA LYS G 121 1.03 -25.53 -11.36
C LYS G 121 1.26 -24.65 -10.14
N ASP G 122 1.23 -25.27 -8.96
CA ASP G 122 1.55 -24.57 -7.73
C ASP G 122 2.87 -23.82 -7.88
N TYR G 123 2.89 -22.59 -7.35
CA TYR G 123 4.09 -21.75 -7.38
C TYR G 123 4.51 -21.33 -5.98
N LEU G 124 3.68 -20.57 -5.28
CA LEU G 124 3.99 -20.08 -3.94
C LEU G 124 2.77 -20.26 -3.05
N THR G 125 2.98 -20.80 -1.86
CA THR G 125 1.88 -21.12 -0.96
C THR G 125 2.09 -20.45 0.39
N LEU G 126 1.06 -19.73 0.85
CA LEU G 126 1.03 -19.29 2.24
C LEU G 126 0.44 -20.41 3.09
N ASN G 127 1.25 -20.96 3.99
CA ASN G 127 0.80 -22.09 4.78
C ASN G 127 -0.29 -21.67 5.76
N GLU G 128 -1.03 -22.66 6.24
CA GLU G 128 -2.18 -22.41 7.12
C GLU G 128 -1.77 -21.85 8.47
N ASP G 129 -0.50 -21.97 8.85
CA ASP G 129 -0.05 -21.25 10.04
C ASP G 129 -0.06 -19.75 9.84
N LEU G 130 -0.23 -19.28 8.60
CA LEU G 130 -0.28 -17.86 8.27
C LEU G 130 0.98 -17.11 8.71
N ARG G 131 2.12 -17.81 8.70
CA ARG G 131 3.40 -17.19 9.02
C ARG G 131 4.55 -17.65 8.14
N SER G 132 4.36 -18.61 7.24
CA SER G 132 5.46 -19.09 6.42
C SER G 132 4.98 -19.35 5.00
N TRP G 133 5.94 -19.37 4.07
CA TRP G 133 5.67 -19.62 2.67
C TRP G 133 6.41 -20.89 2.24
N THR G 134 5.93 -21.52 1.17
CA THR G 134 6.56 -22.70 0.59
C THR G 134 6.66 -22.52 -0.92
N ALA G 135 7.87 -22.58 -1.44
CA ALA G 135 8.14 -22.40 -2.86
C ALA G 135 8.24 -23.74 -3.57
N VAL G 136 7.87 -23.75 -4.84
CA VAL G 136 7.85 -24.98 -5.61
C VAL G 136 9.20 -25.26 -6.29
N ASP G 137 9.98 -24.22 -6.61
CA ASP G 137 11.26 -24.39 -7.27
C ASP G 137 12.16 -23.21 -6.90
N THR G 138 13.33 -23.14 -7.53
CA THR G 138 14.29 -22.08 -7.21
C THR G 138 13.75 -20.71 -7.60
N ALA G 139 12.94 -20.62 -8.65
CA ALA G 139 12.35 -19.34 -9.04
C ALA G 139 11.40 -18.84 -7.98
N ALA G 140 10.52 -19.71 -7.48
CA ALA G 140 9.59 -19.32 -6.44
C ALA G 140 10.29 -19.06 -5.10
N GLN G 141 11.48 -19.62 -4.91
CA GLN G 141 12.23 -19.32 -3.69
C GLN G 141 12.63 -17.85 -3.64
N ILE G 142 12.84 -17.23 -4.80
CA ILE G 142 13.04 -15.79 -4.83
C ILE G 142 11.77 -15.08 -4.37
N SER G 143 10.61 -15.52 -4.88
CA SER G 143 9.34 -14.96 -4.41
C SER G 143 9.15 -15.20 -2.92
N GLU G 144 9.58 -16.38 -2.44
CA GLU G 144 9.50 -16.66 -1.01
C GLU G 144 10.42 -15.73 -0.23
N GLN G 145 11.63 -15.48 -0.74
CA GLN G 145 12.56 -14.59 -0.06
C GLN G 145 12.02 -13.17 -0.01
N LYS G 146 11.38 -12.71 -1.10
CA LYS G 146 10.76 -11.38 -1.09
C LYS G 146 9.65 -11.30 -0.05
N SER G 147 8.80 -12.32 0.01
CA SER G 147 7.67 -12.30 0.94
C SER G 147 8.14 -12.24 2.39
N ASN G 148 9.20 -12.99 2.73
CA ASN G 148 9.75 -12.90 4.08
C ASN G 148 10.29 -11.50 4.37
N ASP G 149 11.01 -10.91 3.41
CA ASP G 149 11.54 -9.57 3.59
C ASP G 149 10.43 -8.54 3.77
N ALA G 150 9.28 -8.75 3.13
CA ALA G 150 8.19 -7.78 3.16
C ALA G 150 7.18 -8.06 4.27
N SER G 151 7.43 -9.07 5.09
CA SER G 151 6.49 -9.49 6.14
C SER G 151 5.11 -9.75 5.55
N GLU G 152 5.08 -10.31 4.33
CA GLU G 152 3.83 -10.48 3.61
C GLU G 152 2.88 -11.42 4.36
N ALA G 153 3.41 -12.47 4.98
CA ALA G 153 2.56 -13.40 5.71
C ALA G 153 1.84 -12.69 6.85
N GLU G 154 2.53 -11.81 7.56
CA GLU G 154 1.88 -11.03 8.61
C GLU G 154 0.74 -10.19 8.05
N HIS G 155 1.00 -9.51 6.93
CA HIS G 155 -0.02 -8.63 6.35
C HIS G 155 -1.20 -9.43 5.82
N GLN G 156 -0.93 -10.58 5.18
CA GLN G 156 -2.02 -11.42 4.71
C GLN G 156 -2.75 -12.09 5.87
N ARG G 157 -2.04 -12.39 6.96
CA ARG G 157 -2.69 -12.97 8.13
C ARG G 157 -3.70 -12.01 8.73
N ALA G 158 -3.37 -10.72 8.77
CA ALA G 158 -4.30 -9.73 9.30
C ALA G 158 -5.56 -9.65 8.44
N TYR G 159 -5.42 -9.75 7.13
CA TYR G 159 -6.59 -9.76 6.25
C TYR G 159 -7.42 -11.01 6.47
N LEU G 160 -6.78 -12.18 6.52
CA LEU G 160 -7.52 -13.44 6.55
C LEU G 160 -8.19 -13.65 7.90
N GLU G 161 -7.52 -13.28 8.99
CA GLU G 161 -8.06 -13.52 10.32
C GLU G 161 -9.05 -12.45 10.78
N ASP G 162 -8.99 -11.24 10.19
CA ASP G 162 -9.80 -10.12 10.66
C ASP G 162 -10.73 -9.61 9.56
N THR G 163 -10.18 -8.99 8.51
CA THR G 163 -11.03 -8.40 7.46
C THR G 163 -11.90 -9.45 6.80
N CYS G 164 -11.31 -10.58 6.42
CA CYS G 164 -12.07 -11.64 5.75
C CYS G 164 -13.18 -12.16 6.65
N VAL G 165 -12.87 -12.37 7.93
CA VAL G 165 -13.86 -12.90 8.87
C VAL G 165 -14.96 -11.88 9.12
N GLU G 166 -14.59 -10.60 9.26
CA GLU G 166 -15.59 -9.56 9.53
C GLU G 166 -16.59 -9.44 8.39
N TRP G 167 -16.11 -9.42 7.16
CA TRP G 167 -17.00 -9.20 6.01
C TRP G 167 -17.78 -10.44 5.64
N LEU G 168 -17.25 -11.64 5.91
CA LEU G 168 -18.04 -12.85 5.73
C LEU G 168 -19.27 -12.82 6.62
N HIS G 169 -19.13 -12.39 7.87
CA HIS G 169 -20.28 -12.21 8.74
C HIS G 169 -21.27 -11.21 8.15
N LYS G 170 -20.78 -10.10 7.58
CA LYS G 170 -21.70 -9.12 6.98
C LYS G 170 -22.40 -9.69 5.76
N TYR G 171 -21.68 -10.41 4.91
CA TYR G 171 -22.31 -11.00 3.73
C TYR G 171 -23.37 -12.02 4.11
N LEU G 172 -23.09 -12.85 5.11
CA LEU G 172 -24.07 -13.84 5.57
C LEU G 172 -25.35 -13.17 6.06
N GLU G 173 -25.23 -12.00 6.69
CA GLU G 173 -26.42 -11.31 7.17
C GLU G 173 -27.20 -10.68 6.01
N LYS G 174 -26.50 -10.08 5.04
CA LYS G 174 -27.20 -9.48 3.91
C LYS G 174 -27.87 -10.52 3.02
N GLY G 175 -27.22 -11.66 2.81
CA GLY G 175 -27.80 -12.66 1.93
C GLY G 175 -28.41 -13.83 2.69
N LYS G 176 -28.89 -13.57 3.90
CA LYS G 176 -29.36 -14.66 4.76
C LYS G 176 -30.54 -15.40 4.12
N GLU G 177 -31.41 -14.69 3.41
CA GLU G 177 -32.61 -15.31 2.87
C GLU G 177 -32.29 -16.34 1.79
N THR G 178 -31.09 -16.32 1.23
CA THR G 178 -30.66 -17.34 0.29
C THR G 178 -29.42 -18.10 0.73
N LEU G 179 -28.49 -17.45 1.43
CA LEU G 179 -27.28 -18.13 1.87
C LEU G 179 -27.56 -19.09 3.02
N LEU G 180 -28.42 -18.68 3.96
CA LEU G 180 -28.70 -19.49 5.14
C LEU G 180 -29.97 -20.32 5.05
N HIS G 181 -30.91 -19.96 4.17
CA HIS G 181 -32.12 -20.75 3.96
C HIS G 181 -31.91 -21.60 2.72
N LEU G 182 -31.62 -22.89 2.95
CA LEU G 182 -31.15 -23.80 1.92
C LEU G 182 -32.29 -24.31 1.05
N GLU G 183 -31.96 -24.63 -0.20
CA GLU G 183 -32.93 -25.07 -1.19
C GLU G 183 -32.84 -26.58 -1.39
N PRO G 184 -33.84 -27.35 -0.99
CA PRO G 184 -33.81 -28.80 -1.18
C PRO G 184 -34.01 -29.17 -2.65
N PRO G 185 -33.54 -30.33 -3.09
CA PRO G 185 -33.71 -30.71 -4.49
C PRO G 185 -35.14 -31.16 -4.81
N LYS G 186 -35.55 -30.86 -6.05
CA LYS G 186 -36.69 -31.51 -6.65
C LYS G 186 -36.22 -32.84 -7.23
N THR G 187 -36.93 -33.92 -6.91
CA THR G 187 -36.44 -35.26 -7.22
C THR G 187 -37.47 -36.07 -7.98
N HIS G 188 -36.99 -36.90 -8.90
CA HIS G 188 -37.83 -37.84 -9.64
C HIS G 188 -36.94 -38.90 -10.27
N VAL G 189 -37.53 -40.04 -10.59
CA VAL G 189 -36.81 -41.17 -11.19
C VAL G 189 -37.35 -41.39 -12.60
N THR G 190 -36.45 -41.54 -13.56
CA THR G 190 -36.82 -41.87 -14.93
C THR G 190 -36.35 -43.28 -15.29
N HIS G 191 -37.02 -43.86 -16.28
CA HIS G 191 -36.83 -45.26 -16.67
C HIS G 191 -36.64 -45.33 -18.18
N HIS G 192 -35.55 -45.95 -18.61
CA HIS G 192 -35.20 -46.06 -20.02
C HIS G 192 -34.77 -47.49 -20.32
N PRO G 193 -35.62 -48.28 -20.96
CA PRO G 193 -35.26 -49.67 -21.29
C PRO G 193 -34.10 -49.73 -22.27
N ILE G 194 -33.10 -50.55 -21.93
CA ILE G 194 -31.96 -50.74 -22.81
C ILE G 194 -32.15 -51.94 -23.74
N SER G 195 -32.84 -52.97 -23.26
CA SER G 195 -33.12 -54.15 -24.04
C SER G 195 -34.33 -54.84 -23.42
N ASP G 196 -34.63 -56.05 -23.88
CA ASP G 196 -35.72 -56.81 -23.26
C ASP G 196 -35.37 -57.26 -21.84
N HIS G 197 -34.08 -57.26 -21.48
CA HIS G 197 -33.64 -57.82 -20.21
C HIS G 197 -33.07 -56.80 -19.24
N GLU G 198 -32.72 -55.60 -19.69
CA GLU G 198 -32.13 -54.60 -18.81
C GLU G 198 -32.76 -53.23 -19.07
N ALA G 199 -32.71 -52.39 -18.05
CA ALA G 199 -33.24 -51.03 -18.14
C ALA G 199 -32.44 -50.10 -17.25
N THR G 200 -32.46 -48.82 -17.59
CA THR G 200 -31.78 -47.78 -16.81
C THR G 200 -32.77 -47.05 -15.92
N LEU G 201 -32.43 -46.97 -14.64
CA LEU G 201 -33.14 -46.11 -13.69
C LEU G 201 -32.24 -44.93 -13.35
N ARG G 202 -32.72 -43.72 -13.62
CA ARG G 202 -31.94 -42.51 -13.39
C ARG G 202 -32.63 -41.66 -12.34
N CYS G 203 -31.94 -41.41 -11.24
CA CYS G 203 -32.47 -40.63 -10.13
C CYS G 203 -31.99 -39.20 -10.24
N TRP G 204 -32.93 -38.27 -10.40
CA TRP G 204 -32.60 -36.87 -10.64
C TRP G 204 -32.73 -36.06 -9.36
N ALA G 205 -31.79 -35.12 -9.18
CA ALA G 205 -31.86 -34.12 -8.12
C ALA G 205 -31.60 -32.77 -8.76
N LEU G 206 -32.60 -31.90 -8.77
CA LEU G 206 -32.55 -30.66 -9.54
C LEU G 206 -32.80 -29.45 -8.65
N GLY G 207 -32.09 -28.37 -8.93
CA GLY G 207 -32.38 -27.08 -8.31
C GLY G 207 -32.10 -26.98 -6.82
N PHE G 208 -31.06 -27.65 -6.33
CA PHE G 208 -30.74 -27.64 -4.92
C PHE G 208 -29.57 -26.72 -4.62
N TYR G 209 -29.50 -26.26 -3.37
CA TYR G 209 -28.42 -25.43 -2.87
C TYR G 209 -28.30 -25.71 -1.37
N PRO G 210 -27.09 -25.91 -0.85
CA PRO G 210 -25.80 -25.84 -1.55
C PRO G 210 -25.49 -27.06 -2.42
N ALA G 211 -24.28 -27.11 -2.97
CA ALA G 211 -23.94 -28.11 -3.97
C ALA G 211 -23.69 -29.50 -3.38
N GLU G 212 -23.38 -29.59 -2.09
CA GLU G 212 -23.15 -30.89 -1.47
C GLU G 212 -24.44 -31.72 -1.46
N ILE G 213 -24.33 -32.96 -1.92
CA ILE G 213 -25.48 -33.86 -1.99
C ILE G 213 -24.95 -35.28 -2.11
N THR G 214 -25.79 -36.25 -1.71
CA THR G 214 -25.44 -37.67 -1.79
C THR G 214 -26.62 -38.40 -2.40
N LEU G 215 -26.35 -39.13 -3.49
CA LEU G 215 -27.35 -39.94 -4.17
C LEU G 215 -26.89 -41.40 -4.11
N THR G 216 -27.75 -42.28 -3.58
CA THR G 216 -27.42 -43.69 -3.46
C THR G 216 -28.59 -44.54 -3.90
N TRP G 217 -28.30 -45.59 -4.67
CA TRP G 217 -29.30 -46.56 -5.09
C TRP G 217 -29.23 -47.81 -4.21
N GLN G 218 -30.38 -48.21 -3.69
CA GLN G 218 -30.51 -49.43 -2.90
C GLN G 218 -31.59 -50.30 -3.52
N GLN G 219 -31.62 -51.57 -3.13
CA GLN G 219 -32.69 -52.46 -3.58
C GLN G 219 -33.02 -53.44 -2.46
N ASP G 220 -34.32 -53.70 -2.28
CA ASP G 220 -34.82 -54.54 -1.21
C ASP G 220 -35.21 -55.93 -1.70
N GLY G 221 -34.90 -56.28 -2.94
CA GLY G 221 -35.18 -57.60 -3.46
C GLY G 221 -34.05 -58.58 -3.19
N GLU G 222 -34.21 -59.78 -3.72
CA GLU G 222 -33.17 -60.78 -3.59
C GLU G 222 -31.98 -60.44 -4.48
N GLY G 223 -30.79 -60.82 -4.02
CA GLY G 223 -29.62 -60.79 -4.87
C GLY G 223 -28.79 -59.53 -4.76
N HIS G 224 -27.94 -59.36 -5.77
CA HIS G 224 -26.89 -58.35 -5.77
C HIS G 224 -27.45 -56.98 -6.12
N THR G 225 -26.85 -55.94 -5.52
CA THR G 225 -27.20 -54.57 -5.82
C THR G 225 -26.24 -54.03 -6.88
N GLN G 226 -26.81 -53.59 -8.00
CA GLN G 226 -25.99 -53.06 -9.09
C GLN G 226 -25.36 -51.74 -8.70
N ASP G 227 -24.19 -51.46 -9.26
CA ASP G 227 -23.43 -50.27 -8.92
C ASP G 227 -23.97 -49.05 -9.65
N THR G 228 -23.64 -47.88 -9.12
CA THR G 228 -24.28 -46.62 -9.50
C THR G 228 -23.33 -45.77 -10.33
N GLU G 229 -23.83 -45.26 -11.46
CA GLU G 229 -23.10 -44.30 -12.27
C GLU G 229 -23.53 -42.89 -11.87
N LEU G 230 -22.57 -42.09 -11.42
CA LEU G 230 -22.82 -40.74 -10.93
C LEU G 230 -22.11 -39.71 -11.80
N VAL G 231 -22.82 -38.64 -12.16
CA VAL G 231 -22.22 -37.52 -12.86
C VAL G 231 -21.85 -36.44 -11.86
N GLU G 232 -20.82 -35.68 -12.20
CA GLU G 232 -20.39 -34.56 -11.35
C GLU G 232 -21.51 -33.54 -11.21
N THR G 233 -21.61 -32.97 -10.01
CA THR G 233 -22.58 -31.92 -9.77
C THR G 233 -22.35 -30.75 -10.73
N ARG G 234 -23.43 -30.23 -11.27
CA ARG G 234 -23.36 -29.23 -12.32
C ARG G 234 -24.28 -28.06 -11.99
N PRO G 235 -23.92 -26.84 -12.42
CA PRO G 235 -24.78 -25.69 -12.14
C PRO G 235 -26.01 -25.66 -13.05
N ALA G 236 -27.15 -25.34 -12.46
CA ALA G 236 -28.38 -25.20 -13.23
C ALA G 236 -28.43 -23.89 -14.02
N GLY G 237 -27.67 -22.88 -13.60
CA GLY G 237 -27.68 -21.58 -14.24
C GLY G 237 -28.41 -20.50 -13.48
N ASP G 238 -29.15 -20.86 -12.43
CA ASP G 238 -29.90 -19.90 -11.64
C ASP G 238 -29.38 -19.79 -10.21
N GLY G 239 -28.18 -20.29 -9.95
CA GLY G 239 -27.62 -20.32 -8.61
C GLY G 239 -27.74 -21.66 -7.93
N THR G 240 -28.56 -22.57 -8.45
CA THR G 240 -28.74 -23.90 -7.90
C THR G 240 -27.96 -24.92 -8.73
N PHE G 241 -27.98 -26.17 -8.28
CA PHE G 241 -27.16 -27.22 -8.86
C PHE G 241 -28.01 -28.42 -9.24
N GLN G 242 -27.41 -29.31 -10.03
CA GLN G 242 -28.06 -30.53 -10.49
C GLN G 242 -27.10 -31.70 -10.34
N LYS G 243 -27.68 -32.89 -10.29
CA LYS G 243 -26.92 -34.14 -10.21
C LYS G 243 -27.89 -35.28 -10.45
N TRP G 244 -27.37 -36.38 -10.99
CA TRP G 244 -28.19 -37.60 -11.09
C TRP G 244 -27.32 -38.82 -10.89
N ALA G 245 -27.99 -39.93 -10.55
CA ALA G 245 -27.36 -41.22 -10.32
C ALA G 245 -28.16 -42.26 -11.09
N ALA G 246 -27.46 -43.08 -11.86
CA ALA G 246 -28.10 -44.07 -12.73
C ALA G 246 -27.61 -45.46 -12.39
N VAL G 247 -28.50 -46.43 -12.55
CA VAL G 247 -28.17 -47.84 -12.36
C VAL G 247 -28.89 -48.64 -13.43
N VAL G 248 -28.22 -49.67 -13.94
CA VAL G 248 -28.79 -50.57 -14.93
C VAL G 248 -29.27 -51.82 -14.20
N VAL G 249 -30.54 -52.13 -14.31
CA VAL G 249 -31.13 -53.21 -13.52
C VAL G 249 -31.82 -54.20 -14.45
N PRO G 250 -31.87 -55.48 -14.08
CA PRO G 250 -32.63 -56.46 -14.87
C PRO G 250 -34.12 -56.14 -14.87
N SER G 251 -34.76 -56.33 -16.03
CA SER G 251 -36.19 -56.14 -16.14
C SER G 251 -36.91 -57.06 -15.16
N GLY G 252 -37.88 -56.48 -14.44
CA GLY G 252 -38.58 -57.18 -13.39
C GLY G 252 -38.14 -56.80 -12.00
N GLU G 253 -36.96 -56.18 -11.86
CA GLU G 253 -36.46 -55.76 -10.55
C GLU G 253 -36.53 -54.25 -10.36
N GLU G 254 -37.18 -53.53 -11.28
CA GLU G 254 -37.20 -52.07 -11.20
C GLU G 254 -37.93 -51.57 -9.97
N GLN G 255 -38.96 -52.29 -9.53
CA GLN G 255 -39.79 -51.86 -8.42
C GLN G 255 -39.12 -52.00 -7.06
N ARG G 256 -38.02 -52.76 -6.97
CA ARG G 256 -37.33 -52.93 -5.69
C ARG G 256 -36.22 -51.91 -5.48
N TYR G 257 -35.76 -51.24 -6.53
CA TYR G 257 -34.73 -50.20 -6.38
C TYR G 257 -35.33 -48.87 -5.96
N THR G 258 -34.74 -48.27 -4.94
CA THR G 258 -35.12 -46.96 -4.44
C THR G 258 -33.89 -46.08 -4.35
N CYS G 259 -34.03 -44.81 -4.71
CA CYS G 259 -32.96 -43.84 -4.66
C CYS G 259 -33.02 -43.08 -3.34
N HIS G 260 -31.91 -43.09 -2.60
CA HIS G 260 -31.80 -42.40 -1.32
C HIS G 260 -31.10 -41.07 -1.54
N VAL G 261 -31.79 -39.97 -1.20
CA VAL G 261 -31.30 -38.62 -1.45
C VAL G 261 -31.09 -37.91 -0.12
N GLN G 262 -29.90 -37.38 0.08
CA GLN G 262 -29.55 -36.63 1.28
C GLN G 262 -29.06 -35.24 0.89
N HIS G 263 -29.70 -34.21 1.43
CA HIS G 263 -29.28 -32.84 1.19
C HIS G 263 -29.56 -32.02 2.45
N GLU G 264 -28.73 -31.01 2.67
CA GLU G 264 -28.82 -30.23 3.90
C GLU G 264 -30.13 -29.48 3.99
N GLY G 265 -30.73 -29.14 2.85
CA GLY G 265 -32.01 -28.46 2.76
C GLY G 265 -33.24 -29.31 2.99
N LEU G 266 -33.08 -30.63 3.20
CA LEU G 266 -34.18 -31.55 3.45
C LEU G 266 -34.30 -31.83 4.94
N PRO G 267 -35.51 -31.70 5.52
CA PRO G 267 -35.66 -32.03 6.95
C PRO G 267 -35.33 -33.48 7.27
N GLU G 268 -35.41 -34.37 6.29
CA GLU G 268 -34.98 -35.76 6.43
C GLU G 268 -34.68 -36.29 5.05
N PRO G 269 -33.77 -37.27 4.94
CA PRO G 269 -33.43 -37.80 3.61
C PRO G 269 -34.64 -38.34 2.87
N VAL G 270 -34.60 -38.20 1.55
CA VAL G 270 -35.71 -38.59 0.68
C VAL G 270 -35.39 -39.90 -0.01
N THR G 271 -36.39 -40.76 -0.14
CA THR G 271 -36.30 -42.03 -0.83
C THR G 271 -37.28 -42.01 -2.00
N LEU G 272 -36.85 -42.54 -3.14
CA LEU G 272 -37.63 -42.45 -4.37
C LEU G 272 -37.67 -43.78 -5.10
N ARG G 273 -38.86 -44.14 -5.57
CA ARG G 273 -39.08 -45.32 -6.37
C ARG G 273 -39.62 -44.91 -7.74
N TRP G 274 -39.50 -45.81 -8.71
CA TRP G 274 -40.06 -45.56 -10.02
C TRP G 274 -41.48 -46.09 -10.10
N MET H 1 4.49 -26.40 -19.31
CA MET H 1 3.13 -25.95 -19.01
C MET H 1 2.36 -27.02 -18.24
N ILE H 2 1.10 -26.71 -17.95
CA ILE H 2 0.16 -27.65 -17.34
C ILE H 2 -1.12 -27.49 -18.12
N GLN H 3 -1.40 -28.44 -19.03
CA GLN H 3 -2.58 -28.40 -19.87
C GLN H 3 -3.54 -29.50 -19.44
N ARG H 4 -4.83 -29.18 -19.39
CA ARG H 4 -5.88 -30.11 -19.03
C ARG H 4 -7.04 -29.99 -20.01
N THR H 5 -7.56 -31.13 -20.44
CA THR H 5 -8.67 -31.17 -21.37
C THR H 5 -9.99 -30.89 -20.63
N PRO H 6 -10.88 -30.10 -21.20
CA PRO H 6 -12.15 -29.82 -20.53
C PRO H 6 -13.07 -31.04 -20.49
N LYS H 7 -13.75 -31.20 -19.36
CA LYS H 7 -14.89 -32.10 -19.25
C LYS H 7 -16.14 -31.34 -19.67
N ILE H 8 -17.03 -32.02 -20.40
CA ILE H 8 -18.17 -31.37 -21.02
C ILE H 8 -19.45 -32.05 -20.55
N GLN H 9 -20.39 -31.25 -20.08
CA GLN H 9 -21.76 -31.70 -19.83
C GLN H 9 -22.71 -30.75 -20.55
N VAL H 10 -23.63 -31.32 -21.33
CA VAL H 10 -24.68 -30.56 -22.00
C VAL H 10 -26.02 -31.06 -21.50
N TYR H 11 -26.88 -30.13 -21.12
CA TYR H 11 -28.12 -30.47 -20.42
C TYR H 11 -29.01 -29.23 -20.39
N SER H 12 -30.25 -29.44 -19.96
CA SER H 12 -31.21 -28.35 -19.81
C SER H 12 -31.38 -28.00 -18.34
N ARG H 13 -31.76 -26.74 -18.09
CA ARG H 13 -31.97 -26.30 -16.72
C ARG H 13 -33.15 -27.01 -16.08
N HIS H 14 -34.23 -27.18 -16.81
CA HIS H 14 -35.45 -27.82 -16.34
C HIS H 14 -35.68 -29.11 -17.12
N PRO H 15 -36.50 -30.02 -16.59
CA PRO H 15 -36.85 -31.23 -17.35
C PRO H 15 -37.52 -30.86 -18.67
N ALA H 16 -37.04 -31.49 -19.75
CA ALA H 16 -37.43 -31.08 -21.09
C ALA H 16 -38.87 -31.50 -21.40
N GLU H 17 -39.66 -30.54 -21.86
CA GLU H 17 -41.00 -30.78 -22.37
C GLU H 17 -41.11 -30.09 -23.72
N ASN H 18 -41.59 -30.82 -24.72
CA ASN H 18 -41.64 -30.28 -26.08
C ASN H 18 -42.53 -29.04 -26.15
N GLY H 19 -42.02 -28.02 -26.82
CA GLY H 19 -42.75 -26.78 -27.01
C GLY H 19 -42.76 -25.84 -25.83
N LYS H 20 -42.05 -26.17 -24.75
CA LYS H 20 -42.03 -25.33 -23.55
C LYS H 20 -40.64 -24.72 -23.39
N SER H 21 -40.61 -23.42 -23.12
CA SER H 21 -39.36 -22.69 -23.03
C SER H 21 -38.47 -23.25 -21.93
N ASN H 22 -37.16 -23.23 -22.18
CA ASN H 22 -36.20 -23.83 -21.25
C ASN H 22 -34.86 -23.11 -21.43
N PHE H 23 -33.81 -23.69 -20.86
CA PHE H 23 -32.45 -23.14 -20.94
C PHE H 23 -31.48 -24.27 -21.27
N LEU H 24 -30.71 -24.10 -22.34
CA LEU H 24 -29.71 -25.07 -22.75
C LEU H 24 -28.36 -24.71 -22.14
N ASN H 25 -27.72 -25.68 -21.51
CA ASN H 25 -26.46 -25.45 -20.79
C ASN H 25 -25.37 -26.35 -21.34
N CYS H 26 -24.17 -25.80 -21.46
CA CYS H 26 -22.95 -26.58 -21.73
C CYS H 26 -21.94 -26.22 -20.66
N TYR H 27 -21.66 -27.17 -19.77
CA TYR H 27 -20.79 -26.92 -18.63
C TYR H 27 -19.42 -27.53 -18.90
N VAL H 28 -18.40 -26.67 -18.98
CA VAL H 28 -17.03 -27.10 -19.17
C VAL H 28 -16.26 -26.87 -17.87
N SER H 29 -15.44 -27.85 -17.50
CA SER H 29 -14.70 -27.78 -16.25
C SER H 29 -13.39 -28.54 -16.39
N GLY H 30 -12.49 -28.29 -15.44
CA GLY H 30 -11.25 -29.03 -15.36
C GLY H 30 -10.26 -28.78 -16.47
N PHE H 31 -10.32 -27.63 -17.13
CA PHE H 31 -9.43 -27.35 -18.25
C PHE H 31 -8.41 -26.29 -17.89
N HIS H 32 -7.29 -26.31 -18.60
CA HIS H 32 -6.20 -25.36 -18.46
C HIS H 32 -5.39 -25.37 -19.75
N PRO H 33 -5.04 -24.19 -20.31
CA PRO H 33 -5.33 -22.84 -19.81
C PRO H 33 -6.78 -22.42 -20.00
N SER H 34 -7.09 -21.16 -19.65
CA SER H 34 -8.46 -20.69 -19.63
C SER H 34 -9.03 -20.39 -21.01
N ASP H 35 -8.18 -20.23 -22.02
CA ASP H 35 -8.67 -19.95 -23.36
C ASP H 35 -9.47 -21.14 -23.88
N ILE H 36 -10.72 -20.89 -24.28
CA ILE H 36 -11.60 -21.96 -24.72
C ILE H 36 -12.70 -21.36 -25.59
N GLU H 37 -13.17 -22.15 -26.55
CA GLU H 37 -14.27 -21.76 -27.43
C GLU H 37 -15.40 -22.75 -27.23
N VAL H 38 -16.59 -22.24 -26.91
CA VAL H 38 -17.78 -23.06 -26.72
C VAL H 38 -18.91 -22.44 -27.51
N ASP H 39 -19.52 -23.23 -28.41
CA ASP H 39 -20.66 -22.80 -29.21
C ASP H 39 -21.80 -23.77 -29.00
N LEU H 40 -23.00 -23.24 -28.73
CA LEU H 40 -24.21 -24.04 -28.68
C LEU H 40 -24.82 -24.11 -30.07
N LEU H 41 -25.25 -25.30 -30.48
CA LEU H 41 -25.66 -25.57 -31.84
C LEU H 41 -27.11 -26.05 -31.89
N LYS H 42 -27.82 -25.64 -32.94
CA LYS H 42 -29.16 -26.12 -33.24
C LYS H 42 -29.16 -26.62 -34.68
N ASN H 43 -29.28 -27.94 -34.85
CA ASN H 43 -29.23 -28.58 -36.16
C ASN H 43 -27.95 -28.24 -36.90
N GLY H 44 -26.85 -28.14 -36.16
CA GLY H 44 -25.55 -27.81 -36.72
C GLY H 44 -25.26 -26.33 -36.87
N GLU H 45 -26.26 -25.48 -36.71
CA GLU H 45 -26.07 -24.04 -36.87
C GLU H 45 -25.75 -23.40 -35.53
N ARG H 46 -24.93 -22.35 -35.57
CA ARG H 46 -24.51 -21.67 -34.35
C ARG H 46 -25.66 -20.82 -33.81
N ILE H 47 -25.95 -20.98 -32.52
CA ILE H 47 -27.05 -20.28 -31.88
C ILE H 47 -26.59 -18.87 -31.49
N GLU H 48 -27.42 -17.87 -31.81
CA GLU H 48 -27.12 -16.50 -31.43
C GLU H 48 -27.42 -16.29 -29.95
N LYS H 49 -26.72 -15.30 -29.36
CA LYS H 49 -26.97 -14.85 -27.99
C LYS H 49 -26.76 -15.98 -26.97
N VAL H 50 -25.52 -16.45 -26.93
CA VAL H 50 -25.08 -17.41 -25.91
C VAL H 50 -24.28 -16.67 -24.86
N GLU H 51 -24.69 -16.81 -23.61
CA GLU H 51 -24.01 -16.19 -22.49
C GLU H 51 -23.20 -17.22 -21.72
N HIS H 52 -22.23 -16.74 -20.96
CA HIS H 52 -21.43 -17.61 -20.10
C HIS H 52 -21.17 -16.91 -18.77
N SER H 53 -20.79 -17.72 -17.78
CA SER H 53 -20.53 -17.21 -16.45
C SER H 53 -19.12 -16.66 -16.34
N ASP H 54 -18.83 -16.04 -15.20
CA ASP H 54 -17.52 -15.46 -14.97
C ASP H 54 -16.49 -16.56 -14.70
N LEU H 55 -15.27 -16.34 -15.17
CA LEU H 55 -14.24 -17.36 -15.10
C LEU H 55 -13.80 -17.59 -13.66
N SER H 56 -13.87 -18.83 -13.20
CA SER H 56 -13.35 -19.24 -11.91
C SER H 56 -12.61 -20.56 -12.09
N PHE H 57 -12.04 -21.07 -11.01
CA PHE H 57 -11.26 -22.31 -11.09
C PHE H 57 -11.35 -23.06 -9.77
N SER H 58 -10.86 -24.30 -9.81
CA SER H 58 -10.91 -25.19 -8.66
C SER H 58 -9.58 -25.18 -7.92
N LYS H 59 -9.50 -26.00 -6.86
CA LYS H 59 -8.30 -26.04 -6.04
C LYS H 59 -7.08 -26.54 -6.80
N ASP H 60 -7.29 -27.33 -7.86
CA ASP H 60 -6.19 -27.76 -8.72
C ASP H 60 -5.89 -26.76 -9.83
N TRP H 61 -6.43 -25.54 -9.72
CA TRP H 61 -6.22 -24.41 -10.63
C TRP H 61 -6.92 -24.58 -11.97
N SER H 62 -7.64 -25.67 -12.20
CA SER H 62 -8.34 -25.86 -13.46
C SER H 62 -9.63 -25.06 -13.49
N PHE H 63 -9.96 -24.51 -14.66
CA PHE H 63 -11.06 -23.58 -14.81
C PHE H 63 -12.39 -24.28 -15.07
N TYR H 64 -13.48 -23.55 -14.88
CA TYR H 64 -14.81 -24.03 -15.22
C TYR H 64 -15.68 -22.86 -15.64
N LEU H 65 -16.45 -23.08 -16.71
CA LEU H 65 -17.38 -22.10 -17.24
C LEU H 65 -18.70 -22.77 -17.56
N LEU H 66 -19.79 -22.02 -17.44
CA LEU H 66 -21.11 -22.47 -17.85
C LEU H 66 -21.59 -21.58 -19.00
N TYR H 67 -21.71 -22.15 -20.19
CA TYR H 67 -22.33 -21.47 -21.33
C TYR H 67 -23.79 -21.88 -21.41
N TYR H 68 -24.66 -20.90 -21.69
CA TYR H 68 -26.09 -21.17 -21.66
C TYR H 68 -26.83 -20.27 -22.63
N THR H 69 -27.96 -20.76 -23.12
CA THR H 69 -28.87 -19.99 -23.94
C THR H 69 -30.29 -20.46 -23.69
N GLU H 70 -31.25 -19.60 -24.02
CA GLU H 70 -32.66 -19.97 -23.96
C GLU H 70 -33.06 -20.69 -25.24
N PHE H 71 -33.83 -21.77 -25.09
CA PHE H 71 -34.24 -22.55 -26.24
C PHE H 71 -35.54 -23.27 -25.93
N THR H 72 -36.10 -23.90 -26.96
CA THR H 72 -37.33 -24.67 -26.85
C THR H 72 -37.10 -26.06 -27.45
N PRO H 73 -37.03 -27.11 -26.65
CA PRO H 73 -36.77 -28.44 -27.19
C PRO H 73 -37.94 -28.97 -28.01
N THR H 74 -37.62 -29.68 -29.10
CA THR H 74 -38.61 -30.31 -29.95
C THR H 74 -38.13 -31.71 -30.30
N GLU H 75 -39.05 -32.53 -30.83
CA GLU H 75 -38.66 -33.87 -31.27
C GLU H 75 -37.89 -33.82 -32.59
N LYS H 76 -37.94 -32.71 -33.31
CA LYS H 76 -37.33 -32.60 -34.62
C LYS H 76 -35.89 -32.11 -34.57
N ASP H 77 -35.56 -31.25 -33.62
CA ASP H 77 -34.32 -30.49 -33.65
C ASP H 77 -33.26 -31.12 -32.76
N GLU H 78 -32.02 -31.10 -33.24
CA GLU H 78 -30.88 -31.64 -32.51
C GLU H 78 -30.04 -30.49 -31.96
N TYR H 79 -29.78 -30.51 -30.66
CA TYR H 79 -28.96 -29.51 -30.01
C TYR H 79 -27.66 -30.13 -29.51
N ALA H 80 -26.60 -29.32 -29.53
CA ALA H 80 -25.28 -29.79 -29.10
C ALA H 80 -24.43 -28.56 -28.82
N CYS H 81 -23.35 -28.77 -28.08
CA CYS H 81 -22.32 -27.74 -27.93
C CYS H 81 -21.01 -28.22 -28.51
N ARG H 82 -20.31 -27.30 -29.16
CA ARG H 82 -19.01 -27.55 -29.78
C ARG H 82 -17.93 -26.87 -28.95
N VAL H 83 -16.93 -27.64 -28.55
CA VAL H 83 -15.89 -27.17 -27.63
C VAL H 83 -14.54 -27.28 -28.32
N ASN H 84 -13.78 -26.20 -28.30
CA ASN H 84 -12.43 -26.16 -28.86
C ASN H 84 -11.46 -25.65 -27.80
N HIS H 85 -10.33 -26.34 -27.67
CA HIS H 85 -9.35 -26.06 -26.64
C HIS H 85 -7.99 -26.54 -27.15
N VAL H 86 -6.93 -25.96 -26.60
CA VAL H 86 -5.58 -26.30 -27.06
C VAL H 86 -5.23 -27.76 -26.82
N THR H 87 -5.94 -28.42 -25.90
CA THR H 87 -5.72 -29.83 -25.65
C THR H 87 -6.41 -30.73 -26.67
N LEU H 88 -7.35 -30.20 -27.43
CA LEU H 88 -8.16 -30.97 -28.36
C LEU H 88 -7.54 -30.94 -29.75
N SER H 89 -7.27 -32.13 -30.31
CA SER H 89 -6.74 -32.22 -31.66
C SER H 89 -7.72 -31.63 -32.67
N GLN H 90 -9.02 -31.82 -32.43
CA GLN H 90 -10.09 -31.28 -33.24
C GLN H 90 -11.19 -30.81 -32.31
N PRO H 91 -12.08 -29.94 -32.77
CA PRO H 91 -13.22 -29.55 -31.92
C PRO H 91 -14.08 -30.74 -31.56
N LYS H 92 -14.62 -30.71 -30.34
CA LYS H 92 -15.43 -31.79 -29.81
C LYS H 92 -16.89 -31.36 -29.76
N ILE H 93 -17.78 -32.20 -30.28
CA ILE H 93 -19.22 -31.94 -30.29
C ILE H 93 -19.89 -32.98 -29.41
N VAL H 94 -20.72 -32.51 -28.47
CA VAL H 94 -21.46 -33.38 -27.57
C VAL H 94 -22.95 -33.09 -27.77
N LYS H 95 -23.68 -34.07 -28.27
CA LYS H 95 -25.10 -33.90 -28.52
C LYS H 95 -25.87 -33.82 -27.20
N TRP H 96 -26.94 -33.04 -27.21
CA TRP H 96 -27.81 -32.95 -26.03
C TRP H 96 -28.72 -34.17 -25.97
N ASP H 97 -28.80 -34.77 -24.79
CA ASP H 97 -29.74 -35.85 -24.51
C ASP H 97 -30.62 -35.40 -23.36
N ARG H 98 -31.94 -35.30 -23.63
CA ARG H 98 -32.86 -34.82 -22.61
C ARG H 98 -32.92 -35.74 -21.39
N ASP H 99 -32.55 -37.01 -21.56
CA ASP H 99 -32.54 -37.97 -20.46
C ASP H 99 -31.26 -37.92 -19.63
N MET H 100 -30.38 -36.94 -19.89
CA MET H 100 -29.14 -36.82 -19.15
C MET H 100 -28.81 -35.36 -18.84
N ARG I 1 -14.91 -8.74 0.92
CA ARG I 1 -13.97 -7.65 0.73
C ARG I 1 -12.61 -8.17 0.23
N LEU I 2 -12.10 -7.52 -0.81
CA LEU I 2 -10.78 -7.85 -1.34
C LEU I 2 -9.68 -7.33 -0.42
N PRO I 3 -8.53 -8.00 -0.39
CA PRO I 3 -7.36 -7.41 0.27
C PRO I 3 -6.87 -6.19 -0.50
N ALA I 4 -6.42 -5.18 0.25
CA ALA I 4 -6.10 -3.90 -0.37
C ALA I 4 -4.86 -3.96 -1.23
N LYS I 5 -3.87 -4.77 -0.86
CA LYS I 5 -2.60 -4.84 -1.57
C LYS I 5 -2.26 -6.30 -1.83
N ALA I 6 -2.09 -6.66 -3.10
CA ALA I 6 -1.65 -8.00 -3.49
C ALA I 6 -0.12 -8.09 -3.42
N PRO I 7 0.41 -9.25 -3.02
CA PRO I 7 1.86 -9.38 -2.89
C PRO I 7 2.57 -9.28 -4.23
N LEU I 8 3.81 -8.82 -4.18
CA LEU I 8 4.68 -8.81 -5.35
C LEU I 8 5.53 -10.08 -5.34
N LEU I 9 5.50 -10.80 -6.46
CA LEU I 9 6.20 -12.06 -6.58
C LEU I 9 7.65 -11.85 -7.03
N GLY J 1 -24.01 39.54 2.38
CA GLY J 1 -22.70 38.99 2.04
C GLY J 1 -21.58 40.00 2.23
N SER J 2 -20.36 39.51 2.31
CA SER J 2 -19.20 40.36 2.50
C SER J 2 -18.73 40.91 1.15
N HIS J 3 -18.13 42.10 1.19
CA HIS J 3 -17.64 42.73 -0.02
C HIS J 3 -16.18 43.13 0.18
N SER J 4 -15.49 43.35 -0.94
CA SER J 4 -14.07 43.62 -0.89
C SER J 4 -13.66 44.59 -1.99
N LEU J 5 -12.61 45.35 -1.71
CA LEU J 5 -11.95 46.20 -2.69
C LEU J 5 -10.51 45.76 -2.80
N LYS J 6 -10.13 45.24 -3.97
CA LYS J 6 -8.82 44.61 -4.14
C LYS J 6 -8.11 45.19 -5.36
N TYR J 7 -6.80 45.35 -5.23
CA TYR J 7 -5.94 45.79 -6.33
C TYR J 7 -4.84 44.76 -6.55
N PHE J 8 -4.46 44.56 -7.80
CA PHE J 8 -3.44 43.59 -8.19
C PHE J 8 -2.42 44.28 -9.08
N HIS J 9 -1.17 44.34 -8.62
CA HIS J 9 -0.09 45.04 -9.31
C HIS J 9 0.95 44.04 -9.81
N THR J 10 1.36 44.18 -11.06
CA THR J 10 2.38 43.33 -11.66
C THR J 10 3.43 44.18 -12.35
N SER J 11 4.70 43.94 -12.02
CA SER J 11 5.82 44.61 -12.66
C SER J 11 6.80 43.56 -13.17
N VAL J 12 7.15 43.67 -14.46
CA VAL J 12 8.03 42.71 -15.11
C VAL J 12 9.16 43.49 -15.77
N SER J 13 10.39 43.22 -15.34
CA SER J 13 11.57 43.88 -15.88
C SER J 13 11.90 43.33 -17.26
N ARG J 14 12.39 44.19 -18.14
CA ARG J 14 12.79 43.87 -19.51
C ARG J 14 14.25 44.24 -19.68
N PRO J 15 15.14 43.26 -19.65
CA PRO J 15 16.59 43.51 -19.53
C PRO J 15 17.17 44.53 -20.50
N GLY J 16 16.94 44.34 -21.81
CA GLY J 16 17.55 45.21 -22.79
C GLY J 16 16.56 46.00 -23.62
N ARG J 17 15.31 46.05 -23.16
CA ARG J 17 14.22 46.67 -23.92
C ARG J 17 13.57 47.84 -23.17
N GLY J 18 14.21 48.38 -22.13
CA GLY J 18 13.73 49.59 -21.48
C GLY J 18 13.21 49.41 -20.07
N GLU J 19 12.25 50.25 -19.67
CA GLU J 19 11.73 50.21 -18.31
C GLU J 19 10.82 49.00 -18.14
N PRO J 20 10.61 48.55 -16.89
CA PRO J 20 9.77 47.37 -16.68
C PRO J 20 8.32 47.61 -17.10
N ARG J 21 7.69 46.54 -17.57
CA ARG J 21 6.26 46.57 -17.83
C ARG J 21 5.50 46.57 -16.51
N PHE J 22 4.52 47.46 -16.38
CA PHE J 22 3.74 47.58 -15.17
C PHE J 22 2.25 47.59 -15.51
N ILE J 23 1.48 46.77 -14.81
CA ILE J 23 0.03 46.66 -15.01
C ILE J 23 -0.64 46.59 -13.65
N SER J 24 -1.68 47.40 -13.47
CA SER J 24 -2.46 47.39 -12.24
C SER J 24 -3.94 47.25 -12.59
N VAL J 25 -4.64 46.39 -11.85
CA VAL J 25 -6.07 46.19 -12.02
C VAL J 25 -6.76 46.29 -10.67
N GLY J 26 -7.99 46.78 -10.68
CA GLY J 26 -8.79 46.87 -9.48
C GLY J 26 -10.06 46.06 -9.60
N TYR J 27 -10.46 45.41 -8.50
CA TYR J 27 -11.66 44.60 -8.44
C TYR J 27 -12.54 45.03 -7.27
N VAL J 28 -13.84 45.13 -7.52
CA VAL J 28 -14.85 45.17 -6.48
C VAL J 28 -15.53 43.80 -6.48
N ASP J 29 -15.32 43.03 -5.41
CA ASP J 29 -15.71 41.63 -5.37
C ASP J 29 -15.11 40.88 -6.56
N ASP J 30 -15.97 40.35 -7.43
CA ASP J 30 -15.51 39.62 -8.61
C ASP J 30 -15.63 40.44 -9.90
N THR J 31 -15.79 41.76 -9.79
CA THR J 31 -15.97 42.63 -10.95
C THR J 31 -14.79 43.58 -11.05
N GLN J 32 -14.04 43.49 -12.15
CA GLN J 32 -12.97 44.44 -12.42
C GLN J 32 -13.54 45.78 -12.85
N PHE J 33 -13.00 46.87 -12.30
CA PHE J 33 -13.52 48.19 -12.57
C PHE J 33 -12.50 49.23 -13.04
N VAL J 34 -11.19 49.02 -12.83
CA VAL J 34 -10.18 49.94 -13.33
C VAL J 34 -8.98 49.19 -13.87
N ARG J 35 -8.19 49.91 -14.68
CA ARG J 35 -6.96 49.38 -15.26
C ARG J 35 -5.95 50.50 -15.46
N PHE J 36 -4.68 50.19 -15.17
CA PHE J 36 -3.55 51.03 -15.54
C PHE J 36 -2.50 50.15 -16.21
N ASP J 37 -2.01 50.59 -17.37
CA ASP J 37 -0.98 49.88 -18.12
C ASP J 37 0.04 50.90 -18.58
N ASN J 38 1.30 50.72 -18.18
CA ASN J 38 2.35 51.69 -18.49
C ASN J 38 2.88 51.55 -19.91
N ASP J 39 2.26 50.72 -20.75
CA ASP J 39 2.72 50.52 -22.13
C ASP J 39 2.15 51.61 -23.04
N ALA J 40 2.45 52.85 -22.70
CA ALA J 40 2.00 54.00 -23.48
C ALA J 40 2.90 55.19 -23.17
N ALA J 41 2.79 56.22 -24.02
CA ALA J 41 3.56 57.45 -23.80
C ALA J 41 3.14 58.14 -22.52
N SER J 42 1.83 58.34 -22.34
CA SER J 42 1.28 58.97 -21.14
C SER J 42 0.18 58.06 -20.60
N PRO J 43 0.55 56.97 -19.94
CA PRO J 43 -0.46 56.00 -19.50
C PRO J 43 -1.38 56.58 -18.44
N ARG J 44 -2.65 56.23 -18.51
CA ARG J 44 -3.66 56.75 -17.60
C ARG J 44 -4.50 55.60 -17.04
N MET J 45 -5.03 55.82 -15.83
CA MET J 45 -6.00 54.89 -15.26
C MET J 45 -7.34 55.07 -15.97
N VAL J 46 -7.93 53.96 -16.41
CA VAL J 46 -9.15 54.00 -17.21
C VAL J 46 -10.22 53.14 -16.57
N PRO J 47 -11.51 53.42 -16.80
CA PRO J 47 -12.56 52.56 -16.26
C PRO J 47 -12.71 51.27 -17.05
N ARG J 48 -13.02 50.20 -16.34
CA ARG J 48 -13.28 48.90 -16.94
C ARG J 48 -14.68 48.38 -16.63
N ALA J 49 -15.50 49.15 -15.93
CA ALA J 49 -16.88 48.81 -15.66
C ALA J 49 -17.78 49.97 -16.05
N PRO J 50 -18.98 49.70 -16.57
CA PRO J 50 -19.83 50.81 -17.05
C PRO J 50 -20.18 51.82 -15.96
N TRP J 51 -20.39 51.36 -14.72
CA TRP J 51 -20.78 52.28 -13.66
C TRP J 51 -19.65 53.18 -13.19
N MET J 52 -18.42 52.96 -13.66
CA MET J 52 -17.30 53.84 -13.34
C MET J 52 -17.19 55.04 -14.28
N GLU J 53 -17.85 55.00 -15.43
CA GLU J 53 -17.73 56.07 -16.42
C GLU J 53 -18.35 57.38 -15.96
N GLN J 54 -19.04 57.39 -14.83
CA GLN J 54 -19.62 58.62 -14.28
C GLN J 54 -18.60 59.48 -13.55
N GLU J 55 -17.39 58.98 -13.34
CA GLU J 55 -16.42 59.68 -12.50
C GLU J 55 -15.76 60.82 -13.27
N GLY J 56 -15.62 61.97 -12.59
CA GLY J 56 -15.03 63.14 -13.19
C GLY J 56 -13.51 63.04 -13.30
N SER J 57 -12.93 64.09 -13.89
CA SER J 57 -11.49 64.12 -14.12
C SER J 57 -10.70 64.20 -12.82
N GLU J 58 -11.32 64.64 -11.72
CA GLU J 58 -10.63 64.65 -10.44
C GLU J 58 -10.22 63.24 -10.03
N TYR J 59 -11.11 62.26 -10.24
CA TYR J 59 -10.81 60.89 -9.83
C TYR J 59 -9.72 60.28 -10.70
N TRP J 60 -9.89 60.37 -12.03
CA TRP J 60 -8.97 59.68 -12.94
C TRP J 60 -7.58 60.31 -12.91
N ASP J 61 -7.49 61.63 -12.76
CA ASP J 61 -6.19 62.28 -12.64
C ASP J 61 -5.45 61.79 -11.39
N ARG J 62 -6.16 61.67 -10.27
CA ARG J 62 -5.52 61.24 -9.03
C ARG J 62 -5.07 59.78 -9.14
N GLU J 63 -5.94 58.91 -9.67
CA GLU J 63 -5.55 57.51 -9.81
C GLU J 63 -4.40 57.35 -10.79
N THR J 64 -4.37 58.18 -11.83
CA THR J 64 -3.25 58.14 -12.78
C THR J 64 -1.95 58.53 -12.09
N ARG J 65 -1.96 59.59 -11.28
CA ARG J 65 -0.76 60.00 -10.56
C ARG J 65 -0.28 58.91 -9.61
N SER J 66 -1.20 58.30 -8.87
CA SER J 66 -0.83 57.23 -7.96
C SER J 66 -0.26 56.03 -8.72
N ALA J 67 -0.89 55.65 -9.83
CA ALA J 67 -0.44 54.49 -10.58
C ALA J 67 0.90 54.74 -11.26
N ARG J 68 1.09 55.95 -11.80
CA ARG J 68 2.38 56.28 -12.41
C ARG J 68 3.51 56.22 -11.39
N ASP J 69 3.26 56.74 -10.19
CA ASP J 69 4.28 56.69 -9.13
C ASP J 69 4.52 55.27 -8.67
N THR J 70 3.46 54.46 -8.58
CA THR J 70 3.62 53.06 -8.18
C THR J 70 4.49 52.30 -9.17
N ALA J 71 4.31 52.55 -10.47
CA ALA J 71 5.16 51.92 -11.47
C ALA J 71 6.62 52.30 -11.27
N GLN J 72 6.88 53.56 -10.95
CA GLN J 72 8.25 54.02 -10.71
C GLN J 72 8.82 53.39 -9.44
N ILE J 73 8.01 53.30 -8.38
CA ILE J 73 8.47 52.68 -7.14
C ILE J 73 8.83 51.22 -7.38
N PHE J 74 8.03 50.52 -8.18
CA PHE J 74 8.29 49.12 -8.46
C PHE J 74 9.55 48.91 -9.28
N ARG J 75 9.88 49.85 -10.17
CA ARG J 75 11.14 49.77 -10.89
C ARG J 75 12.32 49.86 -9.91
N VAL J 76 12.22 50.74 -8.91
CA VAL J 76 13.25 50.81 -7.88
C VAL J 76 13.30 49.52 -7.08
N ASN J 77 12.14 48.99 -6.71
CA ASN J 77 12.11 47.76 -5.91
C ASN J 77 12.69 46.59 -6.69
N LEU J 78 12.42 46.52 -7.99
CA LEU J 78 13.00 45.43 -8.79
C LEU J 78 14.51 45.52 -8.83
N ARG J 79 15.05 46.74 -8.92
CA ARG J 79 16.50 46.87 -8.87
C ARG J 79 17.04 46.56 -7.48
N THR J 80 16.29 46.93 -6.44
CA THR J 80 16.75 46.68 -5.07
C THR J 80 16.81 45.20 -4.77
N LEU J 81 15.73 44.47 -5.07
CA LEU J 81 15.71 43.04 -4.83
C LEU J 81 16.76 42.32 -5.66
N ARG J 82 17.00 42.79 -6.89
CA ARG J 82 18.08 42.26 -7.71
C ARG J 82 19.41 42.38 -6.98
N GLY J 83 19.62 43.49 -6.28
CA GLY J 83 20.86 43.64 -5.51
C GLY J 83 20.88 42.77 -4.26
N TYR J 84 19.73 42.60 -3.62
CA TYR J 84 19.65 41.72 -2.45
C TYR J 84 20.13 40.31 -2.80
N TYR J 85 19.63 39.76 -3.91
CA TYR J 85 19.92 38.39 -4.30
C TYR J 85 21.14 38.29 -5.22
N ASN J 86 21.85 39.40 -5.46
CA ASN J 86 23.04 39.42 -6.30
C ASN J 86 22.76 38.81 -7.68
N GLN J 87 21.66 39.25 -8.29
CA GLN J 87 21.23 38.75 -9.58
C GLN J 87 21.67 39.68 -10.69
N SER J 88 21.96 39.10 -11.85
CA SER J 88 22.41 39.86 -13.00
C SER J 88 21.29 40.71 -13.59
N GLU J 89 21.68 41.74 -14.34
CA GLU J 89 20.71 42.59 -15.01
C GLU J 89 20.12 41.93 -16.24
N ALA J 90 20.72 40.83 -16.70
CA ALA J 90 20.31 40.18 -17.93
C ALA J 90 19.07 39.31 -17.77
N GLY J 91 18.64 39.05 -16.55
CA GLY J 91 17.50 38.18 -16.29
C GLY J 91 16.23 38.97 -16.03
N SER J 92 15.11 38.46 -16.55
CA SER J 92 13.81 39.07 -16.30
C SER J 92 13.25 38.59 -14.98
N HIS J 93 12.69 39.52 -14.21
CA HIS J 93 12.13 39.22 -12.90
C HIS J 93 10.78 39.91 -12.76
N THR J 94 9.98 39.39 -11.83
CA THR J 94 8.60 39.84 -11.65
C THR J 94 8.39 40.25 -10.20
N LEU J 95 7.76 41.41 -9.99
CA LEU J 95 7.35 41.86 -8.68
C LEU J 95 5.85 42.06 -8.67
N GLN J 96 5.17 41.43 -7.72
CA GLN J 96 3.72 41.50 -7.63
C GLN J 96 3.31 42.07 -6.28
N TRP J 97 2.22 42.84 -6.28
CA TRP J 97 1.70 43.46 -5.07
C TRP J 97 0.18 43.35 -5.08
N MET J 98 -0.37 42.80 -4.01
CA MET J 98 -1.82 42.74 -3.84
C MET J 98 -2.18 43.31 -2.49
N HIS J 99 -3.28 44.05 -2.45
CA HIS J 99 -3.78 44.62 -1.21
C HIS J 99 -5.29 44.80 -1.33
N GLY J 100 -5.96 44.83 -0.18
CA GLY J 100 -7.40 44.98 -0.20
C GLY J 100 -7.97 44.96 1.20
N CYS J 101 -9.25 45.34 1.27
CA CYS J 101 -10.01 45.33 2.50
C CYS J 101 -11.33 44.62 2.26
N GLU J 102 -11.84 43.96 3.30
CA GLU J 102 -13.12 43.28 3.24
C GLU J 102 -14.06 43.87 4.27
N LEU J 103 -15.30 44.11 3.86
CA LEU J 103 -16.37 44.60 4.72
C LEU J 103 -17.29 43.47 5.11
N GLY J 104 -17.85 43.56 6.31
CA GLY J 104 -18.92 42.68 6.68
C GLY J 104 -20.22 43.09 6.02
N PRO J 105 -21.28 42.31 6.26
CA PRO J 105 -22.59 42.68 5.70
C PRO J 105 -23.10 44.01 6.20
N ASP J 106 -22.66 44.45 7.39
CA ASP J 106 -23.04 45.75 7.91
C ASP J 106 -22.26 46.90 7.27
N GLY J 107 -21.35 46.60 6.34
CA GLY J 107 -20.52 47.61 5.72
C GLY J 107 -19.31 48.03 6.52
N ARG J 108 -19.15 47.55 7.75
CA ARG J 108 -18.01 47.92 8.57
C ARG J 108 -16.80 47.06 8.22
N PHE J 109 -15.63 47.56 8.61
CA PHE J 109 -14.37 46.90 8.28
C PHE J 109 -14.30 45.52 8.92
N LEU J 110 -13.94 44.52 8.11
CA LEU J 110 -13.79 43.15 8.59
C LEU J 110 -12.35 42.66 8.50
N ARG J 111 -11.69 42.83 7.36
CA ARG J 111 -10.36 42.27 7.16
C ARG J 111 -9.60 43.11 6.14
N GLY J 112 -8.29 43.19 6.34
CA GLY J 112 -7.42 43.83 5.36
C GLY J 112 -6.16 43.02 5.17
N TYR J 113 -5.54 43.19 4.00
CA TYR J 113 -4.36 42.41 3.69
C TYR J 113 -3.47 43.20 2.74
N GLU J 114 -2.18 42.86 2.76
CA GLU J 114 -1.20 43.41 1.84
C GLU J 114 -0.06 42.42 1.70
N GLN J 115 0.38 42.15 0.47
CA GLN J 115 1.40 41.15 0.23
C GLN J 115 2.23 41.51 -0.99
N PHE J 116 3.51 41.17 -0.93
CA PHE J 116 4.45 41.33 -2.02
C PHE J 116 4.96 39.96 -2.42
N ALA J 117 5.26 39.80 -3.72
CA ALA J 117 5.84 38.57 -4.22
C ALA J 117 6.95 38.91 -5.20
N TYR J 118 8.00 38.09 -5.21
CA TYR J 118 9.10 38.27 -6.15
C TYR J 118 9.31 36.97 -6.90
N ASP J 119 9.16 37.02 -8.22
CA ASP J 119 9.35 35.86 -9.10
C ASP J 119 8.42 34.71 -8.70
N GLY J 120 7.19 35.03 -8.34
CA GLY J 120 6.16 34.03 -8.09
C GLY J 120 6.13 33.46 -6.69
N LYS J 121 6.96 33.95 -5.77
CA LYS J 121 7.00 33.46 -4.41
C LYS J 121 6.77 34.61 -3.43
N ASP J 122 6.11 34.28 -2.31
CA ASP J 122 5.93 35.24 -1.23
C ASP J 122 7.26 35.89 -0.85
N TYR J 123 7.21 37.20 -0.62
CA TYR J 123 8.37 37.96 -0.19
C TYR J 123 8.13 38.68 1.13
N LEU J 124 7.17 39.61 1.18
CA LEU J 124 6.88 40.34 2.40
C LEU J 124 5.37 40.39 2.60
N THR J 125 4.93 40.06 3.80
CA THR J 125 3.51 39.96 4.12
C THR J 125 3.18 40.86 5.29
N LEU J 126 2.11 41.65 5.15
CA LEU J 126 1.56 42.41 6.26
C LEU J 126 0.65 41.49 7.08
N ASN J 127 0.97 41.33 8.36
CA ASN J 127 0.23 40.39 9.19
C ASN J 127 -1.21 40.87 9.38
N GLU J 128 -2.07 39.94 9.78
CA GLU J 128 -3.50 40.22 9.84
C GLU J 128 -3.86 41.22 10.94
N ASP J 129 -3.00 41.39 11.94
CA ASP J 129 -3.20 42.49 12.89
C ASP J 129 -2.93 43.84 12.26
N LEU J 130 -2.31 43.87 11.08
CA LEU J 130 -1.96 45.08 10.36
C LEU J 130 -0.99 45.97 11.13
N ARG J 131 -0.22 45.38 12.05
CA ARG J 131 0.80 46.11 12.80
C ARG J 131 2.18 45.49 12.70
N SER J 132 2.33 44.34 12.04
CA SER J 132 3.61 43.65 11.94
C SER J 132 3.73 43.01 10.56
N TRP J 133 4.97 42.69 10.20
CA TRP J 133 5.29 42.10 8.91
C TRP J 133 5.86 40.70 9.08
N THR J 134 5.85 39.94 7.98
CA THR J 134 6.42 38.60 7.95
C THR J 134 7.35 38.51 6.74
N ALA J 135 8.63 38.29 7.00
CA ALA J 135 9.64 38.17 5.97
C ALA J 135 9.92 36.69 5.67
N VAL J 136 10.22 36.40 4.41
CA VAL J 136 10.47 35.02 4.01
C VAL J 136 11.93 34.63 4.14
N ASP J 137 12.85 35.60 4.03
CA ASP J 137 14.27 35.32 4.10
C ASP J 137 14.98 36.57 4.62
N THR J 138 16.32 36.53 4.62
CA THR J 138 17.08 37.65 5.13
C THR J 138 16.92 38.89 4.27
N ALA J 139 16.68 38.71 2.97
CA ALA J 139 16.47 39.87 2.09
C ALA J 139 15.19 40.61 2.46
N ALA J 140 14.10 39.87 2.68
CA ALA J 140 12.86 40.51 3.08
C ALA J 140 12.93 41.09 4.48
N GLN J 141 13.84 40.59 5.32
CA GLN J 141 14.05 41.19 6.63
C GLN J 141 14.62 42.61 6.51
N ILE J 142 15.43 42.86 5.49
CA ILE J 142 15.88 44.23 5.22
C ILE J 142 14.71 45.10 4.85
N SER J 143 13.82 44.61 3.98
CA SER J 143 12.61 45.34 3.65
C SER J 143 11.74 45.57 4.87
N GLU J 144 11.69 44.59 5.77
CA GLU J 144 10.91 44.74 7.01
C GLU J 144 11.48 45.85 7.89
N GLN J 145 12.81 45.97 7.94
CA GLN J 145 13.43 47.04 8.72
C GLN J 145 13.08 48.41 8.14
N LYS J 146 13.12 48.54 6.82
CA LYS J 146 12.71 49.78 6.17
C LYS J 146 11.27 50.15 6.55
N SER J 147 10.36 49.17 6.52
CA SER J 147 8.97 49.44 6.85
C SER J 147 8.82 49.91 8.29
N ASN J 148 9.56 49.29 9.22
CA ASN J 148 9.54 49.75 10.60
C ASN J 148 10.08 51.17 10.73
N ASP J 149 11.15 51.48 10.01
CA ASP J 149 11.71 52.83 10.05
C ASP J 149 10.69 53.86 9.57
N ALA J 150 9.88 53.49 8.57
CA ALA J 150 8.93 54.42 7.96
C ALA J 150 7.53 54.32 8.53
N SER J 151 7.33 53.50 9.57
CA SER J 151 5.99 53.25 10.12
C SER J 151 5.03 52.81 9.02
N GLU J 152 5.55 51.99 8.10
CA GLU J 152 4.78 51.62 6.92
C GLU J 152 3.52 50.84 7.31
N ALA J 153 3.62 49.97 8.32
CA ALA J 153 2.46 49.20 8.75
C ALA J 153 1.34 50.13 9.23
N GLU J 154 1.70 51.21 9.94
CA GLU J 154 0.70 52.17 10.38
C GLU J 154 0.05 52.87 9.19
N HIS J 155 0.85 53.28 8.21
CA HIS J 155 0.29 53.94 7.03
C HIS J 155 -0.59 52.99 6.23
N GLN J 156 -0.15 51.73 6.08
CA GLN J 156 -0.97 50.78 5.33
C GLN J 156 -2.23 50.41 6.10
N ARG J 157 -2.15 50.37 7.43
CA ARG J 157 -3.36 50.14 8.23
C ARG J 157 -4.32 51.32 8.12
N ALA J 158 -3.79 52.54 8.00
CA ALA J 158 -4.66 53.70 7.81
C ALA J 158 -5.37 53.66 6.47
N TYR J 159 -4.67 53.22 5.41
CA TYR J 159 -5.30 53.08 4.10
C TYR J 159 -6.35 51.98 4.10
N LEU J 160 -6.02 50.81 4.65
CA LEU J 160 -6.91 49.66 4.54
C LEU J 160 -8.16 49.80 5.39
N GLU J 161 -8.02 50.34 6.60
CA GLU J 161 -9.15 50.42 7.52
C GLU J 161 -10.02 51.63 7.27
N ASP J 162 -9.50 52.67 6.62
CA ASP J 162 -10.22 53.93 6.46
C ASP J 162 -10.44 54.24 4.98
N THR J 163 -9.38 54.53 4.23
CA THR J 163 -9.54 54.90 2.83
C THR J 163 -10.20 53.79 2.02
N CYS J 164 -9.73 52.55 2.20
CA CYS J 164 -10.25 51.43 1.43
C CYS J 164 -11.73 51.20 1.71
N VAL J 165 -12.14 51.26 2.98
CA VAL J 165 -13.55 51.03 3.31
C VAL J 165 -14.41 52.19 2.81
N GLU J 166 -13.91 53.42 2.89
CA GLU J 166 -14.68 54.58 2.45
C GLU J 166 -14.99 54.49 0.96
N TRP J 167 -13.99 54.18 0.14
CA TRP J 167 -14.20 54.14 -1.29
C TRP J 167 -14.92 52.88 -1.76
N LEU J 168 -14.76 51.76 -1.03
CA LEU J 168 -15.56 50.58 -1.34
C LEU J 168 -17.04 50.88 -1.18
N HIS J 169 -17.41 51.61 -0.12
CA HIS J 169 -18.78 52.06 0.04
C HIS J 169 -19.22 52.90 -1.15
N LYS J 170 -18.34 53.78 -1.62
CA LYS J 170 -18.66 54.62 -2.77
C LYS J 170 -18.84 53.79 -4.04
N TYR J 171 -17.94 52.84 -4.27
CA TYR J 171 -18.04 52.00 -5.47
C TYR J 171 -19.28 51.13 -5.43
N LEU J 172 -19.57 50.52 -4.28
CA LEU J 172 -20.76 49.68 -4.16
C LEU J 172 -22.03 50.47 -4.41
N GLU J 173 -22.05 51.74 -3.99
CA GLU J 173 -23.22 52.57 -4.23
C GLU J 173 -23.33 52.96 -5.70
N LYS J 174 -22.20 53.27 -6.32
CA LYS J 174 -22.21 53.68 -7.72
C LYS J 174 -22.61 52.54 -8.64
N GLY J 175 -22.18 51.32 -8.33
CA GLY J 175 -22.48 50.15 -9.13
C GLY J 175 -23.53 49.24 -8.49
N LYS J 176 -24.42 49.84 -7.70
CA LYS J 176 -25.37 49.06 -6.89
C LYS J 176 -26.24 48.16 -7.75
N GLU J 177 -26.62 48.63 -8.95
CA GLU J 177 -27.55 47.87 -9.77
C GLU J 177 -26.97 46.57 -10.28
N THR J 178 -25.64 46.42 -10.27
CA THR J 178 -24.99 45.17 -10.66
C THR J 178 -24.11 44.56 -9.58
N LEU J 179 -23.42 45.38 -8.77
CA LEU J 179 -22.51 44.83 -7.77
C LEU J 179 -23.25 44.13 -6.64
N LEU J 180 -24.40 44.67 -6.23
CA LEU J 180 -25.17 44.09 -5.14
C LEU J 180 -26.28 43.18 -5.63
N HIS J 181 -26.26 42.83 -6.92
CA HIS J 181 -27.25 41.95 -7.51
C HIS J 181 -26.66 40.54 -7.60
N LEU J 182 -27.40 39.56 -7.09
CA LEU J 182 -26.97 38.17 -7.16
C LEU J 182 -27.62 37.52 -8.37
N GLU J 183 -26.81 36.82 -9.17
CA GLU J 183 -27.30 36.11 -10.33
C GLU J 183 -27.22 34.62 -10.06
N PRO J 184 -28.34 33.91 -9.94
CA PRO J 184 -28.28 32.48 -9.64
C PRO J 184 -27.84 31.69 -10.86
N PRO J 185 -27.25 30.51 -10.65
CA PRO J 185 -26.86 29.69 -11.80
C PRO J 185 -28.05 29.05 -12.47
N LYS J 186 -28.02 28.98 -13.80
CA LYS J 186 -28.98 28.23 -14.59
C LYS J 186 -28.38 26.86 -14.87
N THR J 187 -29.09 25.82 -14.47
CA THR J 187 -28.50 24.49 -14.34
C THR J 187 -29.23 23.47 -15.21
N HIS J 188 -28.46 22.50 -15.72
CA HIS J 188 -29.00 21.38 -16.47
C HIS J 188 -27.95 20.27 -16.51
N VAL J 189 -28.42 19.04 -16.77
CA VAL J 189 -27.57 17.87 -16.82
C VAL J 189 -27.58 17.30 -18.24
N THR J 190 -26.39 16.97 -18.75
CA THR J 190 -26.22 16.36 -20.06
C THR J 190 -25.70 14.93 -19.93
N HIS J 191 -25.96 14.14 -20.98
CA HIS J 191 -25.70 12.72 -20.97
C HIS J 191 -24.94 12.32 -22.23
N HIS J 192 -23.80 11.67 -22.06
CA HIS J 192 -22.95 11.25 -23.16
C HIS J 192 -22.50 9.81 -22.95
N PRO J 193 -23.05 8.84 -23.68
CA PRO J 193 -22.58 7.45 -23.53
C PRO J 193 -21.12 7.31 -23.95
N ILE J 194 -20.32 6.74 -23.05
CA ILE J 194 -18.89 6.54 -23.32
C ILE J 194 -18.60 5.12 -23.79
N SER J 195 -19.38 4.14 -23.33
CA SER J 195 -19.16 2.75 -23.73
C SER J 195 -20.46 1.97 -23.54
N ASP J 196 -20.39 0.66 -23.72
CA ASP J 196 -21.55 -0.21 -23.52
C ASP J 196 -21.96 -0.31 -22.05
N HIS J 197 -21.07 0.02 -21.11
CA HIS J 197 -21.36 -0.18 -19.70
C HIS J 197 -21.53 1.12 -18.92
N GLU J 198 -21.02 2.23 -19.43
CA GLU J 198 -21.02 3.47 -18.66
C GLU J 198 -21.36 4.66 -19.53
N ALA J 199 -21.79 5.72 -18.86
CA ALA J 199 -22.13 6.98 -19.50
C ALA J 199 -21.75 8.10 -18.53
N THR J 200 -21.46 9.29 -19.08
CA THR J 200 -21.05 10.45 -18.29
C THR J 200 -22.22 11.40 -18.09
N LEU J 201 -22.47 11.80 -16.84
CA LEU J 201 -23.46 12.82 -16.55
C LEU J 201 -22.71 14.09 -16.18
N ARG J 202 -22.98 15.16 -16.93
CA ARG J 202 -22.30 16.44 -16.72
C ARG J 202 -23.33 17.46 -16.24
N CYS J 203 -23.12 17.98 -15.04
CA CYS J 203 -24.02 18.93 -14.41
C CYS J 203 -23.48 20.34 -14.64
N TRP J 204 -24.25 21.17 -15.33
CA TRP J 204 -23.81 22.51 -15.72
C TRP J 204 -24.40 23.55 -14.78
N ALA J 205 -23.59 24.57 -14.49
CA ALA J 205 -24.04 25.77 -13.78
C ALA J 205 -23.54 26.97 -14.58
N LEU J 206 -24.47 27.74 -15.15
CA LEU J 206 -24.14 28.78 -16.11
C LEU J 206 -24.71 30.13 -15.67
N GLY J 207 -23.96 31.19 -15.93
CA GLY J 207 -24.45 32.55 -15.79
C GLY J 207 -24.69 33.01 -14.37
N PHE J 208 -23.87 32.59 -13.41
CA PHE J 208 -24.04 32.98 -12.03
C PHE J 208 -23.01 34.03 -11.62
N TYR J 209 -23.38 34.81 -10.59
CA TYR J 209 -22.52 35.82 -9.98
C TYR J 209 -22.96 35.95 -8.53
N PRO J 210 -22.02 35.96 -7.58
CA PRO J 210 -20.58 35.91 -7.78
C PRO J 210 -20.04 34.52 -8.13
N ALA J 211 -18.73 34.38 -8.21
CA ALA J 211 -18.12 33.16 -8.74
C ALA J 211 -18.12 32.00 -7.76
N GLU J 212 -18.26 32.26 -6.46
CA GLU J 212 -18.26 31.19 -5.47
C GLU J 212 -19.48 30.30 -5.67
N ILE J 213 -19.24 28.99 -5.75
CA ILE J 213 -20.32 28.02 -5.99
C ILE J 213 -19.82 26.64 -5.59
N THR J 214 -20.75 25.73 -5.32
CA THR J 214 -20.43 24.35 -4.96
C THR J 214 -21.32 23.42 -5.78
N LEU J 215 -20.69 22.50 -6.52
CA LEU J 215 -21.39 21.50 -7.30
C LEU J 215 -21.00 20.12 -6.77
N THR J 216 -22.00 19.30 -6.43
CA THR J 216 -21.73 17.98 -5.86
C THR J 216 -22.62 16.94 -6.52
N TRP J 217 -22.04 15.79 -6.84
CA TRP J 217 -22.80 14.64 -7.33
C TRP J 217 -23.04 13.68 -6.17
N GLN J 218 -24.30 13.29 -5.99
CA GLN J 218 -24.69 12.38 -4.91
C GLN J 218 -25.43 11.18 -5.50
N GLN J 219 -25.20 10.01 -4.92
CA GLN J 219 -25.81 8.76 -5.38
C GLN J 219 -26.76 8.21 -4.33
N ASP J 220 -27.90 7.71 -4.78
CA ASP J 220 -28.91 7.06 -3.92
C ASP J 220 -29.31 8.07 -2.83
N GLY J 221 -29.43 7.62 -1.58
CA GLY J 221 -29.66 8.54 -0.48
C GLY J 221 -28.44 8.62 0.42
N GLU J 222 -27.28 8.30 -0.14
CA GLU J 222 -26.04 8.26 0.63
C GLU J 222 -25.72 9.65 1.20
N GLY J 223 -25.04 9.65 2.34
CA GLY J 223 -24.79 10.88 3.07
C GLY J 223 -23.64 11.73 2.57
N HIS J 224 -22.83 11.22 1.64
CA HIS J 224 -21.71 11.97 1.11
C HIS J 224 -21.80 12.01 -0.41
N THR J 225 -20.79 12.62 -1.02
CA THR J 225 -20.80 12.94 -2.45
C THR J 225 -19.97 11.92 -3.23
N GLN J 226 -20.26 11.85 -4.54
CA GLN J 226 -19.60 10.93 -5.44
C GLN J 226 -18.29 11.53 -5.95
N ASP J 227 -17.38 10.64 -6.37
CA ASP J 227 -16.15 11.09 -7.02
C ASP J 227 -16.49 11.79 -8.33
N THR J 228 -15.96 12.99 -8.51
CA THR J 228 -16.44 13.92 -9.53
C THR J 228 -15.28 14.65 -10.19
N GLU J 229 -15.36 14.78 -11.50
CA GLU J 229 -14.41 15.62 -12.24
C GLU J 229 -14.97 17.04 -12.28
N LEU J 230 -14.23 17.97 -11.70
CA LEU J 230 -14.64 19.35 -11.55
C LEU J 230 -13.71 20.26 -12.34
N VAL J 231 -14.29 21.21 -13.07
CA VAL J 231 -13.51 22.21 -13.78
C VAL J 231 -13.44 23.46 -12.91
N GLU J 232 -12.34 24.19 -13.03
CA GLU J 232 -12.21 25.46 -12.35
C GLU J 232 -13.29 26.40 -12.84
N THR J 233 -13.86 27.18 -11.92
CA THR J 233 -14.84 28.18 -12.31
C THR J 233 -14.22 29.14 -13.31
N ARG J 234 -14.96 29.44 -14.37
CA ARG J 234 -14.41 30.19 -15.49
C ARG J 234 -15.35 31.34 -15.85
N PRO J 235 -14.79 32.45 -16.32
CA PRO J 235 -15.64 33.59 -16.71
C PRO J 235 -16.30 33.36 -18.06
N ALA J 236 -17.58 33.72 -18.14
CA ALA J 236 -18.28 33.62 -19.41
C ALA J 236 -17.89 34.75 -20.36
N GLY J 237 -17.37 35.86 -19.84
CA GLY J 237 -17.01 37.01 -20.66
C GLY J 237 -17.98 38.17 -20.55
N ASP J 238 -19.12 37.97 -19.91
CA ASP J 238 -20.15 38.99 -19.77
C ASP J 238 -20.35 39.43 -18.32
N GLY J 239 -19.43 39.09 -17.42
CA GLY J 239 -19.55 39.40 -16.02
C GLY J 239 -20.01 38.25 -15.15
N THR J 240 -20.57 37.20 -15.76
CA THR J 240 -20.99 36.01 -15.03
C THR J 240 -19.97 34.90 -15.22
N PHE J 241 -20.19 33.79 -14.52
CA PHE J 241 -19.23 32.70 -14.47
C PHE J 241 -19.90 31.38 -14.85
N GLN J 242 -19.08 30.38 -15.11
CA GLN J 242 -19.53 29.05 -15.51
C GLN J 242 -18.75 27.99 -14.74
N LYS J 243 -19.35 26.80 -14.66
CA LYS J 243 -18.72 25.66 -14.01
C LYS J 243 -19.54 24.41 -14.33
N TRP J 244 -18.88 23.25 -14.37
CA TRP J 244 -19.61 22.00 -14.46
C TRP J 244 -18.89 20.92 -13.70
N ALA J 245 -19.65 19.88 -13.36
CA ALA J 245 -19.13 18.71 -12.64
C ALA J 245 -19.66 17.46 -13.31
N ALA J 246 -18.77 16.52 -13.59
CA ALA J 246 -19.12 15.31 -14.31
C ALA J 246 -18.77 14.08 -13.48
N VAL J 247 -19.57 13.03 -13.66
CA VAL J 247 -19.36 11.75 -13.00
C VAL J 247 -19.66 10.65 -14.01
N VAL J 248 -18.90 9.56 -13.92
CA VAL J 248 -19.08 8.40 -14.79
C VAL J 248 -19.98 7.41 -14.08
N VAL J 249 -21.07 7.04 -14.73
CA VAL J 249 -22.14 6.26 -14.10
C VAL J 249 -22.37 4.99 -14.91
N PRO J 250 -22.75 3.87 -14.29
CA PRO J 250 -23.11 2.69 -15.08
C PRO J 250 -24.35 2.96 -15.94
N SER J 251 -24.30 2.52 -17.20
CA SER J 251 -25.42 2.73 -18.09
C SER J 251 -26.66 2.02 -17.57
N GLY J 252 -27.79 2.74 -17.56
CA GLY J 252 -29.03 2.26 -17.00
C GLY J 252 -29.34 2.71 -15.59
N GLU J 253 -28.34 3.21 -14.87
CA GLU J 253 -28.49 3.66 -13.50
C GLU J 253 -28.41 5.18 -13.37
N GLU J 254 -28.56 5.92 -14.47
CA GLU J 254 -28.37 7.36 -14.44
C GLU J 254 -29.35 8.06 -13.52
N GLN J 255 -30.56 7.53 -13.36
CA GLN J 255 -31.56 8.20 -12.53
C GLN J 255 -31.27 8.09 -11.04
N ARG J 256 -30.23 7.37 -10.64
CA ARG J 256 -29.88 7.24 -9.23
C ARG J 256 -28.92 8.33 -8.75
N TYR J 257 -28.46 9.20 -9.64
CA TYR J 257 -27.47 10.23 -9.33
C TYR J 257 -28.13 11.60 -9.40
N THR J 258 -27.88 12.43 -8.39
CA THR J 258 -28.45 13.77 -8.32
C THR J 258 -27.33 14.79 -8.13
N CYS J 259 -27.42 15.89 -8.86
CA CYS J 259 -26.47 16.99 -8.77
C CYS J 259 -27.04 18.07 -7.84
N HIS J 260 -26.19 18.56 -6.94
CA HIS J 260 -26.58 19.59 -5.99
C HIS J 260 -25.80 20.86 -6.28
N VAL J 261 -26.51 22.00 -6.32
CA VAL J 261 -25.93 23.29 -6.65
C VAL J 261 -26.17 24.24 -5.48
N GLN J 262 -25.09 24.84 -4.97
CA GLN J 262 -25.16 25.79 -3.87
C GLN J 262 -24.59 27.12 -4.33
N HIS J 263 -25.39 28.17 -4.24
CA HIS J 263 -24.98 29.51 -4.66
C HIS J 263 -25.80 30.55 -3.92
N GLU J 264 -25.19 31.72 -3.70
CA GLU J 264 -25.83 32.77 -2.91
C GLU J 264 -27.12 33.26 -3.55
N GLY J 265 -27.22 33.21 -4.88
CA GLY J 265 -28.41 33.65 -5.57
C GLY J 265 -29.59 32.72 -5.49
N LEU J 266 -29.43 31.55 -4.88
CA LEU J 266 -30.48 30.56 -4.73
C LEU J 266 -31.08 30.64 -3.34
N PRO J 267 -32.41 30.74 -3.22
CA PRO J 267 -33.01 30.74 -1.88
C PRO J 267 -32.75 29.47 -1.10
N GLU J 268 -32.58 28.34 -1.79
CA GLU J 268 -32.18 27.09 -1.19
C GLU J 268 -31.42 26.29 -2.24
N PRO J 269 -30.60 25.32 -1.83
CA PRO J 269 -29.83 24.55 -2.81
C PRO J 269 -30.72 23.89 -3.85
N VAL J 270 -30.19 23.77 -5.07
CA VAL J 270 -30.90 23.20 -6.19
C VAL J 270 -30.43 21.77 -6.41
N THR J 271 -31.37 20.87 -6.70
CA THR J 271 -31.08 19.48 -6.99
C THR J 271 -31.58 19.13 -8.38
N LEU J 272 -30.78 18.37 -9.12
CA LEU J 272 -31.08 18.05 -10.50
C LEU J 272 -30.79 16.59 -10.79
N ARG J 273 -31.66 15.97 -11.58
CA ARG J 273 -31.55 14.57 -11.96
C ARG J 273 -31.75 14.49 -13.46
N TRP J 274 -30.86 13.78 -14.16
CA TRP J 274 -30.98 13.66 -15.60
C TRP J 274 -32.25 12.91 -15.98
N MET K 1 13.99 30.47 -9.06
CA MET K 1 12.82 31.07 -9.70
C MET K 1 11.78 30.00 -10.02
N ILE K 2 10.53 30.28 -9.70
CA ILE K 2 9.44 29.33 -9.87
C ILE K 2 8.65 29.69 -11.13
N GLN K 3 8.32 28.68 -11.92
CA GLN K 3 7.45 28.82 -13.07
C GLN K 3 6.33 27.81 -12.99
N ARG K 4 5.16 28.19 -13.51
CA ARG K 4 3.98 27.33 -13.47
C ARG K 4 3.37 27.20 -14.85
N THR K 5 2.98 25.99 -15.20
CA THR K 5 2.36 25.75 -16.50
C THR K 5 0.93 26.29 -16.51
N PRO K 6 0.46 26.78 -17.65
CA PRO K 6 -0.92 27.29 -17.72
C PRO K 6 -1.94 26.17 -17.83
N LYS K 7 -3.08 26.38 -17.18
CA LYS K 7 -4.25 25.53 -17.35
C LYS K 7 -5.17 26.17 -18.37
N ILE K 8 -5.70 25.34 -19.28
CA ILE K 8 -6.39 25.84 -20.46
C ILE K 8 -7.80 25.26 -20.50
N GLN K 9 -8.79 26.13 -20.70
CA GLN K 9 -10.16 25.73 -20.96
C GLN K 9 -10.65 26.45 -22.20
N VAL K 10 -11.26 25.71 -23.13
CA VAL K 10 -11.87 26.26 -24.33
C VAL K 10 -13.36 25.99 -24.27
N TYR K 11 -14.16 27.05 -24.45
CA TYR K 11 -15.59 26.95 -24.26
C TYR K 11 -16.25 28.17 -24.88
N SER K 12 -17.58 28.13 -24.96
CA SER K 12 -18.37 29.22 -25.48
C SER K 12 -19.09 29.93 -24.35
N ARG K 13 -19.40 31.22 -24.57
CA ARG K 13 -20.12 31.98 -23.56
C ARG K 13 -21.52 31.43 -23.34
N HIS K 14 -22.18 31.03 -24.42
CA HIS K 14 -23.52 30.49 -24.38
C HIS K 14 -23.52 29.05 -24.88
N PRO K 15 -24.55 28.26 -24.54
CA PRO K 15 -24.71 26.96 -25.21
C PRO K 15 -24.73 27.10 -26.71
N ALA K 16 -23.82 26.39 -27.39
CA ALA K 16 -23.61 26.61 -28.82
C ALA K 16 -24.82 26.16 -29.63
N GLU K 17 -25.29 27.05 -30.50
CA GLU K 17 -26.30 26.75 -31.50
C GLU K 17 -25.70 27.04 -32.87
N ASN K 18 -25.76 26.06 -33.77
CA ASN K 18 -25.20 26.25 -35.11
C ASN K 18 -25.96 27.34 -35.85
N GLY K 19 -25.23 28.32 -36.37
CA GLY K 19 -25.82 29.44 -37.07
C GLY K 19 -26.14 30.65 -36.22
N LYS K 20 -25.99 30.55 -34.90
CA LYS K 20 -26.27 31.64 -33.98
C LYS K 20 -24.96 32.18 -33.43
N SER K 21 -24.79 33.51 -33.51
CA SER K 21 -23.54 34.12 -33.07
C SER K 21 -23.30 33.89 -31.58
N ASN K 22 -22.03 33.72 -31.22
CA ASN K 22 -21.67 33.39 -29.85
C ASN K 22 -20.30 34.02 -29.58
N PHE K 23 -19.66 33.60 -28.48
CA PHE K 23 -18.31 34.03 -28.14
C PHE K 23 -17.48 32.80 -27.82
N LEU K 24 -16.35 32.65 -28.49
CA LEU K 24 -15.41 31.58 -28.22
C LEU K 24 -14.40 32.06 -27.18
N ASN K 25 -14.28 31.31 -26.08
CA ASN K 25 -13.42 31.69 -24.97
C ASN K 25 -12.30 30.69 -24.79
N CYS K 26 -11.09 31.21 -24.55
CA CYS K 26 -9.95 30.42 -24.12
C CYS K 26 -9.43 31.04 -22.82
N TYR K 27 -9.61 30.31 -21.71
CA TYR K 27 -9.24 30.80 -20.39
C TYR K 27 -7.95 30.12 -19.95
N VAL K 28 -6.88 30.90 -19.84
CA VAL K 28 -5.58 30.41 -19.39
C VAL K 28 -5.34 30.94 -17.98
N SER K 29 -4.95 30.05 -17.07
CA SER K 29 -4.84 30.42 -15.66
C SER K 29 -3.74 29.59 -15.01
N GLY K 30 -3.34 30.02 -13.81
CA GLY K 30 -2.38 29.28 -13.02
C GLY K 30 -0.97 29.27 -13.54
N PHE K 31 -0.61 30.21 -14.41
CA PHE K 31 0.71 30.22 -15.03
C PHE K 31 1.58 31.32 -14.45
N HIS K 32 2.89 31.11 -14.57
CA HIS K 32 3.92 32.05 -14.15
C HIS K 32 5.18 31.75 -14.95
N PRO K 33 5.87 32.76 -15.52
CA PRO K 33 5.55 34.19 -15.45
C PRO K 33 4.38 34.63 -16.32
N SER K 34 4.18 35.94 -16.44
CA SER K 34 3.02 36.49 -17.14
C SER K 34 3.15 36.43 -18.65
N ASP K 35 4.36 36.34 -19.19
CA ASP K 35 4.54 36.30 -20.63
C ASP K 35 3.89 35.05 -21.21
N ILE K 36 2.94 35.24 -22.11
CA ILE K 36 2.21 34.12 -22.72
C ILE K 36 1.67 34.60 -24.06
N GLU K 37 1.61 33.69 -25.02
CA GLU K 37 1.00 33.97 -26.31
C GLU K 37 -0.13 32.99 -26.54
N VAL K 38 -1.31 33.53 -26.87
CA VAL K 38 -2.52 32.73 -27.04
C VAL K 38 -3.13 33.06 -28.38
N ASP K 39 -3.47 32.03 -29.15
CA ASP K 39 -4.12 32.18 -30.44
C ASP K 39 -5.41 31.37 -30.46
N LEU K 40 -6.45 31.95 -31.04
CA LEU K 40 -7.69 31.25 -31.31
C LEU K 40 -7.71 30.89 -32.80
N LEU K 41 -7.97 29.63 -33.10
CA LEU K 41 -7.85 29.11 -34.45
C LEU K 41 -9.19 28.62 -34.96
N LYS K 42 -9.41 28.81 -36.26
CA LYS K 42 -10.55 28.25 -36.97
C LYS K 42 -10.00 27.41 -38.12
N ASN K 43 -10.08 26.09 -37.98
CA ASN K 43 -9.52 25.15 -38.94
C ASN K 43 -8.01 25.34 -39.11
N GLY K 44 -7.33 25.73 -38.03
CA GLY K 44 -5.89 25.86 -38.03
C GLY K 44 -5.36 27.25 -38.31
N GLU K 45 -6.21 28.19 -38.69
CA GLU K 45 -5.78 29.55 -39.01
C GLU K 45 -6.24 30.51 -37.93
N ARG K 46 -5.39 31.51 -37.65
CA ARG K 46 -5.71 32.48 -36.59
C ARG K 46 -6.97 33.26 -36.93
N ILE K 47 -7.72 33.61 -35.90
CA ILE K 47 -9.00 34.28 -36.02
C ILE K 47 -8.81 35.78 -35.87
N GLU K 48 -9.54 36.56 -36.66
CA GLU K 48 -9.48 38.00 -36.57
C GLU K 48 -10.19 38.50 -35.31
N LYS K 49 -9.77 39.67 -34.85
CA LYS K 49 -10.39 40.38 -33.73
C LYS K 49 -10.49 39.47 -32.50
N VAL K 50 -9.33 39.08 -31.98
CA VAL K 50 -9.24 38.31 -30.75
C VAL K 50 -8.82 39.26 -29.64
N GLU K 51 -9.70 39.45 -28.65
CA GLU K 51 -9.43 40.33 -27.52
C GLU K 51 -9.05 39.52 -26.30
N HIS K 52 -8.49 40.21 -25.31
CA HIS K 52 -8.08 39.54 -24.08
C HIS K 52 -8.30 40.49 -22.91
N SER K 53 -8.60 39.90 -21.75
CA SER K 53 -8.84 40.69 -20.55
C SER K 53 -7.53 41.23 -19.98
N ASP K 54 -7.65 42.07 -18.97
CA ASP K 54 -6.50 42.70 -18.34
C ASP K 54 -5.83 41.74 -17.37
N LEU K 55 -4.49 41.80 -17.33
CA LEU K 55 -3.73 40.82 -16.56
C LEU K 55 -4.03 40.93 -15.06
N SER K 56 -4.32 39.80 -14.44
CA SER K 56 -4.55 39.70 -13.01
C SER K 56 -3.96 38.39 -12.52
N PHE K 57 -3.98 38.16 -11.21
CA PHE K 57 -3.42 36.93 -10.66
C PHE K 57 -4.22 36.52 -9.43
N SER K 58 -4.00 35.28 -9.01
CA SER K 58 -4.75 34.65 -7.94
C SER K 58 -4.00 34.74 -6.61
N LYS K 59 -4.49 33.99 -5.62
CA LYS K 59 -3.91 34.03 -4.29
C LYS K 59 -2.48 33.48 -4.29
N ASP K 60 -2.21 32.47 -5.11
CA ASP K 60 -0.88 31.87 -5.18
C ASP K 60 0.04 32.60 -6.16
N TRP K 61 -0.33 33.80 -6.58
CA TRP K 61 0.42 34.71 -7.45
C TRP K 61 0.40 34.31 -8.92
N SER K 62 -0.21 33.17 -9.27
CA SER K 62 -0.26 32.76 -10.67
C SER K 62 -1.28 33.61 -11.43
N PHE K 63 -0.95 33.91 -12.68
CA PHE K 63 -1.76 34.82 -13.50
C PHE K 63 -2.92 34.08 -14.18
N TYR K 64 -3.83 34.86 -14.74
CA TYR K 64 -4.91 34.32 -15.55
C TYR K 64 -5.37 35.35 -16.57
N LEU K 65 -5.73 34.88 -17.75
CA LEU K 65 -6.21 35.74 -18.84
C LEU K 65 -7.34 35.05 -19.57
N LEU K 66 -8.29 35.85 -20.06
CA LEU K 66 -9.40 35.37 -20.86
C LEU K 66 -9.27 35.94 -22.27
N TYR K 67 -8.99 35.08 -23.24
CA TYR K 67 -8.99 35.45 -24.65
C TYR K 67 -10.34 35.04 -25.25
N TYR K 68 -10.97 35.96 -25.97
CA TYR K 68 -12.30 35.70 -26.52
C TYR K 68 -12.44 36.35 -27.88
N THR K 69 -13.34 35.78 -28.69
CA THR K 69 -13.68 36.30 -29.99
C THR K 69 -15.13 35.95 -30.29
N GLU K 70 -15.78 36.82 -31.06
CA GLU K 70 -17.11 36.51 -31.55
C GLU K 70 -17.02 35.49 -32.68
N PHE K 71 -17.95 34.56 -32.71
CA PHE K 71 -17.94 33.55 -33.76
C PHE K 71 -19.34 32.97 -33.91
N THR K 72 -19.51 32.18 -34.97
CA THR K 72 -20.76 31.48 -35.24
C THR K 72 -20.44 30.00 -35.43
N PRO K 73 -20.76 29.14 -34.46
CA PRO K 73 -20.43 27.72 -34.61
C PRO K 73 -21.23 27.09 -35.74
N THR K 74 -20.58 26.19 -36.48
CA THR K 74 -21.21 25.41 -37.53
C THR K 74 -20.94 23.93 -37.27
N GLU K 75 -21.58 23.09 -38.08
CA GLU K 75 -21.43 21.64 -37.92
C GLU K 75 -20.04 21.16 -38.28
N LYS K 76 -19.29 21.91 -39.10
CA LYS K 76 -18.05 21.41 -39.69
C LYS K 76 -16.82 22.26 -39.40
N ASP K 77 -16.97 23.45 -38.82
CA ASP K 77 -15.82 24.27 -38.49
C ASP K 77 -15.22 23.85 -37.16
N GLU K 78 -13.91 23.64 -37.14
CA GLU K 78 -13.20 23.20 -35.94
C GLU K 78 -12.45 24.38 -35.34
N TYR K 79 -12.70 24.66 -34.07
CA TYR K 79 -12.07 25.76 -33.36
C TYR K 79 -11.16 25.22 -32.27
N ALA K 80 -10.03 25.90 -32.06
CA ALA K 80 -9.04 25.47 -31.08
C ALA K 80 -8.32 26.67 -30.52
N CYS K 81 -7.61 26.44 -29.41
CA CYS K 81 -6.80 27.45 -28.75
C CYS K 81 -5.35 26.98 -28.73
N ARG K 82 -4.44 27.86 -29.12
CA ARG K 82 -3.01 27.57 -29.15
C ARG K 82 -2.31 28.43 -28.10
N VAL K 83 -1.62 27.79 -27.17
CA VAL K 83 -0.96 28.47 -26.07
C VAL K 83 0.52 28.07 -26.06
N ASN K 84 1.39 29.07 -26.02
CA ASN K 84 2.83 28.84 -25.84
C ASN K 84 3.32 29.60 -24.63
N HIS K 85 4.17 28.95 -23.83
CA HIS K 85 4.65 29.50 -22.59
C HIS K 85 6.07 28.98 -22.37
N VAL K 86 6.81 29.64 -21.47
CA VAL K 86 8.17 29.18 -21.18
C VAL K 86 8.14 27.78 -20.57
N THR K 87 7.02 27.41 -19.96
CA THR K 87 6.85 26.10 -19.35
C THR K 87 6.35 25.05 -20.33
N LEU K 88 6.33 25.36 -21.62
CA LEU K 88 5.84 24.42 -22.63
C LEU K 88 6.97 24.18 -23.64
N SER K 89 7.46 22.93 -23.67
CA SER K 89 8.49 22.56 -24.62
C SER K 89 8.04 22.73 -26.07
N GLN K 90 6.73 22.81 -26.29
CA GLN K 90 6.14 23.06 -27.60
C GLN K 90 4.77 23.68 -27.38
N PRO K 91 4.26 24.46 -28.33
CA PRO K 91 2.95 25.08 -28.13
C PRO K 91 1.85 24.04 -27.96
N LYS K 92 0.98 24.26 -26.99
CA LYS K 92 -0.10 23.34 -26.65
C LYS K 92 -1.38 23.78 -27.35
N ILE K 93 -2.07 22.83 -27.98
CA ILE K 93 -3.30 23.10 -28.71
C ILE K 93 -4.43 22.35 -28.02
N VAL K 94 -5.51 23.07 -27.69
CA VAL K 94 -6.70 22.50 -27.10
C VAL K 94 -7.88 22.80 -28.02
N LYS K 95 -8.53 21.76 -28.52
CA LYS K 95 -9.66 21.94 -29.41
C LYS K 95 -10.91 22.26 -28.62
N TRP K 96 -11.84 22.98 -29.26
CA TRP K 96 -13.10 23.32 -28.62
C TRP K 96 -14.05 22.13 -28.69
N ASP K 97 -14.65 21.80 -27.54
CA ASP K 97 -15.70 20.80 -27.44
C ASP K 97 -16.94 21.48 -26.87
N ARG K 98 -18.03 21.49 -27.65
CA ARG K 98 -19.25 22.14 -27.18
C ARG K 98 -19.89 21.39 -26.02
N ASP K 99 -19.48 20.15 -25.75
CA ASP K 99 -19.93 19.42 -24.59
C ASP K 99 -19.13 19.74 -23.34
N MET K 100 -18.08 20.55 -23.45
CA MET K 100 -17.23 20.89 -22.31
C MET K 100 -16.94 22.38 -22.25
N ARG L 1 -9.86 53.57 -4.11
CA ARG L 1 -8.78 54.17 -4.87
C ARG L 1 -7.43 53.56 -4.49
N LEU L 2 -6.41 53.85 -5.28
CA LEU L 2 -5.07 53.35 -5.00
C LEU L 2 -4.45 54.09 -3.82
N PRO L 3 -3.52 53.46 -3.11
CA PRO L 3 -2.65 54.24 -2.21
C PRO L 3 -1.78 55.17 -3.02
N ALA L 4 -1.55 56.37 -2.48
CA ALA L 4 -0.79 57.36 -3.24
C ALA L 4 0.67 56.96 -3.40
N LYS L 5 1.25 56.28 -2.42
CA LYS L 5 2.66 55.92 -2.45
C LYS L 5 2.82 54.46 -2.07
N ALA L 6 3.34 53.66 -3.00
CA ALA L 6 3.66 52.27 -2.72
C ALA L 6 4.90 52.19 -1.83
N PRO L 7 5.03 51.13 -1.03
CA PRO L 7 6.17 51.00 -0.13
C PRO L 7 7.46 50.67 -0.87
N LEU L 8 8.57 51.12 -0.29
CA LEU L 8 9.91 50.77 -0.77
C LEU L 8 10.39 49.51 -0.07
N LEU L 9 10.79 48.52 -0.85
CA LEU L 9 11.30 47.27 -0.30
C LEU L 9 12.80 47.34 -0.09
#